data_6XXD
#
_entry.id   6XXD
#
_entity_poly.entity_id   1
_entity_poly.type   'polypeptide(L)'
_entity_poly.pdbx_seq_one_letter_code
;FTLIELLIVIAIIAILAAVLIPNLLAARKRANDTVVTAYLNDAVKFQEMYQIDNNSYTSNQAALISLGLKSTPANVTFSI
VSASANSYCMIAGHSGGTVWFAATPDKGVYKTNTAVTSSQPESCP
;
_entity_poly.pdbx_strand_id   A,B,C,D,E,F,G,H,I,J,K,L,M,N,O,P
#
# COMPACT_ATOMS: atom_id res chain seq x y z
N PHE A 1 31.42 -29.61 -16.40
CA PHE A 1 30.46 -29.56 -15.25
C PHE A 1 30.86 -30.59 -14.19
N THR A 2 31.58 -30.12 -13.17
CA THR A 2 32.10 -30.97 -12.11
C THR A 2 31.06 -31.25 -11.03
N LEU A 3 31.38 -32.18 -10.13
CA LEU A 3 30.57 -32.45 -8.94
C LEU A 3 30.73 -31.33 -7.91
N ILE A 4 31.96 -30.83 -7.75
CA ILE A 4 32.23 -29.70 -6.86
C ILE A 4 31.50 -28.40 -7.26
N GLU A 5 31.35 -28.16 -8.56
CA GLU A 5 30.59 -27.02 -9.07
C GLU A 5 29.09 -27.18 -8.80
N LEU A 6 28.60 -28.41 -8.82
CA LEU A 6 27.22 -28.73 -8.43
C LEU A 6 27.04 -28.67 -6.91
N LEU A 7 28.05 -29.15 -6.18
CA LEU A 7 28.02 -29.22 -4.71
C LEU A 7 28.00 -27.84 -4.05
N ILE A 8 28.80 -26.91 -4.56
CA ILE A 8 28.79 -25.52 -4.07
C ILE A 8 27.47 -24.80 -4.41
N VAL A 9 26.88 -25.10 -5.55
CA VAL A 9 25.55 -24.56 -5.93
C VAL A 9 24.47 -25.05 -4.97
N ILE A 10 24.54 -26.32 -4.56
CA ILE A 10 23.64 -26.87 -3.54
C ILE A 10 23.85 -26.17 -2.18
N ALA A 11 25.10 -25.87 -1.85
CA ALA A 11 25.44 -25.16 -0.60
C ALA A 11 24.90 -23.74 -0.56
N ILE A 12 24.97 -23.02 -1.68
CA ILE A 12 24.48 -21.64 -1.76
C ILE A 12 22.94 -21.57 -1.73
N ILE A 13 22.27 -22.54 -2.35
CA ILE A 13 20.80 -22.64 -2.30
C ILE A 13 20.30 -22.79 -0.86
N ALA A 14 21.01 -23.57 -0.05
CA ALA A 14 20.69 -23.73 1.38
C ALA A 14 20.83 -22.42 2.16
N ILE A 15 21.84 -21.61 1.81
CA ILE A 15 22.07 -20.30 2.43
C ILE A 15 21.00 -19.30 2.01
N LEU A 16 20.75 -19.20 0.70
CA LEU A 16 19.74 -18.28 0.15
C LEU A 16 18.31 -18.62 0.59
N ALA A 17 18.01 -19.91 0.74
CA ALA A 17 16.68 -20.37 1.20
C ALA A 17 16.39 -20.00 2.67
N ALA A 18 17.44 -19.84 3.47
CA ALA A 18 17.30 -19.43 4.87
C ALA A 18 17.13 -17.92 5.01
N VAL A 19 18.06 -17.16 4.44
CA VAL A 19 18.12 -15.70 4.66
C VAL A 19 17.06 -14.88 3.91
N LEU A 20 16.75 -15.27 2.67
CA LEU A 20 15.84 -14.47 1.82
C LEU A 20 14.36 -14.64 2.17
N ILE A 21 14.00 -15.73 2.83
CA ILE A 21 12.62 -15.97 3.28
C ILE A 21 12.37 -15.06 4.49
N PRO A 22 11.43 -14.11 4.39
CA PRO A 22 11.21 -13.15 5.48
C PRO A 22 10.39 -13.71 6.64
N ASN A 23 10.32 -12.95 7.73
CA ASN A 23 9.50 -13.31 8.89
C ASN A 23 8.03 -13.08 8.53
N LEU A 24 7.30 -14.18 8.30
CA LEU A 24 5.90 -14.11 7.89
C LEU A 24 4.98 -13.77 9.05
N LEU A 25 5.17 -14.42 10.20
CA LEU A 25 4.32 -14.23 11.38
C LEU A 25 4.29 -12.79 11.86
N ALA A 26 5.44 -12.15 11.88
CA ALA A 26 5.56 -10.74 12.31
C ALA A 26 4.88 -9.80 11.31
N ALA A 27 5.04 -10.06 10.01
CA ALA A 27 4.40 -9.27 8.96
C ALA A 27 2.88 -9.27 9.03
N ARG A 28 2.30 -10.42 9.36
CA ARG A 28 0.84 -10.56 9.49
C ARG A 28 0.27 -9.86 10.73
N LYS A 29 1.01 -9.86 11.84
CA LYS A 29 0.59 -9.19 13.08
C LYS A 29 0.17 -7.73 12.87
N ARG A 30 0.95 -6.98 12.09
CA ARG A 30 0.69 -5.57 11.83
C ARG A 30 -0.48 -5.38 10.86
N ALA A 31 -0.61 -6.30 9.89
CA ALA A 31 -1.77 -6.32 9.00
C ALA A 31 -3.04 -6.67 9.76
N ASN A 32 -2.94 -7.58 10.73
CA ASN A 32 -4.05 -7.94 11.61
C ASN A 32 -4.49 -6.77 12.51
N ASP A 33 -3.54 -5.94 12.94
CA ASP A 33 -3.85 -4.73 13.70
C ASP A 33 -4.61 -3.71 12.86
N THR A 34 -4.27 -3.61 11.58
CA THR A 34 -4.97 -2.74 10.63
C THR A 34 -6.43 -3.15 10.43
N VAL A 35 -6.69 -4.46 10.44
CA VAL A 35 -8.06 -5.00 10.34
C VAL A 35 -8.88 -4.64 11.57
N VAL A 36 -8.27 -4.74 12.76
CA VAL A 36 -8.92 -4.40 14.02
C VAL A 36 -9.15 -2.88 14.13
N THR A 37 -8.13 -2.11 13.76
CA THR A 37 -8.23 -0.64 13.76
C THR A 37 -9.26 -0.13 12.76
N ALA A 38 -9.30 -0.75 11.57
CA ALA A 38 -10.28 -0.39 10.54
C ALA A 38 -11.71 -0.72 10.96
N TYR A 39 -11.92 -1.89 11.54
CA TYR A 39 -13.25 -2.31 11.99
C TYR A 39 -13.77 -1.47 13.16
N LEU A 40 -12.88 -1.10 14.08
CA LEU A 40 -13.22 -0.16 15.16
C LEU A 40 -13.48 1.25 14.64
N ASN A 41 -12.69 1.68 13.64
CA ASN A 41 -12.91 2.96 12.98
C ASN A 41 -14.25 3.00 12.25
N ASP A 42 -14.63 1.87 11.64
CA ASP A 42 -15.96 1.71 11.04
C ASP A 42 -17.05 1.64 12.11
N ALA A 43 -16.77 0.92 13.20
CA ALA A 43 -17.71 0.79 14.32
C ALA A 43 -18.05 2.14 14.97
N VAL A 44 -17.06 3.02 15.06
CA VAL A 44 -17.25 4.38 15.59
C VAL A 44 -18.19 5.21 14.69
N LYS A 45 -18.09 5.02 13.37
CA LYS A 45 -18.96 5.73 12.42
C LYS A 45 -20.42 5.33 12.55
N PHE A 46 -20.69 4.03 12.57
CA PHE A 46 -22.06 3.53 12.71
C PHE A 46 -22.65 3.70 14.12
N GLN A 47 -21.80 3.94 15.12
CA GLN A 47 -22.26 4.38 16.44
C GLN A 47 -22.82 5.81 16.39
N GLU A 48 -22.14 6.69 15.63
CA GLU A 48 -22.61 8.05 15.40
C GLU A 48 -23.88 8.11 14.54
N MET A 49 -24.02 7.16 13.61
CA MET A 49 -25.23 7.06 12.79
C MET A 49 -26.45 6.59 13.59
N TYR A 50 -26.23 5.71 14.56
CA TYR A 50 -27.28 5.28 15.49
C TYR A 50 -27.65 6.41 16.47
N GLN A 51 -26.67 7.24 16.81
CA GLN A 51 -26.89 8.43 17.65
C GLN A 51 -27.79 9.47 16.95
N ILE A 52 -27.71 9.55 15.62
CA ILE A 52 -28.59 10.42 14.83
C ILE A 52 -30.04 9.92 14.88
N ASP A 53 -30.23 8.60 14.77
CA ASP A 53 -31.56 8.00 14.75
C ASP A 53 -32.20 7.95 16.12
N ASN A 54 -31.55 7.26 17.05
CA ASN A 54 -32.14 6.92 18.36
C ASN A 54 -31.76 7.84 19.53
N ASN A 55 -30.79 8.74 19.32
CA ASN A 55 -30.26 9.62 20.39
C ASN A 55 -29.63 8.81 21.55
N SER A 56 -28.88 7.78 21.19
CA SER A 56 -28.18 6.92 22.16
C SER A 56 -27.11 6.10 21.45
N TYR A 57 -26.35 5.32 22.23
CA TYR A 57 -25.35 4.38 21.69
C TYR A 57 -25.77 2.93 21.92
N THR A 58 -25.34 2.06 21.02
CA THR A 58 -25.77 0.66 21.00
C THR A 58 -24.92 -0.22 21.91
N SER A 59 -25.59 -1.05 22.71
CA SER A 59 -24.94 -2.10 23.49
C SER A 59 -24.70 -3.33 22.60
N ASN A 60 -25.73 -3.72 21.83
CA ASN A 60 -25.65 -4.88 20.94
C ASN A 60 -24.99 -4.54 19.59
N GLN A 61 -24.35 -5.54 18.99
CA GLN A 61 -23.68 -5.39 17.69
C GLN A 61 -24.67 -5.42 16.53
N ALA A 62 -25.73 -6.22 16.65
CA ALA A 62 -26.75 -6.36 15.60
C ALA A 62 -27.42 -5.04 15.18
N ALA A 63 -27.53 -4.10 16.12
CA ALA A 63 -28.04 -2.75 15.83
C ALA A 63 -27.11 -1.99 14.88
N LEU A 64 -25.80 -2.09 15.10
CA LEU A 64 -24.81 -1.46 14.23
C LEU A 64 -24.74 -2.11 12.84
N ILE A 65 -24.92 -3.43 12.80
CA ILE A 65 -24.90 -4.19 11.53
C ILE A 65 -26.14 -3.87 10.67
N SER A 66 -27.29 -3.68 11.32
CA SER A 66 -28.53 -3.32 10.63
C SER A 66 -28.45 -1.97 9.91
N LEU A 67 -27.75 -1.01 10.51
CA LEU A 67 -27.53 0.31 9.89
C LEU A 67 -26.65 0.27 8.65
N GLY A 68 -25.69 -0.67 8.60
CA GLY A 68 -24.76 -0.78 7.47
C GLY A 68 -23.40 -1.42 7.73
N LEU A 69 -22.95 -1.45 8.99
CA LEU A 69 -21.67 -2.06 9.36
C LEU A 69 -21.59 -3.53 8.92
N LYS A 70 -20.38 -3.96 8.56
CA LYS A 70 -20.14 -5.34 8.12
C LYS A 70 -20.16 -6.31 9.29
N SER A 71 -20.21 -7.60 9.00
CA SER A 71 -20.09 -8.65 10.01
C SER A 71 -18.68 -8.66 10.60
N THR A 72 -18.53 -9.26 11.77
CA THR A 72 -17.22 -9.33 12.46
C THR A 72 -16.20 -10.04 11.57
N PRO A 73 -14.97 -9.49 11.43
CA PRO A 73 -13.99 -10.14 10.54
C PRO A 73 -13.49 -11.49 11.05
N ALA A 74 -12.85 -12.23 10.16
CA ALA A 74 -12.33 -13.57 10.48
C ALA A 74 -11.20 -13.48 11.50
N ASN A 75 -11.29 -14.30 12.54
CA ASN A 75 -10.33 -14.33 13.65
C ASN A 75 -10.23 -12.98 14.39
N VAL A 76 -11.37 -12.34 14.60
CA VAL A 76 -11.48 -11.08 15.35
C VAL A 76 -12.60 -11.20 16.37
N THR A 77 -12.32 -10.75 17.60
CA THR A 77 -13.27 -10.83 18.71
C THR A 77 -13.75 -9.43 19.10
N PHE A 78 -14.68 -8.90 18.32
CA PHE A 78 -15.33 -7.62 18.60
C PHE A 78 -16.34 -7.80 19.73
N SER A 79 -16.38 -6.84 20.65
CA SER A 79 -17.25 -6.91 21.83
C SER A 79 -17.43 -5.53 22.47
N ILE A 80 -18.66 -5.02 22.44
CA ILE A 80 -18.99 -3.73 23.04
C ILE A 80 -19.16 -3.95 24.55
N VAL A 81 -18.38 -3.22 25.34
CA VAL A 81 -18.39 -3.35 26.80
C VAL A 81 -19.67 -2.72 27.36
N SER A 82 -19.86 -1.44 27.08
CA SER A 82 -21.02 -0.69 27.55
C SER A 82 -21.31 0.50 26.65
N ALA A 83 -22.54 0.99 26.71
CA ALA A 83 -22.97 2.11 25.87
C ALA A 83 -24.12 2.87 26.53
N SER A 84 -23.78 3.94 27.25
CA SER A 84 -24.76 4.85 27.83
C SER A 84 -25.31 5.79 26.76
N ALA A 85 -26.22 6.68 27.16
CA ALA A 85 -26.83 7.64 26.24
C ALA A 85 -25.81 8.55 25.54
N ASN A 86 -24.79 8.98 26.27
CA ASN A 86 -23.79 9.93 25.77
C ASN A 86 -22.34 9.41 25.83
N SER A 87 -22.16 8.09 25.79
CA SER A 87 -20.81 7.48 25.75
C SER A 87 -20.84 6.03 25.29
N TYR A 88 -19.65 5.48 25.02
CA TYR A 88 -19.50 4.07 24.67
C TYR A 88 -18.07 3.56 24.90
N CYS A 89 -17.93 2.23 24.96
CA CYS A 89 -16.64 1.56 25.11
C CYS A 89 -16.67 0.25 24.32
N MET A 90 -15.79 0.12 23.33
CA MET A 90 -15.75 -1.03 22.43
C MET A 90 -14.33 -1.59 22.36
N ILE A 91 -14.14 -2.78 22.93
CA ILE A 91 -12.87 -3.51 22.86
C ILE A 91 -12.92 -4.47 21.68
N ALA A 92 -11.79 -4.59 20.96
CA ALA A 92 -11.66 -5.54 19.85
C ALA A 92 -10.19 -5.90 19.63
N GLY A 93 -9.96 -7.11 19.12
CA GLY A 93 -8.62 -7.62 18.88
C GLY A 93 -8.58 -8.85 18.00
N HIS A 94 -7.46 -9.03 17.31
CA HIS A 94 -7.22 -10.18 16.44
C HIS A 94 -6.54 -11.27 17.26
N SER A 95 -6.77 -12.53 16.91
CA SER A 95 -6.21 -13.67 17.65
C SER A 95 -4.67 -13.72 17.53
N GLY A 96 -4.18 -13.54 16.31
CA GLY A 96 -2.74 -13.41 16.04
C GLY A 96 -2.33 -11.97 15.75
N GLY A 97 -2.74 -11.05 16.62
CA GLY A 97 -2.35 -9.64 16.54
C GLY A 97 -1.25 -9.33 17.54
N THR A 98 -1.20 -8.05 17.96
CA THR A 98 -0.23 -7.59 18.95
C THR A 98 -0.89 -7.35 20.30
N VAL A 99 -1.87 -6.44 20.32
CA VAL A 99 -2.60 -6.08 21.54
C VAL A 99 -4.07 -5.79 21.24
N TRP A 100 -4.87 -5.70 22.30
CA TRP A 100 -6.29 -5.32 22.18
C TRP A 100 -6.41 -3.83 21.88
N PHE A 101 -7.43 -3.47 21.10
CA PHE A 101 -7.70 -2.09 20.73
C PHE A 101 -9.04 -1.64 21.32
N ALA A 102 -9.02 -0.53 22.06
CA ALA A 102 -10.23 0.08 22.61
C ALA A 102 -10.79 1.10 21.63
N ALA A 103 -11.99 1.60 21.92
CA ALA A 103 -12.65 2.59 21.08
C ALA A 103 -13.73 3.36 21.85
N THR A 104 -13.40 4.57 22.28
CA THR A 104 -14.31 5.47 22.99
C THR A 104 -14.46 6.77 22.19
N PRO A 105 -15.51 7.57 22.49
CA PRO A 105 -15.68 8.82 21.72
C PRO A 105 -14.64 9.90 22.02
N ASP A 106 -14.28 10.06 23.30
CA ASP A 106 -13.31 11.10 23.71
C ASP A 106 -11.86 10.82 23.28
N LYS A 107 -11.43 9.55 23.41
CA LYS A 107 -10.05 9.16 23.07
C LYS A 107 -9.90 8.59 21.65
N GLY A 108 -11.02 8.29 20.99
CA GLY A 108 -10.99 7.68 19.66
C GLY A 108 -10.62 6.21 19.73
N VAL A 109 -10.10 5.67 18.63
CA VAL A 109 -9.63 4.30 18.57
C VAL A 109 -8.14 4.28 18.94
N TYR A 110 -7.81 3.58 20.03
CA TYR A 110 -6.42 3.47 20.51
C TYR A 110 -6.13 2.04 20.98
N LYS A 111 -4.85 1.75 21.20
CA LYS A 111 -4.39 0.42 21.61
C LYS A 111 -3.99 0.41 23.09
N THR A 112 -4.32 -0.69 23.78
CA THR A 112 -4.05 -0.84 25.21
C THR A 112 -2.83 -1.74 25.46
N ASN A 113 -2.41 -1.81 26.71
CA ASN A 113 -1.25 -2.60 27.12
C ASN A 113 -1.52 -4.11 27.16
N THR A 114 -2.79 -4.51 27.23
CA THR A 114 -3.18 -5.92 27.33
C THR A 114 -2.88 -6.66 26.01
N ALA A 115 -2.27 -7.84 26.11
CA ALA A 115 -1.89 -8.65 24.96
C ALA A 115 -3.05 -9.51 24.47
N VAL A 116 -3.00 -9.86 23.19
CA VAL A 116 -4.04 -10.71 22.57
C VAL A 116 -4.01 -12.16 23.08
N THR A 117 -2.84 -12.63 23.50
CA THR A 117 -2.72 -13.93 24.17
C THR A 117 -3.42 -13.93 25.53
N SER A 118 -3.33 -12.81 26.25
CA SER A 118 -4.06 -12.63 27.51
C SER A 118 -5.55 -12.40 27.27
N SER A 119 -6.34 -12.45 28.35
CA SER A 119 -7.79 -12.33 28.27
C SER A 119 -8.25 -10.93 27.88
N GLN A 120 -9.51 -10.82 27.47
CA GLN A 120 -10.09 -9.55 27.00
C GLN A 120 -10.21 -8.55 28.15
N PRO A 121 -9.83 -7.28 27.91
CA PRO A 121 -10.06 -6.22 28.91
C PRO A 121 -11.53 -6.03 29.27
N GLU A 122 -11.82 -5.92 30.56
CA GLU A 122 -13.20 -5.74 31.05
C GLU A 122 -13.75 -4.37 30.69
N SER A 123 -12.93 -3.34 30.89
CA SER A 123 -13.27 -1.96 30.49
C SER A 123 -12.06 -1.26 29.89
N CYS A 124 -12.33 -0.33 28.98
CA CYS A 124 -11.28 0.42 28.28
C CYS A 124 -10.58 1.40 29.23
N PRO A 125 -9.27 1.68 29.01
CA PRO A 125 -8.56 2.67 29.86
C PRO A 125 -9.07 4.10 29.72
N PHE B 1 -8.80 15.62 7.25
CA PHE B 1 -10.29 15.71 7.15
C PHE B 1 -10.87 14.29 6.95
N THR B 2 -11.32 13.68 8.05
CA THR B 2 -11.84 12.32 8.04
C THR B 2 -13.31 12.28 7.63
N LEU B 3 -13.81 11.07 7.39
CA LEU B 3 -15.24 10.83 7.15
C LEU B 3 -16.04 10.96 8.44
N ILE B 4 -15.48 10.46 9.55
CA ILE B 4 -16.10 10.60 10.88
C ILE B 4 -16.26 12.05 11.34
N GLU B 5 -15.29 12.90 11.00
CA GLU B 5 -15.37 14.34 11.29
C GLU B 5 -16.45 15.02 10.45
N LEU B 6 -16.65 14.55 9.21
CA LEU B 6 -17.76 15.01 8.37
C LEU B 6 -19.10 14.44 8.84
N LEU B 7 -19.08 13.18 9.26
CA LEU B 7 -20.30 12.47 9.70
C LEU B 7 -20.92 13.05 10.97
N ILE B 8 -20.08 13.39 11.94
CA ILE B 8 -20.55 14.05 13.17
C ILE B 8 -21.07 15.47 12.91
N VAL B 9 -20.47 16.18 11.95
CA VAL B 9 -20.95 17.51 11.53
C VAL B 9 -22.34 17.41 10.89
N ILE B 10 -22.57 16.36 10.11
CA ILE B 10 -23.90 16.08 9.53
C ILE B 10 -24.92 15.77 10.64
N ALA B 11 -24.47 15.04 11.66
CA ALA B 11 -25.32 14.71 12.81
C ALA B 11 -25.74 15.92 13.63
N ILE B 12 -24.81 16.86 13.85
CA ILE B 12 -25.10 18.08 14.61
C ILE B 12 -26.02 19.05 13.84
N ILE B 13 -25.86 19.12 12.52
CA ILE B 13 -26.74 19.94 11.66
C ILE B 13 -28.20 19.48 11.76
N ALA B 14 -28.41 18.16 11.83
CA ALA B 14 -29.75 17.59 12.03
C ALA B 14 -30.37 17.96 13.38
N ILE B 15 -29.53 18.04 14.42
CA ILE B 15 -29.96 18.43 15.76
C ILE B 15 -30.28 19.93 15.81
N LEU B 16 -29.37 20.75 15.30
CA LEU B 16 -29.55 22.21 15.28
C LEU B 16 -30.72 22.66 14.39
N ALA B 17 -30.95 21.96 13.28
CA ALA B 17 -32.08 22.26 12.39
C ALA B 17 -33.46 21.99 13.01
N ALA B 18 -33.51 21.08 13.99
CA ALA B 18 -34.75 20.76 14.68
C ALA B 18 -35.04 21.76 15.80
N VAL B 19 -34.07 21.94 16.69
CA VAL B 19 -34.27 22.74 17.92
C VAL B 19 -34.31 24.25 17.72
N LEU B 20 -33.46 24.79 16.85
CA LEU B 20 -33.33 26.24 16.67
C LEU B 20 -34.47 26.88 15.86
N ILE B 21 -35.17 26.09 15.05
CA ILE B 21 -36.32 26.57 14.27
C ILE B 21 -37.49 26.73 15.25
N PRO B 22 -38.00 27.97 15.43
CA PRO B 22 -39.05 28.20 16.42
C PRO B 22 -40.45 27.80 15.95
N ASN B 23 -41.41 27.81 16.86
CA ASN B 23 -42.81 27.55 16.53
C ASN B 23 -43.38 28.75 15.80
N LEU B 24 -43.57 28.60 14.48
CA LEU B 24 -44.05 29.69 13.64
C LEU B 24 -45.54 29.93 13.80
N LEU B 25 -46.34 28.85 13.79
CA LEU B 25 -47.80 28.95 13.87
C LEU B 25 -48.27 29.66 15.13
N ALA B 26 -47.65 29.36 16.27
CA ALA B 26 -47.99 29.99 17.54
C ALA B 26 -47.62 31.47 17.57
N ALA B 27 -46.46 31.81 17.01
CA ALA B 27 -46.00 33.20 16.92
C ALA B 27 -46.94 34.10 16.11
N ARG B 28 -47.50 33.56 15.03
CA ARG B 28 -48.43 34.31 14.18
C ARG B 28 -49.81 34.52 14.83
N LYS B 29 -50.28 33.55 15.61
CA LYS B 29 -51.57 33.65 16.32
C LYS B 29 -51.72 34.93 17.14
N ARG B 30 -50.66 35.30 17.86
CA ARG B 30 -50.66 36.49 18.73
C ARG B 30 -50.54 37.78 17.91
N ALA B 31 -49.79 37.72 16.82
CA ALA B 31 -49.73 38.82 15.86
C ALA B 31 -51.08 39.04 15.15
N ASN B 32 -51.76 37.93 14.84
CA ASN B 32 -53.11 37.97 14.27
C ASN B 32 -54.15 38.57 15.22
N ASP B 33 -53.99 38.31 16.53
CA ASP B 33 -54.84 38.92 17.55
C ASP B 33 -54.64 40.43 17.64
N THR B 34 -53.41 40.88 17.47
CA THR B 34 -53.07 42.30 17.44
C THR B 34 -53.74 43.02 16.26
N VAL B 35 -53.84 42.35 15.11
CA VAL B 35 -54.53 42.89 13.93
C VAL B 35 -56.03 43.04 14.18
N VAL B 36 -56.62 42.04 14.84
CA VAL B 36 -58.05 42.07 15.18
C VAL B 36 -58.34 43.13 16.25
N THR B 37 -57.49 43.17 17.27
CA THR B 37 -57.61 44.16 18.35
C THR B 37 -57.41 45.59 17.85
N ALA B 38 -56.44 45.77 16.94
CA ALA B 38 -56.18 47.09 16.34
C ALA B 38 -57.33 47.57 15.46
N TYR B 39 -57.88 46.67 14.64
CA TYR B 39 -59.00 47.00 13.74
C TYR B 39 -60.28 47.31 14.51
N LEU B 40 -60.53 46.57 15.59
CA LEU B 40 -61.66 46.86 16.49
C LEU B 40 -61.44 48.16 17.27
N ASN B 41 -60.20 48.42 17.68
CA ASN B 41 -59.84 49.69 18.33
C ASN B 41 -60.03 50.88 17.37
N ASP B 42 -59.69 50.69 16.10
CA ASP B 42 -59.97 51.67 15.05
C ASP B 42 -61.47 51.79 14.76
N ALA B 43 -62.16 50.64 14.73
CA ALA B 43 -63.61 50.61 14.51
C ALA B 43 -64.40 51.37 15.59
N VAL B 44 -63.94 51.29 16.84
CA VAL B 44 -64.54 52.03 17.95
C VAL B 44 -64.39 53.55 17.77
N LYS B 45 -63.25 53.99 17.24
CA LYS B 45 -63.00 55.42 17.00
C LYS B 45 -63.94 56.00 15.94
N PHE B 46 -64.06 55.32 14.79
CA PHE B 46 -64.94 55.76 13.71
C PHE B 46 -66.44 55.58 14.01
N GLN B 47 -66.77 54.74 14.99
CA GLN B 47 -68.14 54.69 15.53
C GLN B 47 -68.47 55.97 16.31
N GLU B 48 -67.51 56.45 17.09
CA GLU B 48 -67.66 57.73 17.82
C GLU B 48 -67.68 58.95 16.88
N MET B 49 -66.97 58.86 15.76
CA MET B 49 -67.00 59.92 14.74
C MET B 49 -68.33 59.99 14.00
N TYR B 50 -68.95 58.83 13.76
CA TYR B 50 -70.30 58.77 13.19
C TYR B 50 -71.36 59.26 14.18
N GLN B 51 -71.12 59.03 15.48
CA GLN B 51 -71.97 59.53 16.55
C GLN B 51 -71.98 61.06 16.63
N ILE B 52 -70.85 61.69 16.28
CA ILE B 52 -70.76 63.15 16.20
C ILE B 52 -71.61 63.70 15.05
N ASP B 53 -71.57 63.03 13.90
CA ASP B 53 -72.29 63.47 12.71
C ASP B 53 -73.79 63.18 12.78
N ASN B 54 -74.13 61.90 12.93
CA ASN B 54 -75.52 61.43 12.79
C ASN B 54 -76.30 61.25 14.10
N ASN B 55 -75.61 61.32 15.25
CA ASN B 55 -76.21 61.05 16.57
C ASN B 55 -76.76 59.62 16.68
N SER B 56 -75.98 58.67 16.18
CA SER B 56 -76.33 57.24 16.23
C SER B 56 -75.09 56.38 15.93
N TYR B 57 -75.26 55.06 16.01
CA TYR B 57 -74.20 54.11 15.65
C TYR B 57 -74.56 53.33 14.39
N THR B 58 -73.54 52.93 13.64
CA THR B 58 -73.71 52.32 12.33
C THR B 58 -73.93 50.81 12.42
N SER B 59 -74.92 50.32 11.69
CA SER B 59 -75.12 48.88 11.50
C SER B 59 -74.22 48.37 10.39
N ASN B 60 -74.17 49.11 9.27
CA ASN B 60 -73.33 48.74 8.11
C ASN B 60 -71.88 49.18 8.26
N GLN B 61 -70.97 48.44 7.64
CA GLN B 61 -69.53 48.73 7.68
C GLN B 61 -69.15 49.86 6.72
N ALA B 62 -69.82 49.95 5.58
CA ALA B 62 -69.56 50.98 4.55
C ALA B 62 -69.67 52.42 5.07
N ALA B 63 -70.53 52.64 6.05
CA ALA B 63 -70.64 53.94 6.72
C ALA B 63 -69.37 54.32 7.48
N LEU B 64 -68.79 53.35 8.18
CA LEU B 64 -67.52 53.56 8.91
C LEU B 64 -66.34 53.75 7.96
N ILE B 65 -66.34 53.04 6.83
CA ILE B 65 -65.27 53.14 5.84
C ILE B 65 -65.31 54.49 5.12
N SER B 66 -66.51 55.02 4.87
CA SER B 66 -66.68 56.33 4.24
C SER B 66 -66.11 57.48 5.07
N LEU B 67 -66.23 57.39 6.40
CA LEU B 67 -65.66 58.37 7.32
C LEU B 67 -64.13 58.39 7.34
N GLY B 68 -63.50 57.23 7.12
CA GLY B 68 -62.03 57.12 7.16
C GLY B 68 -61.43 55.76 7.49
N LEU B 69 -62.20 54.89 8.14
CA LEU B 69 -61.73 53.53 8.48
C LEU B 69 -61.26 52.75 7.25
N LYS B 70 -60.25 51.92 7.44
CA LYS B 70 -59.69 51.09 6.37
C LYS B 70 -60.61 49.94 6.02
N SER B 71 -60.33 49.27 4.90
CA SER B 71 -61.04 48.07 4.50
C SER B 71 -60.69 46.92 5.45
N THR B 72 -61.54 45.89 5.48
CA THR B 72 -61.35 44.74 6.36
C THR B 72 -60.01 44.07 6.06
N PRO B 73 -59.21 43.73 7.10
CA PRO B 73 -57.89 43.14 6.83
C PRO B 73 -57.94 41.74 6.24
N ALA B 74 -56.81 41.28 5.71
CA ALA B 74 -56.72 39.97 5.07
C ALA B 74 -56.90 38.86 6.10
N ASN B 75 -57.77 37.90 5.78
CA ASN B 75 -58.11 36.77 6.65
C ASN B 75 -58.72 37.22 8.00
N VAL B 76 -59.58 38.23 7.94
CA VAL B 76 -60.30 38.76 9.11
C VAL B 76 -61.78 38.88 8.76
N THR B 77 -62.63 38.42 9.67
CA THR B 77 -64.09 38.43 9.48
C THR B 77 -64.75 39.43 10.43
N PHE B 78 -64.67 40.70 10.06
CA PHE B 78 -65.33 41.79 10.79
C PHE B 78 -66.83 41.75 10.49
N SER B 79 -67.65 41.96 11.52
CA SER B 79 -69.11 41.90 11.40
C SER B 79 -69.80 42.59 12.58
N ILE B 80 -70.50 43.68 12.30
CA ILE B 80 -71.25 44.41 13.32
C ILE B 80 -72.56 43.68 13.57
N VAL B 81 -72.79 43.29 14.82
CA VAL B 81 -73.98 42.53 15.21
C VAL B 81 -75.21 43.44 15.19
N SER B 82 -75.15 44.51 15.98
CA SER B 82 -76.24 45.48 16.08
C SER B 82 -75.72 46.84 16.54
N ALA B 83 -76.51 47.88 16.27
CA ALA B 83 -76.13 49.25 16.61
C ALA B 83 -77.36 50.12 16.80
N SER B 84 -77.79 50.27 18.06
CA SER B 84 -78.88 51.17 18.42
C SER B 84 -78.37 52.61 18.48
N ALA B 85 -79.26 53.55 18.80
CA ALA B 85 -78.91 54.96 18.90
C ALA B 85 -77.79 55.25 19.92
N ASN B 86 -77.82 54.55 21.05
CA ASN B 86 -76.87 54.78 22.15
C ASN B 86 -76.06 53.53 22.56
N SER B 87 -75.87 52.59 21.63
CA SER B 87 -75.02 51.41 21.87
C SER B 87 -74.59 50.72 20.58
N TYR B 88 -73.67 49.77 20.71
CA TYR B 88 -73.23 48.93 19.59
C TYR B 88 -72.57 47.63 20.05
N CYS B 89 -72.48 46.68 19.13
CA CYS B 89 -71.82 45.39 19.35
C CYS B 89 -71.13 44.94 18.07
N MET B 90 -69.82 44.79 18.11
CA MET B 90 -69.01 44.44 16.94
C MET B 90 -68.10 43.25 17.24
N ILE B 91 -68.40 42.11 16.63
CA ILE B 91 -67.58 40.91 16.73
C ILE B 91 -66.59 40.87 15.56
N ALA B 92 -65.36 40.44 15.84
CA ALA B 92 -64.33 40.28 14.81
C ALA B 92 -63.28 39.26 15.24
N GLY B 93 -62.68 38.58 14.26
CA GLY B 93 -61.69 37.56 14.52
C GLY B 93 -60.89 37.15 13.29
N HIS B 94 -59.67 36.68 13.53
CA HIS B 94 -58.78 36.21 12.47
C HIS B 94 -59.00 34.71 12.29
N SER B 95 -58.79 34.22 11.07
CA SER B 95 -59.01 32.80 10.75
C SER B 95 -58.03 31.89 11.50
N GLY B 96 -56.74 32.28 11.50
CA GLY B 96 -55.71 31.60 12.29
C GLY B 96 -55.30 32.40 13.51
N GLY B 97 -56.29 32.83 14.30
CA GLY B 97 -56.08 33.54 15.55
C GLY B 97 -56.26 32.60 16.73
N THR B 98 -56.64 33.18 17.87
CA THR B 98 -56.90 32.41 19.10
C THR B 98 -58.39 32.33 19.39
N VAL B 99 -59.01 33.50 19.56
CA VAL B 99 -60.44 33.62 19.86
C VAL B 99 -61.06 34.83 19.19
N TRP B 100 -62.40 34.89 19.19
CA TRP B 100 -63.13 36.05 18.68
C TRP B 100 -63.03 37.21 19.65
N PHE B 101 -63.01 38.43 19.11
CA PHE B 101 -62.92 39.66 19.90
C PHE B 101 -64.19 40.47 19.73
N ALA B 102 -64.83 40.82 20.84
CA ALA B 102 -66.00 41.70 20.84
C ALA B 102 -65.58 43.15 20.99
N ALA B 103 -66.53 44.07 20.82
CA ALA B 103 -66.27 45.50 20.94
C ALA B 103 -67.56 46.28 21.20
N THR B 104 -67.77 46.66 22.46
CA THR B 104 -68.93 47.44 22.90
C THR B 104 -68.42 48.75 23.54
N PRO B 105 -69.30 49.76 23.70
CA PRO B 105 -68.83 51.02 24.31
C PRO B 105 -68.52 50.93 25.80
N ASP B 106 -69.37 50.21 26.56
CA ASP B 106 -69.19 50.09 28.02
C ASP B 106 -67.99 49.23 28.43
N LYS B 107 -67.79 48.09 27.75
CA LYS B 107 -66.69 47.16 28.07
C LYS B 107 -65.42 47.38 27.24
N GLY B 108 -65.52 48.18 26.17
CA GLY B 108 -64.40 48.39 25.26
C GLY B 108 -64.17 47.18 24.36
N VAL B 109 -62.95 47.05 23.85
CA VAL B 109 -62.56 45.91 23.03
C VAL B 109 -62.00 44.82 23.94
N TYR B 110 -62.67 43.66 23.97
CA TYR B 110 -62.25 42.51 24.78
C TYR B 110 -62.40 41.21 24.01
N LYS B 111 -61.82 40.14 24.56
CA LYS B 111 -61.84 38.81 23.93
C LYS B 111 -62.81 37.87 24.63
N THR B 112 -63.51 37.05 23.84
CA THR B 112 -64.51 36.12 24.36
C THR B 112 -63.97 34.69 24.41
N ASN B 113 -64.75 33.80 25.02
CA ASN B 113 -64.36 32.39 25.17
C ASN B 113 -64.49 31.56 23.88
N THR B 114 -65.27 32.06 22.91
CA THR B 114 -65.49 31.35 21.65
C THR B 114 -64.22 31.31 20.80
N ALA B 115 -63.90 30.14 20.25
CA ALA B 115 -62.70 29.93 19.44
C ALA B 115 -62.94 30.32 17.98
N VAL B 116 -61.85 30.67 17.30
CA VAL B 116 -61.90 31.06 15.87
C VAL B 116 -62.24 29.89 14.95
N THR B 117 -61.89 28.67 15.37
CA THR B 117 -62.30 27.44 14.67
C THR B 117 -63.81 27.23 14.74
N SER B 118 -64.41 27.55 15.90
CA SER B 118 -65.85 27.52 16.08
C SER B 118 -66.53 28.69 15.36
N SER B 119 -67.86 28.63 15.27
CA SER B 119 -68.64 29.64 14.54
C SER B 119 -68.65 30.99 15.25
N GLN B 120 -69.05 32.02 14.51
CA GLN B 120 -69.07 33.41 15.00
C GLN B 120 -70.13 33.58 16.11
N PRO B 121 -69.76 34.27 17.21
CA PRO B 121 -70.76 34.62 18.24
C PRO B 121 -71.91 35.48 17.71
N GLU B 122 -73.13 35.11 18.07
CA GLU B 122 -74.33 35.83 17.63
C GLU B 122 -74.43 37.22 18.27
N SER B 123 -74.15 37.29 19.57
CA SER B 123 -74.10 38.56 20.30
C SER B 123 -72.93 38.55 21.29
N CYS B 124 -72.39 39.74 21.56
CA CYS B 124 -71.24 39.90 22.47
C CYS B 124 -71.66 39.64 23.93
N PRO B 125 -70.74 39.13 24.77
CA PRO B 125 -71.06 38.93 26.20
C PRO B 125 -71.32 40.23 26.99
N PHE C 1 -6.58 5.00 6.10
CA PHE C 1 -7.09 6.23 5.42
C PHE C 1 -6.89 6.09 3.91
N THR C 2 -7.94 5.66 3.21
CA THR C 2 -7.89 5.42 1.76
C THR C 2 -8.09 6.71 0.96
N LEU C 3 -7.86 6.61 -0.35
CA LEU C 3 -8.15 7.70 -1.28
C LEU C 3 -9.66 7.82 -1.51
N ILE C 4 -10.35 6.68 -1.60
CA ILE C 4 -11.81 6.65 -1.75
C ILE C 4 -12.55 7.27 -0.54
N GLU C 5 -12.02 7.07 0.66
CA GLU C 5 -12.57 7.70 1.87
C GLU C 5 -12.36 9.22 1.86
N LEU C 6 -11.25 9.66 1.29
CA LEU C 6 -11.00 11.10 1.09
C LEU C 6 -11.84 11.65 -0.05
N LEU C 7 -12.00 10.86 -1.12
CA LEU C 7 -12.73 11.28 -2.33
C LEU C 7 -14.22 11.48 -2.07
N ILE C 8 -14.84 10.58 -1.30
CA ILE C 8 -16.25 10.73 -0.91
C ILE C 8 -16.47 11.92 0.03
N VAL C 9 -15.49 12.20 0.90
CA VAL C 9 -15.53 13.38 1.77
C VAL C 9 -15.49 14.68 0.95
N ILE C 10 -14.69 14.70 -0.11
CA ILE C 10 -14.64 15.83 -1.05
C ILE C 10 -15.99 15.98 -1.78
N ALA C 11 -16.60 14.86 -2.14
CA ALA C 11 -17.91 14.85 -2.80
C ALA C 11 -19.04 15.41 -1.92
N ILE C 12 -19.04 15.06 -0.64
CA ILE C 12 -20.06 15.53 0.31
C ILE C 12 -19.89 17.02 0.63
N ILE C 13 -18.65 17.50 0.71
CA ILE C 13 -18.38 18.93 0.93
C ILE C 13 -18.96 19.78 -0.21
N ALA C 14 -18.86 19.30 -1.44
CA ALA C 14 -19.46 19.97 -2.60
C ALA C 14 -20.99 20.04 -2.53
N ILE C 15 -21.61 18.99 -1.99
CA ILE C 15 -23.07 18.93 -1.80
C ILE C 15 -23.51 19.87 -0.67
N LEU C 16 -22.83 19.79 0.47
CA LEU C 16 -23.14 20.62 1.64
C LEU C 16 -22.88 22.12 1.39
N ALA C 17 -21.86 22.44 0.61
CA ALA C 17 -21.54 23.83 0.25
C ALA C 17 -22.59 24.49 -0.65
N ALA C 18 -23.32 23.67 -1.42
CA ALA C 18 -24.39 24.17 -2.29
C ALA C 18 -25.69 24.40 -1.51
N VAL C 19 -26.15 23.36 -0.82
CA VAL C 19 -27.48 23.36 -0.19
C VAL C 19 -27.59 24.21 1.09
N LEU C 20 -26.56 24.19 1.93
CA LEU C 20 -26.60 24.86 3.25
C LEU C 20 -26.44 26.37 3.18
N ILE C 21 -25.83 26.88 2.10
CA ILE C 21 -25.68 28.33 1.89
C ILE C 21 -27.05 28.89 1.49
N PRO C 22 -27.63 29.79 2.30
CA PRO C 22 -28.99 30.28 2.02
C PRO C 22 -29.02 31.36 0.94
N ASN C 23 -30.23 31.72 0.51
CA ASN C 23 -30.44 32.79 -0.45
C ASN C 23 -30.21 34.14 0.26
N LEU C 24 -29.07 34.77 -0.02
CA LEU C 24 -28.69 36.03 0.63
C LEU C 24 -29.47 37.21 0.08
N LEU C 25 -29.58 37.31 -1.24
CA LEU C 25 -30.25 38.44 -1.91
C LEU C 25 -31.69 38.61 -1.47
N ALA C 26 -32.42 37.50 -1.36
CA ALA C 26 -33.82 37.51 -0.92
C ALA C 26 -33.96 37.92 0.54
N ALA C 27 -33.06 37.44 1.39
CA ALA C 27 -33.05 37.79 2.82
C ALA C 27 -32.85 39.28 3.07
N ARG C 28 -31.99 39.92 2.27
CA ARG C 28 -31.73 41.36 2.39
C ARG C 28 -32.90 42.23 1.91
N LYS C 29 -33.61 41.80 0.88
CA LYS C 29 -34.78 42.53 0.34
C LYS C 29 -35.81 42.90 1.41
N ARG C 30 -36.11 41.96 2.30
CA ARG C 30 -37.10 42.15 3.36
C ARG C 30 -36.55 43.04 4.49
N ALA C 31 -35.26 42.91 4.77
CA ALA C 31 -34.56 43.79 5.70
C ALA C 31 -34.49 45.23 5.17
N ASN C 32 -34.29 45.35 3.86
CA ASN C 32 -34.30 46.66 3.18
C ASN C 32 -35.68 47.33 3.21
N ASP C 33 -36.75 46.53 3.13
CA ASP C 33 -38.12 47.03 3.27
C ASP C 33 -38.39 47.56 4.68
N THR C 34 -37.83 46.90 5.68
CA THR C 34 -37.93 47.35 7.08
C THR C 34 -37.25 48.70 7.30
N VAL C 35 -36.15 48.94 6.61
CA VAL C 35 -35.43 50.23 6.67
C VAL C 35 -36.27 51.35 6.05
N VAL C 36 -36.93 51.06 4.92
CA VAL C 36 -37.80 52.01 4.23
C VAL C 36 -39.07 52.28 5.05
N THR C 37 -39.66 51.20 5.58
CA THR C 37 -40.87 51.31 6.41
C THR C 37 -40.58 52.06 7.72
N ALA C 38 -39.42 51.79 8.33
CA ALA C 38 -39.01 52.48 9.56
C ALA C 38 -38.75 53.97 9.34
N TYR C 39 -38.07 54.31 8.25
CA TYR C 39 -37.76 55.70 7.92
C TYR C 39 -39.01 56.51 7.57
N LEU C 40 -39.95 55.89 6.86
CA LEU C 40 -41.26 56.51 6.59
C LEU C 40 -42.11 56.64 7.86
N ASN C 41 -42.04 55.62 8.74
CA ASN C 41 -42.71 55.67 10.04
C ASN C 41 -42.14 56.80 10.91
N ASP C 42 -40.82 56.99 10.86
CA ASP C 42 -40.16 58.12 11.51
C ASP C 42 -40.51 59.45 10.83
N ALA C 43 -40.56 59.45 9.50
CA ALA C 43 -40.91 60.65 8.73
C ALA C 43 -42.33 61.15 9.04
N VAL C 44 -43.26 60.22 9.26
CA VAL C 44 -44.64 60.56 9.64
C VAL C 44 -44.70 61.25 11.02
N LYS C 45 -43.83 60.81 11.95
CA LYS C 45 -43.77 61.41 13.30
C LYS C 45 -43.30 62.86 13.26
N PHE C 46 -42.19 63.10 12.57
CA PHE C 46 -41.64 64.46 12.44
C PHE C 46 -42.46 65.39 11.54
N GLN C 47 -43.33 64.84 10.70
CA GLN C 47 -44.35 65.62 9.98
C GLN C 47 -45.41 66.15 10.95
N GLU C 48 -45.82 65.32 11.90
CA GLU C 48 -46.76 65.72 12.96
C GLU C 48 -46.14 66.73 13.93
N MET C 49 -44.83 66.62 14.18
CA MET C 49 -44.12 67.59 15.03
C MET C 49 -43.99 68.97 14.37
N TYR C 50 -43.81 68.98 13.05
CA TYR C 50 -43.81 70.24 12.29
C TYR C 50 -45.22 70.86 12.22
N GLN C 51 -46.24 70.00 12.20
CA GLN C 51 -47.64 70.44 12.25
C GLN C 51 -47.99 71.15 13.58
N ILE C 52 -47.35 70.72 14.67
CA ILE C 52 -47.49 71.39 15.98
C ILE C 52 -46.89 72.80 15.95
N ASP C 53 -45.71 72.93 15.34
CA ASP C 53 -45.00 74.21 15.29
C ASP C 53 -45.61 75.19 14.28
N ASN C 54 -45.64 74.78 13.02
CA ASN C 54 -45.97 75.68 11.90
C ASN C 54 -47.43 75.63 11.41
N ASN C 55 -48.21 74.64 11.88
CA ASN C 55 -49.59 74.41 11.42
C ASN C 55 -49.66 74.10 9.91
N SER C 56 -48.71 73.27 9.46
CA SER C 56 -48.65 72.83 8.06
C SER C 56 -47.75 71.59 7.93
N TYR C 57 -47.63 71.06 6.72
CA TYR C 57 -46.72 69.94 6.42
C TYR C 57 -45.59 70.40 5.51
N THR C 58 -44.44 69.74 5.65
CA THR C 58 -43.21 70.13 4.96
C THR C 58 -43.11 69.55 3.56
N SER C 59 -42.74 70.38 2.59
CA SER C 59 -42.41 69.93 1.25
C SER C 59 -40.94 69.48 1.21
N ASN C 60 -40.05 70.26 1.82
CA ASN C 60 -38.61 69.94 1.86
C ASN C 60 -38.26 68.98 3.00
N GLN C 61 -37.21 68.19 2.78
CA GLN C 61 -36.73 67.21 3.76
C GLN C 61 -35.93 67.87 4.89
N ALA C 62 -35.17 68.93 4.56
CA ALA C 62 -34.33 69.64 5.53
C ALA C 62 -35.09 70.19 6.74
N ALA C 63 -36.36 70.54 6.54
CA ALA C 63 -37.24 70.97 7.63
C ALA C 63 -37.50 69.85 8.64
N LEU C 64 -37.73 68.64 8.15
CA LEU C 64 -37.92 67.46 8.99
C LEU C 64 -36.64 67.03 9.72
N ILE C 65 -35.50 67.18 9.05
CA ILE C 65 -34.19 66.84 9.63
C ILE C 65 -33.81 67.82 10.75
N SER C 66 -34.14 69.09 10.57
CA SER C 66 -33.87 70.13 11.58
C SER C 66 -34.62 69.88 12.91
N LEU C 67 -35.84 69.36 12.82
CA LEU C 67 -36.62 69.00 14.01
C LEU C 67 -36.04 67.82 14.81
N GLY C 68 -35.39 66.89 14.11
CA GLY C 68 -34.83 65.69 14.76
C GLY C 68 -34.65 64.44 13.92
N LEU C 69 -35.38 64.33 12.81
CA LEU C 69 -35.26 63.18 11.89
C LEU C 69 -33.82 62.97 11.41
N LYS C 70 -33.45 61.71 11.21
CA LYS C 70 -32.11 61.36 10.74
C LYS C 70 -31.96 61.66 9.24
N SER C 71 -30.71 61.61 8.77
CA SER C 71 -30.42 61.75 7.34
C SER C 71 -30.93 60.53 6.59
N THR C 72 -31.11 60.68 5.27
CA THR C 72 -31.62 59.60 4.42
C THR C 72 -30.70 58.38 4.52
N PRO C 73 -31.27 57.16 4.69
CA PRO C 73 -30.40 55.98 4.83
C PRO C 73 -29.64 55.61 3.56
N ALA C 74 -28.63 54.75 3.72
CA ALA C 74 -27.78 54.32 2.60
C ALA C 74 -28.58 53.49 1.61
N ASN C 75 -28.46 53.83 0.32
CA ASN C 75 -29.18 53.18 -0.77
C ASN C 75 -30.71 53.28 -0.62
N VAL C 76 -31.18 54.46 -0.19
CA VAL C 76 -32.61 54.75 -0.06
C VAL C 76 -32.90 56.10 -0.71
N THR C 77 -33.97 56.16 -1.51
CA THR C 77 -34.38 57.35 -2.24
C THR C 77 -35.67 57.92 -1.67
N PHE C 78 -35.53 58.64 -0.55
CA PHE C 78 -36.65 59.34 0.07
C PHE C 78 -36.96 60.61 -0.72
N SER C 79 -38.25 60.89 -0.91
CA SER C 79 -38.69 62.03 -1.70
C SER C 79 -40.15 62.38 -1.40
N ILE C 80 -40.37 63.57 -0.84
CA ILE C 80 -41.72 64.05 -0.54
C ILE C 80 -42.33 64.60 -1.83
N VAL C 81 -43.48 64.05 -2.22
CA VAL C 81 -44.17 64.45 -3.45
C VAL C 81 -44.79 65.83 -3.30
N SER C 82 -45.66 65.94 -2.30
CA SER C 82 -46.36 67.20 -2.02
C SER C 82 -46.81 67.26 -0.56
N ALA C 83 -47.07 68.47 -0.09
CA ALA C 83 -47.47 68.70 1.31
C ALA C 83 -48.29 69.98 1.44
N SER C 84 -49.61 69.84 1.40
CA SER C 84 -50.52 70.94 1.65
C SER C 84 -50.64 71.22 3.15
N ALA C 85 -51.45 72.21 3.51
CA ALA C 85 -51.66 72.57 4.92
C ALA C 85 -52.18 71.41 5.78
N ASN C 86 -53.09 70.62 5.22
CA ASN C 86 -53.75 69.52 5.95
C ASN C 86 -53.58 68.14 5.32
N SER C 87 -52.50 67.94 4.56
CA SER C 87 -52.18 66.62 3.98
C SER C 87 -50.71 66.52 3.55
N TYR C 88 -50.30 65.29 3.20
CA TYR C 88 -48.97 65.04 2.65
C TYR C 88 -48.89 63.71 1.89
N CYS C 89 -47.85 63.59 1.07
CA CYS C 89 -47.57 62.37 0.31
C CYS C 89 -46.05 62.18 0.20
N MET C 90 -45.55 61.08 0.75
CA MET C 90 -44.11 60.79 0.81
C MET C 90 -43.81 59.40 0.26
N ILE C 91 -43.17 59.35 -0.91
CA ILE C 91 -42.73 58.09 -1.52
C ILE C 91 -41.28 57.83 -1.11
N ALA C 92 -40.97 56.56 -0.84
CA ALA C 92 -39.60 56.14 -0.51
C ALA C 92 -39.40 54.66 -0.83
N GLY C 93 -38.17 54.30 -1.16
CA GLY C 93 -37.82 52.93 -1.52
C GLY C 93 -36.34 52.65 -1.52
N HIS C 94 -35.98 51.39 -1.30
CA HIS C 94 -34.59 50.93 -1.31
C HIS C 94 -34.24 50.46 -2.72
N SER C 95 -32.97 50.59 -3.09
CA SER C 95 -32.52 50.22 -4.44
C SER C 95 -32.64 48.71 -4.69
N GLY C 96 -32.21 47.91 -3.71
CA GLY C 96 -32.39 46.46 -3.72
C GLY C 96 -33.48 46.00 -2.76
N GLY C 97 -34.65 46.63 -2.87
CA GLY C 97 -35.83 46.26 -2.09
C GLY C 97 -36.80 45.45 -2.92
N THR C 98 -38.08 45.52 -2.56
CA THR C 98 -39.15 44.84 -3.29
C THR C 98 -39.98 45.82 -4.10
N VAL C 99 -40.59 46.79 -3.40
CA VAL C 99 -41.45 47.81 -4.02
C VAL C 99 -41.30 49.15 -3.31
N TRP C 100 -41.83 50.20 -3.95
CA TRP C 100 -41.87 51.54 -3.36
C TRP C 100 -42.92 51.59 -2.24
N PHE C 101 -42.63 52.39 -1.22
CA PHE C 101 -43.54 52.57 -0.08
C PHE C 101 -44.02 54.01 -0.03
N ALA C 102 -45.34 54.19 -0.01
CA ALA C 102 -45.95 55.51 0.16
C ALA C 102 -46.19 55.82 1.63
N ALA C 103 -46.58 57.05 1.93
CA ALA C 103 -46.84 57.49 3.30
C ALA C 103 -47.72 58.74 3.33
N THR C 104 -49.01 58.54 3.61
CA THR C 104 -50.00 59.61 3.72
C THR C 104 -50.61 59.57 5.13
N PRO C 105 -51.29 60.66 5.56
CA PRO C 105 -51.87 60.64 6.91
C PRO C 105 -53.09 59.72 7.06
N ASP C 106 -53.97 59.70 6.06
CA ASP C 106 -55.20 58.88 6.12
C ASP C 106 -54.94 57.37 6.00
N LYS C 107 -54.04 56.98 5.10
CA LYS C 107 -53.73 55.55 4.87
C LYS C 107 -52.52 55.04 5.66
N GLY C 108 -51.74 55.95 6.24
CA GLY C 108 -50.52 55.58 6.95
C GLY C 108 -49.40 55.22 5.99
N VAL C 109 -48.44 54.43 6.46
CA VAL C 109 -47.34 53.94 5.63
C VAL C 109 -47.74 52.59 5.03
N TYR C 110 -47.83 52.55 3.69
CA TYR C 110 -48.19 51.33 2.96
C TYR C 110 -47.32 51.16 1.73
N LYS C 111 -47.39 49.97 1.12
CA LYS C 111 -46.59 49.62 -0.05
C LYS C 111 -47.44 49.61 -1.32
N THR C 112 -46.86 50.09 -2.42
CA THR C 112 -47.54 50.20 -3.71
C THR C 112 -47.12 49.07 -4.66
N ASN C 113 -47.81 48.98 -5.80
CA ASN C 113 -47.55 47.96 -6.80
C ASN C 113 -46.29 48.21 -7.64
N THR C 114 -45.81 49.45 -7.66
CA THR C 114 -44.63 49.82 -8.45
C THR C 114 -43.35 49.20 -7.87
N ALA C 115 -42.52 48.64 -8.75
CA ALA C 115 -41.29 47.96 -8.35
C ALA C 115 -40.14 48.95 -8.21
N VAL C 116 -39.15 48.58 -7.39
CA VAL C 116 -37.96 49.41 -7.16
C VAL C 116 -37.04 49.50 -8.38
N THR C 117 -37.07 48.47 -9.24
CA THR C 117 -36.38 48.50 -10.52
C THR C 117 -37.01 49.53 -11.48
N SER C 118 -38.33 49.64 -11.44
CA SER C 118 -39.06 50.67 -12.20
C SER C 118 -38.88 52.05 -11.57
N SER C 119 -39.31 53.08 -12.30
CA SER C 119 -39.14 54.47 -11.86
C SER C 119 -40.03 54.82 -10.66
N GLN C 120 -39.70 55.95 -10.03
CA GLN C 120 -40.41 56.40 -8.82
C GLN C 120 -41.85 56.82 -9.14
N PRO C 121 -42.83 56.41 -8.32
CA PRO C 121 -44.20 56.89 -8.48
C PRO C 121 -44.32 58.41 -8.35
N GLU C 122 -45.08 59.02 -9.27
CA GLU C 122 -45.27 60.48 -9.27
C GLU C 122 -46.14 60.94 -8.10
N SER C 123 -47.21 60.20 -7.84
CA SER C 123 -48.08 60.44 -6.68
C SER C 123 -48.52 59.13 -6.04
N CYS C 124 -48.76 59.16 -4.73
CA CYS C 124 -49.16 57.97 -3.98
C CYS C 124 -50.59 57.55 -4.32
N PRO C 125 -50.91 56.23 -4.25
CA PRO C 125 -52.27 55.77 -4.52
C PRO C 125 -53.32 56.24 -3.50
N PHE D 1 -2.84 -1.30 -2.02
CA PHE D 1 -2.64 -0.02 -1.27
C PHE D 1 -1.17 0.40 -1.36
N THR D 2 -0.88 1.30 -2.30
CA THR D 2 0.49 1.76 -2.55
C THR D 2 0.91 2.88 -1.59
N LEU D 3 2.20 3.21 -1.61
CA LEU D 3 2.73 4.36 -0.87
C LEU D 3 2.32 5.67 -1.55
N ILE D 4 2.35 5.70 -2.88
CA ILE D 4 1.90 6.86 -3.66
C ILE D 4 0.42 7.22 -3.44
N GLU D 5 -0.43 6.20 -3.27
CA GLU D 5 -1.85 6.40 -2.96
C GLU D 5 -2.03 6.96 -1.54
N LEU D 6 -1.16 6.57 -0.61
CA LEU D 6 -1.13 7.15 0.73
C LEU D 6 -0.53 8.55 0.72
N LEU D 7 0.51 8.75 -0.08
CA LEU D 7 1.23 10.02 -0.17
C LEU D 7 0.39 11.16 -0.73
N ILE D 8 -0.39 10.88 -1.78
CA ILE D 8 -1.32 11.86 -2.35
C ILE D 8 -2.47 12.19 -1.39
N VAL D 9 -2.92 11.21 -0.62
CA VAL D 9 -3.94 11.43 0.42
C VAL D 9 -3.42 12.37 1.52
N ILE D 10 -2.15 12.21 1.89
CA ILE D 10 -1.48 13.12 2.84
C ILE D 10 -1.38 14.54 2.26
N ALA D 11 -1.10 14.63 0.95
CA ALA D 11 -1.01 15.91 0.25
C ALA D 11 -2.34 16.67 0.21
N ILE D 12 -3.44 15.94 -0.03
CA ILE D 12 -4.78 16.55 -0.09
C ILE D 12 -5.27 16.99 1.29
N ILE D 13 -4.95 16.23 2.33
CA ILE D 13 -5.29 16.62 3.72
C ILE D 13 -4.64 17.96 4.10
N ALA D 14 -3.40 18.18 3.66
CA ALA D 14 -2.71 19.46 3.88
C ALA D 14 -3.39 20.64 3.18
N ILE D 15 -3.92 20.37 1.98
CA ILE D 15 -4.66 21.39 1.20
C ILE D 15 -6.02 21.69 1.85
N LEU D 16 -6.77 20.63 2.16
CA LEU D 16 -8.09 20.78 2.79
C LEU D 16 -8.04 21.40 4.20
N ALA D 17 -6.98 21.10 4.96
CA ALA D 17 -6.79 21.67 6.30
C ALA D 17 -6.49 23.18 6.28
N ALA D 18 -5.95 23.68 5.17
CA ALA D 18 -5.68 25.11 5.02
C ALA D 18 -6.92 25.88 4.60
N VAL D 19 -7.55 25.44 3.51
CA VAL D 19 -8.64 26.19 2.86
C VAL D 19 -9.99 26.14 3.60
N LEU D 20 -10.34 24.97 4.14
CA LEU D 20 -11.65 24.77 4.75
C LEU D 20 -11.80 25.40 6.15
N ILE D 21 -10.69 25.64 6.83
CA ILE D 21 -10.70 26.30 8.15
C ILE D 21 -10.96 27.79 7.91
N PRO D 22 -12.10 28.32 8.43
CA PRO D 22 -12.45 29.71 8.16
C PRO D 22 -11.68 30.72 9.01
N ASN D 23 -11.84 32.00 8.68
CA ASN D 23 -11.25 33.08 9.46
C ASN D 23 -12.05 33.25 10.76
N LEU D 24 -11.46 32.80 11.87
CA LEU D 24 -12.11 32.82 13.17
C LEU D 24 -12.15 34.22 13.78
N LEU D 25 -11.00 34.91 13.74
CA LEU D 25 -10.86 36.25 14.34
C LEU D 25 -11.86 37.26 13.77
N ALA D 26 -12.04 37.23 12.45
CA ALA D 26 -12.99 38.13 11.77
C ALA D 26 -14.44 37.81 12.13
N ALA D 27 -14.77 36.52 12.21
CA ALA D 27 -16.11 36.06 12.59
C ALA D 27 -16.53 36.53 14.00
N ARG D 28 -15.59 36.52 14.93
CA ARG D 28 -15.85 36.95 16.31
C ARG D 28 -16.03 38.46 16.45
N LYS D 29 -15.29 39.25 15.66
CA LYS D 29 -15.41 40.72 15.67
C LYS D 29 -16.85 41.23 15.52
N ARG D 30 -17.59 40.62 14.60
CA ARG D 30 -18.98 41.03 14.32
C ARG D 30 -19.93 40.55 15.41
N ALA D 31 -19.66 39.37 15.97
CA ALA D 31 -20.39 38.87 17.13
C ALA D 31 -20.13 39.72 18.37
N ASN D 32 -18.89 40.19 18.52
CA ASN D 32 -18.52 41.12 19.60
C ASN D 32 -19.21 42.48 19.48
N ASP D 33 -19.40 42.95 18.25
CA ASP D 33 -20.16 44.18 18.00
C ASP D 33 -21.63 44.04 18.38
N THR D 34 -22.20 42.85 18.15
CA THR D 34 -23.58 42.55 18.54
C THR D 34 -23.76 42.58 20.07
N VAL D 35 -22.74 42.15 20.80
CA VAL D 35 -22.76 42.20 22.28
C VAL D 35 -22.73 43.64 22.78
N VAL D 36 -21.91 44.47 22.15
CA VAL D 36 -21.80 45.90 22.50
C VAL D 36 -23.08 46.65 22.12
N THR D 37 -23.60 46.37 20.92
CA THR D 37 -24.84 46.98 20.44
C THR D 37 -26.05 46.56 21.29
N ALA D 38 -26.09 45.29 21.69
CA ALA D 38 -27.16 44.78 22.55
C ALA D 38 -27.14 45.38 23.95
N TYR D 39 -25.94 45.48 24.52
CA TYR D 39 -25.78 46.05 25.87
C TYR D 39 -26.09 47.55 25.92
N LEU D 40 -25.70 48.28 24.86
CA LEU D 40 -26.09 49.69 24.72
C LEU D 40 -27.59 49.86 24.46
N ASN D 41 -28.17 48.94 23.67
CA ASN D 41 -29.61 48.93 23.44
C ASN D 41 -30.38 48.65 24.74
N ASP D 42 -29.84 47.75 25.57
CA ASP D 42 -30.39 47.52 26.92
C ASP D 42 -30.15 48.70 27.85
N ALA D 43 -28.97 49.30 27.76
CA ALA D 43 -28.62 50.49 28.57
C ALA D 43 -29.54 51.67 28.29
N VAL D 44 -29.94 51.85 27.03
CA VAL D 44 -30.89 52.91 26.64
C VAL D 44 -32.28 52.69 27.28
N LYS D 45 -32.71 51.43 27.38
CA LYS D 45 -33.99 51.09 27.99
C LYS D 45 -34.04 51.43 29.48
N PHE D 46 -33.02 50.99 30.23
CA PHE D 46 -32.94 51.28 31.66
C PHE D 46 -32.61 52.73 32.00
N GLN D 47 -32.09 53.50 31.04
CA GLN D 47 -31.99 54.95 31.17
C GLN D 47 -33.37 55.60 31.14
N GLU D 48 -34.24 55.12 30.26
CA GLU D 48 -35.63 55.58 30.17
C GLU D 48 -36.46 55.17 31.40
N MET D 49 -36.15 54.01 31.99
CA MET D 49 -36.80 53.55 33.22
C MET D 49 -36.40 54.40 34.45
N TYR D 50 -35.15 54.84 34.48
CA TYR D 50 -34.68 55.77 35.52
C TYR D 50 -35.27 57.16 35.34
N GLN D 51 -35.51 57.55 34.08
CA GLN D 51 -36.19 58.81 33.75
C GLN D 51 -37.65 58.85 34.25
N ILE D 52 -38.30 57.69 34.27
CA ILE D 52 -39.66 57.56 34.83
C ILE D 52 -39.65 57.78 36.34
N ASP D 53 -38.66 57.20 37.03
CA ASP D 53 -38.57 57.29 38.49
C ASP D 53 -38.07 58.65 38.96
N ASN D 54 -36.87 59.02 38.55
CA ASN D 54 -36.16 60.19 39.09
C ASN D 54 -36.28 61.48 38.28
N ASN D 55 -36.83 61.41 37.06
CA ASN D 55 -36.91 62.57 36.13
C ASN D 55 -35.51 63.10 35.75
N SER D 56 -34.59 62.18 35.50
CA SER D 56 -33.22 62.52 35.08
C SER D 56 -32.54 61.29 34.49
N TYR D 57 -31.29 61.48 34.02
CA TYR D 57 -30.48 60.37 33.50
C TYR D 57 -29.28 60.11 34.42
N THR D 58 -28.84 58.85 34.44
CA THR D 58 -27.81 58.39 35.38
C THR D 58 -26.40 58.63 34.85
N SER D 59 -25.54 59.17 35.71
CA SER D 59 -24.11 59.26 35.43
C SER D 59 -23.43 57.94 35.77
N ASN D 60 -23.76 57.37 36.94
CA ASN D 60 -23.19 56.10 37.39
C ASN D 60 -23.90 54.87 36.79
N GLN D 61 -23.15 53.79 36.64
CA GLN D 61 -23.68 52.53 36.10
C GLN D 61 -24.49 51.74 37.12
N ALA D 62 -24.09 51.81 38.39
CA ALA D 62 -24.76 51.09 39.48
C ALA D 62 -26.25 51.42 39.63
N ALA D 63 -26.64 52.65 39.28
CA ALA D 63 -28.05 53.06 39.26
C ALA D 63 -28.85 52.29 38.20
N LEU D 64 -28.27 52.10 37.02
CA LEU D 64 -28.91 51.33 35.95
C LEU D 64 -28.98 49.83 36.28
N ILE D 65 -27.95 49.32 36.95
CA ILE D 65 -27.90 47.90 37.34
C ILE D 65 -28.94 47.59 38.44
N SER D 66 -29.14 48.53 39.36
CA SER D 66 -30.13 48.38 40.44
C SER D 66 -31.57 48.27 39.91
N LEU D 67 -31.88 49.00 38.84
CA LEU D 67 -33.20 48.92 38.20
C LEU D 67 -33.48 47.58 37.52
N GLY D 68 -32.43 46.92 37.00
CA GLY D 68 -32.59 45.64 36.29
C GLY D 68 -31.53 45.26 35.27
N LEU D 69 -30.79 46.24 34.75
CA LEU D 69 -29.72 46.00 33.76
C LEU D 69 -28.67 45.01 34.28
N LYS D 70 -28.12 44.20 33.38
CA LYS D 70 -27.10 43.21 33.74
C LYS D 70 -25.76 43.87 34.00
N SER D 71 -24.83 43.10 34.56
CA SER D 71 -23.45 43.54 34.76
C SER D 71 -22.75 43.69 33.41
N THR D 72 -21.65 44.45 33.39
CA THR D 72 -20.91 44.70 32.17
C THR D 72 -20.41 43.37 31.58
N PRO D 73 -20.57 43.15 30.26
CA PRO D 73 -20.15 41.86 29.68
C PRO D 73 -18.63 41.63 29.69
N ALA D 74 -18.23 40.39 29.47
CA ALA D 74 -16.81 40.00 29.48
C ALA D 74 -16.08 40.65 28.30
N ASN D 75 -14.93 41.27 28.60
CA ASN D 75 -14.11 41.99 27.61
C ASN D 75 -14.86 43.14 26.94
N VAL D 76 -15.65 43.88 27.73
CA VAL D 76 -16.38 45.06 27.27
C VAL D 76 -16.14 46.21 28.25
N THR D 77 -15.86 47.40 27.71
CA THR D 77 -15.57 48.58 28.49
C THR D 77 -16.70 49.60 28.36
N PHE D 78 -17.78 49.37 29.10
CA PHE D 78 -18.90 50.30 29.17
C PHE D 78 -18.53 51.48 30.07
N SER D 79 -18.92 52.68 29.65
CA SER D 79 -18.58 53.91 30.36
C SER D 79 -19.48 55.07 29.94
N ILE D 80 -20.29 55.56 30.88
CA ILE D 80 -21.18 56.69 30.63
C ILE D 80 -20.35 57.98 30.73
N VAL D 81 -20.35 58.77 29.65
CA VAL D 81 -19.58 60.01 29.56
C VAL D 81 -20.22 61.07 30.46
N SER D 82 -21.47 61.38 30.16
CA SER D 82 -22.23 62.40 30.90
C SER D 82 -23.73 62.15 30.80
N ALA D 83 -24.48 62.71 31.73
CA ALA D 83 -25.92 62.53 31.79
C ALA D 83 -26.61 63.71 32.49
N SER D 84 -27.06 64.68 31.70
CA SER D 84 -27.84 65.81 32.20
C SER D 84 -29.29 65.38 32.44
N ALA D 85 -30.11 66.32 32.91
CA ALA D 85 -31.53 66.05 33.18
C ALA D 85 -32.30 65.53 31.97
N ASN D 86 -32.01 66.09 30.78
CA ASN D 86 -32.74 65.76 29.55
C ASN D 86 -31.84 65.23 28.42
N SER D 87 -30.70 64.64 28.76
CA SER D 87 -29.82 64.02 27.75
C SER D 87 -28.83 63.03 28.38
N TYR D 88 -28.14 62.27 27.53
CA TYR D 88 -27.08 61.36 27.96
C TYR D 88 -26.12 61.00 26.82
N CYS D 89 -24.95 60.49 27.19
CA CYS D 89 -23.94 60.01 26.25
C CYS D 89 -23.22 58.80 26.85
N MET D 90 -23.31 57.66 26.18
CA MET D 90 -22.75 56.40 26.68
C MET D 90 -21.89 55.74 25.60
N ILE D 91 -20.57 55.72 25.82
CA ILE D 91 -19.62 55.05 24.94
C ILE D 91 -19.38 53.63 25.46
N ALA D 92 -19.28 52.67 24.54
CA ALA D 92 -18.97 51.29 24.88
C ALA D 92 -18.34 50.56 23.70
N GLY D 93 -17.49 49.58 24.01
CA GLY D 93 -16.77 48.82 22.98
C GLY D 93 -16.15 47.54 23.50
N HIS D 94 -15.98 46.57 22.60
CA HIS D 94 -15.34 45.29 22.92
C HIS D 94 -13.85 45.41 22.62
N SER D 95 -13.04 44.65 23.35
CA SER D 95 -11.58 44.70 23.20
C SER D 95 -11.13 44.18 21.83
N GLY D 96 -11.71 43.05 21.41
CA GLY D 96 -11.51 42.50 20.06
C GLY D 96 -12.71 42.71 19.16
N GLY D 97 -13.20 43.95 19.10
CA GLY D 97 -14.30 44.34 18.22
C GLY D 97 -13.78 45.06 17.00
N THR D 98 -14.61 45.93 16.42
CA THR D 98 -14.26 46.72 15.25
C THR D 98 -14.03 48.19 15.64
N VAL D 99 -15.06 48.81 16.20
CA VAL D 99 -15.03 50.22 16.60
C VAL D 99 -15.84 50.45 17.88
N TRP D 100 -15.67 51.63 18.48
CA TRP D 100 -16.47 52.03 19.64
C TRP D 100 -17.88 52.39 19.21
N PHE D 101 -18.84 52.12 20.09
CA PHE D 101 -20.26 52.41 19.84
C PHE D 101 -20.74 53.45 20.84
N ALA D 102 -21.32 54.54 20.32
CA ALA D 102 -21.95 55.58 21.16
C ALA D 102 -23.42 55.26 21.38
N ALA D 103 -24.05 56.03 22.27
CA ALA D 103 -25.48 55.85 22.57
C ALA D 103 -26.08 57.11 23.20
N THR D 104 -26.79 57.88 22.39
CA THR D 104 -27.47 59.11 22.81
C THR D 104 -28.98 58.95 22.54
N PRO D 105 -29.83 59.81 23.15
CA PRO D 105 -31.27 59.66 22.92
C PRO D 105 -31.72 60.10 21.51
N ASP D 106 -31.16 61.19 20.99
CA ASP D 106 -31.54 61.72 19.67
C ASP D 106 -31.07 60.85 18.50
N LYS D 107 -29.84 60.36 18.56
CA LYS D 107 -29.25 59.55 17.48
C LYS D 107 -29.39 58.03 17.69
N GLY D 108 -29.78 57.61 18.91
CA GLY D 108 -29.88 56.20 19.25
C GLY D 108 -28.50 55.59 19.45
N VAL D 109 -28.42 54.27 19.29
CA VAL D 109 -27.15 53.54 19.38
C VAL D 109 -26.52 53.47 17.99
N TYR D 110 -25.34 54.09 17.84
CA TYR D 110 -24.61 54.10 16.57
C TYR D 110 -23.11 53.87 16.80
N LYS D 111 -22.39 53.62 15.71
CA LYS D 111 -20.96 53.33 15.76
C LYS D 111 -20.13 54.53 15.25
N THR D 112 -19.01 54.78 15.91
CA THR D 112 -18.12 55.91 15.59
C THR D 112 -16.90 55.46 14.79
N ASN D 113 -16.13 56.44 14.30
CA ASN D 113 -14.93 56.17 13.50
C ASN D 113 -13.74 55.68 14.32
N THR D 114 -13.75 55.92 15.64
CA THR D 114 -12.65 55.52 16.52
C THR D 114 -12.56 54.00 16.66
N ALA D 115 -11.33 53.47 16.54
CA ALA D 115 -11.09 52.04 16.61
C ALA D 115 -10.94 51.56 18.05
N VAL D 116 -11.22 50.27 18.27
CA VAL D 116 -11.11 49.65 19.60
C VAL D 116 -9.68 49.52 20.09
N THR D 117 -8.73 49.42 19.14
CA THR D 117 -7.29 49.45 19.47
C THR D 117 -6.87 50.82 19.98
N SER D 118 -7.44 51.88 19.40
CA SER D 118 -7.23 53.26 19.88
C SER D 118 -7.97 53.51 21.19
N SER D 119 -7.67 54.64 21.82
CA SER D 119 -8.24 55.00 23.12
C SER D 119 -9.72 55.33 23.04
N GLN D 120 -10.38 55.34 24.20
CA GLN D 120 -11.82 55.58 24.30
C GLN D 120 -12.17 57.03 23.91
N PRO D 121 -13.23 57.22 23.09
CA PRO D 121 -13.72 58.58 22.81
C PRO D 121 -14.15 59.35 24.06
N GLU D 122 -13.73 60.61 24.15
CA GLU D 122 -14.05 61.46 25.31
C GLU D 122 -15.54 61.84 25.32
N SER D 123 -16.07 62.19 24.15
CA SER D 123 -17.50 62.49 23.98
C SER D 123 -18.00 61.92 22.66
N CYS D 124 -19.28 61.57 22.63
CA CYS D 124 -19.91 60.97 21.45
C CYS D 124 -20.08 62.02 20.34
N PRO D 125 -20.03 61.60 19.05
CA PRO D 125 -20.24 62.56 17.95
C PRO D 125 -21.66 63.15 17.88
N PHE E 1 7.09 -3.74 -5.88
CA PHE E 1 6.26 -3.61 -4.66
C PHE E 1 6.84 -4.50 -3.54
N THR E 2 7.63 -3.89 -2.67
CA THR E 2 8.32 -4.61 -1.59
C THR E 2 7.41 -4.81 -0.37
N LEU E 3 7.89 -5.63 0.57
CA LEU E 3 7.22 -5.80 1.86
C LEU E 3 7.43 -4.58 2.75
N ILE E 4 8.64 -4.01 2.72
CA ILE E 4 8.96 -2.78 3.45
C ILE E 4 8.11 -1.57 3.01
N GLU E 5 7.82 -1.48 1.72
CA GLU E 5 6.94 -0.42 1.19
C GLU E 5 5.50 -0.62 1.65
N LEU E 6 5.07 -1.88 1.80
CA LEU E 6 3.76 -2.20 2.38
C LEU E 6 3.75 -1.98 3.89
N LEU E 7 4.85 -2.34 4.55
CA LEU E 7 4.98 -2.25 6.01
C LEU E 7 4.96 -0.81 6.53
N ILE E 8 5.65 0.09 5.84
CA ILE E 8 5.62 1.52 6.18
C ILE E 8 4.25 2.15 5.94
N VAL E 9 3.55 1.70 4.89
CA VAL E 9 2.17 2.14 4.62
C VAL E 9 1.21 1.71 5.75
N ILE E 10 1.41 0.51 6.27
CA ILE E 10 0.65 0.02 7.44
C ILE E 10 0.97 0.87 8.69
N ALA E 11 2.23 1.26 8.84
CA ALA E 11 2.67 2.10 9.95
C ALA E 11 2.06 3.51 9.93
N ILE E 12 1.97 4.10 8.74
CA ILE E 12 1.39 5.45 8.58
C ILE E 12 -0.13 5.45 8.78
N ILE E 13 -0.81 4.39 8.34
CA ILE E 13 -2.26 4.24 8.57
C ILE E 13 -2.59 4.22 10.07
N ALA E 14 -1.76 3.56 10.86
CA ALA E 14 -1.91 3.55 12.33
C ALA E 14 -1.74 4.94 12.96
N ILE E 15 -0.83 5.73 12.40
CA ILE E 15 -0.60 7.11 12.86
C ILE E 15 -1.77 8.02 12.47
N LEU E 16 -2.16 7.97 11.20
CA LEU E 16 -3.27 8.78 10.67
C LEU E 16 -4.63 8.43 11.31
N ALA E 17 -4.84 7.16 11.62
CA ALA E 17 -6.07 6.70 12.28
C ALA E 17 -6.22 7.22 13.72
N ALA E 18 -5.10 7.50 14.38
CA ALA E 18 -5.11 8.05 15.74
C ALA E 18 -5.35 9.55 15.75
N VAL E 19 -4.53 10.29 15.00
CA VAL E 19 -4.51 11.75 15.06
C VAL E 19 -5.69 12.45 14.36
N LEU E 20 -6.11 11.93 13.21
CA LEU E 20 -7.15 12.58 12.39
C LEU E 20 -8.57 12.40 12.93
N ILE E 21 -8.80 11.36 13.73
CA ILE E 21 -10.11 11.12 14.35
C ILE E 21 -10.26 12.14 15.50
N PRO E 22 -11.27 13.04 15.40
CA PRO E 22 -11.42 14.10 16.41
C PRO E 22 -12.07 13.62 17.70
N ASN E 23 -12.06 14.50 18.72
CA ASN E 23 -12.72 14.23 19.99
C ASN E 23 -14.24 14.36 19.78
N LEU E 24 -14.93 13.22 19.75
CA LEU E 24 -16.37 13.18 19.50
C LEU E 24 -17.17 13.61 20.72
N LEU E 25 -16.82 13.08 21.90
CA LEU E 25 -17.54 13.36 23.15
C LEU E 25 -17.60 14.84 23.48
N ALA E 26 -16.48 15.54 23.30
CA ALA E 26 -16.40 16.98 23.56
C ALA E 26 -17.23 17.79 22.57
N ALA E 27 -17.20 17.40 21.29
CA ALA E 27 -17.99 18.05 20.25
C ALA E 27 -19.49 17.99 20.49
N ARG E 28 -19.97 16.85 21.01
CA ARG E 28 -21.40 16.67 21.31
C ARG E 28 -21.87 17.48 22.53
N LYS E 29 -21.00 17.62 23.54
CA LYS E 29 -21.33 18.40 24.75
C LYS E 29 -21.85 19.82 24.45
N ARG E 30 -21.19 20.50 23.50
CA ARG E 30 -21.56 21.87 23.14
C ARG E 30 -22.83 21.91 22.29
N ALA E 31 -23.01 20.89 21.45
CA ALA E 31 -24.26 20.72 20.70
C ALA E 31 -25.44 20.40 21.63
N ASN E 32 -25.17 19.61 22.67
CA ASN E 32 -26.17 19.30 23.71
C ASN E 32 -26.57 20.53 24.52
N ASP E 33 -25.62 21.44 24.76
CA ASP E 33 -25.90 22.72 25.43
C ASP E 33 -26.80 23.61 24.58
N THR E 34 -26.60 23.58 23.26
CA THR E 34 -27.45 24.32 22.32
C THR E 34 -28.90 23.83 22.33
N VAL E 35 -29.09 22.52 22.52
CA VAL E 35 -30.43 21.92 22.61
C VAL E 35 -31.13 22.37 23.90
N VAL E 36 -30.39 22.43 25.00
CA VAL E 36 -30.91 22.86 26.30
C VAL E 36 -31.20 24.37 26.28
N THR E 37 -30.28 25.15 25.72
CA THR E 37 -30.45 26.60 25.59
C THR E 37 -31.61 26.96 24.66
N ALA E 38 -31.75 26.21 23.56
CA ALA E 38 -32.86 26.42 22.61
C ALA E 38 -34.21 26.09 23.22
N TYR E 39 -34.30 24.98 23.95
CA TYR E 39 -35.54 24.55 24.58
C TYR E 39 -35.97 25.49 25.71
N LEU E 40 -35.01 25.99 26.48
CA LEU E 40 -35.28 27.02 27.50
C LEU E 40 -35.66 28.36 26.86
N ASN E 41 -35.02 28.71 25.75
CA ASN E 41 -35.37 29.91 24.98
C ASN E 41 -36.79 29.81 24.42
N ASP E 42 -37.18 28.62 23.96
CA ASP E 42 -38.55 28.34 23.55
C ASP E 42 -39.51 28.33 24.74
N ALA E 43 -39.08 27.75 25.86
CA ALA E 43 -39.88 27.70 27.08
C ALA E 43 -40.22 29.09 27.63
N VAL E 44 -39.27 30.02 27.51
CA VAL E 44 -39.47 31.42 27.92
C VAL E 44 -40.55 32.10 27.05
N LYS E 45 -40.58 31.78 25.77
CA LYS E 45 -41.58 32.36 24.85
C LYS E 45 -43.00 31.91 25.19
N PHE E 46 -43.20 30.60 25.37
CA PHE E 46 -44.51 30.06 25.72
C PHE E 46 -44.96 30.36 27.16
N GLN E 47 -44.01 30.74 28.03
CA GLN E 47 -44.35 31.30 29.35
C GLN E 47 -44.98 32.69 29.21
N GLU E 48 -44.44 33.51 28.30
CA GLU E 48 -45.00 34.82 27.99
C GLU E 48 -46.36 34.74 27.27
N MET E 49 -46.55 33.69 26.47
CA MET E 49 -47.85 33.45 25.81
C MET E 49 -48.94 33.03 26.80
N TYR E 50 -48.56 32.26 27.81
CA TYR E 50 -49.48 31.89 28.89
C TYR E 50 -49.80 33.10 29.78
N GLN E 51 -48.83 34.00 29.94
CA GLN E 51 -49.03 35.26 30.66
C GLN E 51 -50.04 36.18 29.98
N ILE E 52 -50.12 36.13 28.65
CA ILE E 52 -51.13 36.87 27.88
C ILE E 52 -52.53 36.32 28.14
N ASP E 53 -52.66 34.99 28.20
CA ASP E 53 -53.96 34.34 28.37
C ASP E 53 -54.44 34.40 29.82
N ASN E 54 -53.65 33.85 30.74
CA ASN E 54 -54.07 33.61 32.13
C ASN E 54 -53.62 34.67 33.14
N ASN E 55 -52.72 35.58 32.74
CA ASN E 55 -52.13 36.59 33.65
C ASN E 55 -51.33 35.94 34.79
N SER E 56 -50.58 34.90 34.46
CA SER E 56 -49.73 34.18 35.43
C SER E 56 -48.70 33.33 34.69
N TYR E 57 -47.82 32.67 35.44
CA TYR E 57 -46.84 31.73 34.89
C TYR E 57 -47.15 30.30 35.31
N THR E 58 -46.78 29.35 34.45
CA THR E 58 -47.13 27.94 34.63
C THR E 58 -46.14 27.20 35.52
N SER E 59 -46.68 26.43 36.47
CA SER E 59 -45.88 25.49 37.27
C SER E 59 -45.69 24.19 36.50
N ASN E 60 -46.77 23.68 35.89
CA ASN E 60 -46.72 22.44 35.11
C ASN E 60 -46.24 22.65 33.67
N GLN E 61 -45.62 21.63 33.10
CA GLN E 61 -45.11 21.66 31.74
C GLN E 61 -46.21 21.47 30.69
N ALA E 62 -47.21 20.65 31.01
CA ALA E 62 -48.33 20.36 30.10
C ALA E 62 -49.12 21.59 29.64
N ALA E 63 -49.16 22.63 30.49
CA ALA E 63 -49.77 23.91 30.13
C ALA E 63 -49.00 24.60 29.00
N LEU E 64 -47.67 24.58 29.07
CA LEU E 64 -46.81 25.16 28.03
C LEU E 64 -46.86 24.37 26.72
N ILE E 65 -46.98 23.04 26.83
CA ILE E 65 -47.07 22.16 25.67
C ILE E 65 -48.40 22.34 24.92
N SER E 66 -49.48 22.54 25.68
CA SER E 66 -50.82 22.78 25.10
C SER E 66 -50.88 24.04 24.25
N LEU E 67 -50.17 25.10 24.67
CA LEU E 67 -50.09 26.35 23.89
C LEU E 67 -49.34 26.21 22.56
N GLY E 68 -48.35 25.31 22.51
CA GLY E 68 -47.55 25.12 21.29
C GLY E 68 -46.14 24.57 21.45
N LEU E 69 -45.55 24.69 22.65
CA LEU E 69 -44.20 24.18 22.93
C LEU E 69 -44.09 22.67 22.64
N LYS E 70 -42.91 22.25 22.18
CA LYS E 70 -42.66 20.85 21.85
C LYS E 70 -42.48 20.01 23.12
N SER E 71 -42.50 18.69 22.95
CA SER E 71 -42.21 17.76 24.05
C SER E 71 -40.74 17.87 24.46
N THR E 72 -40.43 17.41 25.67
CA THR E 72 -39.08 17.47 26.20
C THR E 72 -38.11 16.70 25.28
N PRO E 73 -36.93 17.29 24.95
CA PRO E 73 -36.03 16.60 24.03
C PRO E 73 -35.40 15.32 24.60
N ALA E 74 -34.82 14.52 23.72
CA ALA E 74 -34.21 13.24 24.12
C ALA E 74 -32.98 13.48 24.98
N ASN E 75 -32.91 12.77 26.10
CA ASN E 75 -31.82 12.91 27.09
C ASN E 75 -31.72 14.33 27.67
N VAL E 76 -32.86 14.94 27.94
CA VAL E 76 -32.95 16.27 28.57
C VAL E 76 -33.95 16.21 29.72
N THR E 77 -33.55 16.79 30.86
CA THR E 77 -34.37 16.80 32.08
C THR E 77 -34.87 18.21 32.37
N PHE E 78 -35.92 18.61 31.66
CA PHE E 78 -36.60 19.89 31.89
C PHE E 78 -37.46 19.79 33.14
N SER E 79 -37.45 20.85 33.95
CA SER E 79 -38.19 20.86 35.21
C SER E 79 -38.36 22.28 35.73
N ILE E 80 -39.62 22.74 35.79
CA ILE E 80 -39.94 24.08 36.31
C ILE E 80 -39.93 24.01 37.84
N VAL E 81 -39.10 24.85 38.46
CA VAL E 81 -38.95 24.88 39.91
C VAL E 81 -40.20 25.50 40.56
N SER E 82 -40.48 26.73 40.16
CA SER E 82 -41.62 27.49 40.69
C SER E 82 -42.07 28.55 39.71
N ALA E 83 -43.31 29.01 39.86
CA ALA E 83 -43.90 30.00 38.98
C ALA E 83 -45.01 30.78 39.68
N SER E 84 -44.63 31.94 40.24
CA SER E 84 -45.60 32.86 40.84
C SER E 84 -46.32 33.67 39.76
N ALA E 85 -47.22 34.55 40.17
CA ALA E 85 -47.98 35.39 39.23
C ALA E 85 -47.09 36.26 38.33
N ASN E 86 -46.01 36.81 38.89
CA ASN E 86 -45.13 37.73 38.18
C ASN E 86 -43.65 37.28 38.13
N SER E 87 -43.40 35.97 38.21
CA SER E 87 -42.04 35.43 38.07
C SER E 87 -42.05 33.94 37.75
N TYR E 88 -40.87 33.41 37.42
CA TYR E 88 -40.67 31.97 37.19
C TYR E 88 -39.21 31.55 37.31
N CYS E 89 -39.00 30.25 37.48
CA CYS E 89 -37.66 29.65 37.54
C CYS E 89 -37.71 28.26 36.90
N MET E 90 -36.93 28.07 35.83
CA MET E 90 -36.94 26.83 35.06
C MET E 90 -35.51 26.32 34.87
N ILE E 91 -35.20 25.20 35.54
CA ILE E 91 -33.90 24.53 35.40
C ILE E 91 -34.02 23.44 34.32
N ALA E 92 -32.98 23.29 33.51
CA ALA E 92 -32.92 22.24 32.49
C ALA E 92 -31.48 21.92 32.13
N GLY E 93 -31.24 20.67 31.73
CA GLY E 93 -29.90 20.20 31.39
C GLY E 93 -29.89 18.88 30.63
N HIS E 94 -28.85 18.68 29.84
CA HIS E 94 -28.66 17.45 29.07
C HIS E 94 -27.82 16.48 29.91
N SER E 95 -28.03 15.19 29.72
CA SER E 95 -27.33 14.16 30.49
C SER E 95 -25.83 14.15 30.21
N GLY E 96 -25.47 14.23 28.92
CA GLY E 96 -24.08 14.39 28.49
C GLY E 96 -23.78 15.80 28.00
N GLY E 97 -24.14 16.79 28.82
CA GLY E 97 -23.84 18.20 28.55
C GLY E 97 -22.66 18.66 29.38
N THR E 98 -22.63 19.96 29.66
CA THR E 98 -21.57 20.57 30.48
C THR E 98 -22.09 20.93 31.88
N VAL E 99 -23.11 21.78 31.91
CA VAL E 99 -23.72 22.26 33.16
C VAL E 99 -25.23 22.45 33.01
N TRP E 100 -25.91 22.62 34.13
CA TRP E 100 -27.35 22.93 34.15
C TRP E 100 -27.57 24.37 33.71
N PHE E 101 -28.70 24.60 33.03
CA PHE E 101 -29.08 25.93 32.55
C PHE E 101 -30.36 26.38 33.24
N ALA E 102 -30.32 27.56 33.86
CA ALA E 102 -31.49 28.17 34.49
C ALA E 102 -32.21 29.07 33.48
N ALA E 103 -33.40 29.54 33.86
CA ALA E 103 -34.20 30.41 33.00
C ALA E 103 -35.23 31.21 33.80
N THR E 104 -34.92 32.48 34.06
CA THR E 104 -35.79 33.40 34.79
C THR E 104 -36.10 34.59 33.88
N PRO E 105 -37.14 35.39 34.22
CA PRO E 105 -37.46 36.53 33.36
C PRO E 105 -36.46 37.69 33.43
N ASP E 106 -35.96 37.99 34.62
CA ASP E 106 -35.02 39.11 34.82
C ASP E 106 -33.61 38.84 34.25
N LYS E 107 -33.10 37.63 34.47
CA LYS E 107 -31.76 37.25 34.01
C LYS E 107 -31.73 36.55 32.64
N GLY E 108 -32.90 36.13 32.15
CA GLY E 108 -32.99 35.38 30.90
C GLY E 108 -32.52 33.94 31.08
N VAL E 109 -32.11 33.32 29.98
CA VAL E 109 -31.57 31.96 30.00
C VAL E 109 -30.05 32.04 30.19
N TYR E 110 -29.57 31.49 31.31
CA TYR E 110 -28.14 31.47 31.63
C TYR E 110 -27.71 30.12 32.20
N LYS E 111 -26.40 29.92 32.30
CA LYS E 111 -25.83 28.65 32.79
C LYS E 111 -25.27 28.80 34.20
N THR E 112 -25.47 27.78 35.03
CA THR E 112 -25.03 27.78 36.43
C THR E 112 -23.75 26.97 36.63
N ASN E 113 -23.18 27.06 37.83
CA ASN E 113 -21.94 26.35 38.17
C ASN E 113 -22.13 24.85 38.41
N THR E 114 -23.36 24.41 38.67
CA THR E 114 -23.66 22.99 38.93
C THR E 114 -23.47 22.14 37.67
N ALA E 115 -22.80 21.00 37.84
CA ALA E 115 -22.50 20.10 36.72
C ALA E 115 -23.66 19.13 36.46
N VAL E 116 -23.74 18.65 35.22
CA VAL E 116 -24.79 17.71 34.81
C VAL E 116 -24.64 16.32 35.45
N THR E 117 -23.40 15.95 35.79
CA THR E 117 -23.13 14.73 36.57
C THR E 117 -23.68 14.85 37.99
N SER E 118 -23.57 16.03 38.58
CA SER E 118 -24.16 16.32 39.90
C SER E 118 -25.68 16.45 39.80
N SER E 119 -26.33 16.49 40.97
CA SER E 119 -27.80 16.54 41.04
C SER E 119 -28.37 17.88 40.57
N GLN E 120 -29.67 17.89 40.30
CA GLN E 120 -30.37 19.07 39.78
C GLN E 120 -30.41 20.19 40.83
N PRO E 121 -30.13 21.45 40.42
CA PRO E 121 -30.29 22.59 41.33
C PRO E 121 -31.73 22.76 41.83
N GLU E 122 -31.88 22.99 43.14
CA GLU E 122 -33.20 23.16 43.75
C GLU E 122 -33.86 24.46 43.34
N SER E 123 -33.09 25.55 43.31
CA SER E 123 -33.54 26.85 42.83
C SER E 123 -32.44 27.53 42.02
N CYS E 124 -32.85 28.36 41.06
CA CYS E 124 -31.92 29.07 40.17
C CYS E 124 -31.18 30.18 40.93
N PRO E 125 -29.92 30.48 40.53
CA PRO E 125 -29.18 31.57 41.19
C PRO E 125 -29.78 32.97 40.98
N PHE F 1 14.93 -10.81 -3.15
CA PHE F 1 13.47 -10.65 -3.39
C PHE F 1 12.86 -11.99 -3.81
N THR F 2 12.27 -12.69 -2.84
CA THR F 2 11.69 -14.02 -3.06
C THR F 2 10.27 -13.95 -3.63
N LEU F 3 9.76 -15.09 -4.05
CA LEU F 3 8.36 -15.23 -4.47
C LEU F 3 7.43 -15.19 -3.26
N ILE F 4 7.82 -15.83 -2.16
CA ILE F 4 7.06 -15.79 -0.90
C ILE F 4 6.92 -14.38 -0.32
N GLU F 5 7.96 -13.55 -0.45
CA GLU F 5 7.90 -12.15 -0.02
C GLU F 5 6.94 -11.33 -0.90
N LEU F 6 6.87 -11.67 -2.18
CA LEU F 6 5.89 -11.08 -3.09
C LEU F 6 4.48 -11.61 -2.84
N LEU F 7 4.39 -12.91 -2.55
CA LEU F 7 3.10 -13.59 -2.34
C LEU F 7 2.37 -13.11 -1.09
N ILE F 8 3.10 -12.92 0.01
CA ILE F 8 2.52 -12.35 1.23
C ILE F 8 2.09 -10.89 1.07
N VAL F 9 2.84 -10.12 0.27
CA VAL F 9 2.46 -8.74 -0.06
C VAL F 9 1.15 -8.70 -0.86
N ILE F 10 0.96 -9.65 -1.77
CA ILE F 10 -0.30 -9.79 -2.51
C ILE F 10 -1.45 -10.17 -1.56
N ALA F 11 -1.16 -11.02 -0.58
CA ALA F 11 -2.14 -11.43 0.43
C ALA F 11 -2.61 -10.28 1.32
N ILE F 12 -1.68 -9.41 1.73
CA ILE F 12 -1.99 -8.26 2.59
C ILE F 12 -2.78 -7.17 1.82
N ILE F 13 -2.46 -6.97 0.55
CA ILE F 13 -3.20 -6.03 -0.31
C ILE F 13 -4.68 -6.43 -0.42
N ALA F 14 -4.95 -7.73 -0.52
CA ALA F 14 -6.33 -8.24 -0.54
C ALA F 14 -7.09 -7.98 0.77
N ILE F 15 -6.38 -8.05 1.89
CA ILE F 15 -6.94 -7.77 3.21
C ILE F 15 -7.21 -6.27 3.39
N LEU F 16 -6.21 -5.45 3.08
CA LEU F 16 -6.32 -3.99 3.19
C LEU F 16 -7.36 -3.39 2.23
N ALA F 17 -7.49 -3.96 1.04
CA ALA F 17 -8.49 -3.52 0.06
C ALA F 17 -9.94 -3.78 0.49
N ALA F 18 -10.14 -4.79 1.35
CA ALA F 18 -11.48 -5.10 1.87
C ALA F 18 -11.84 -4.20 3.05
N VAL F 19 -10.98 -4.16 4.06
CA VAL F 19 -11.29 -3.49 5.34
C VAL F 19 -11.25 -1.96 5.30
N LEU F 20 -10.29 -1.39 4.58
CA LEU F 20 -10.07 0.07 4.57
C LEU F 20 -11.09 0.85 3.72
N ILE F 21 -11.71 0.18 2.76
CA ILE F 21 -12.74 0.80 1.91
C ILE F 21 -14.02 0.92 2.76
N PRO F 22 -14.49 2.15 3.03
CA PRO F 22 -15.64 2.35 3.91
C PRO F 22 -16.98 2.06 3.23
N ASN F 23 -18.05 2.03 4.04
CA ASN F 23 -19.41 1.88 3.53
C ASN F 23 -19.84 3.18 2.87
N LEU F 24 -19.88 3.18 1.53
CA LEU F 24 -20.22 4.37 0.75
C LEU F 24 -21.70 4.68 0.79
N LEU F 25 -22.53 3.65 0.57
CA LEU F 25 -23.99 3.79 0.50
C LEU F 25 -24.58 4.41 1.77
N ALA F 26 -24.11 3.96 2.93
CA ALA F 26 -24.57 4.48 4.22
C ALA F 26 -24.14 5.92 4.44
N ALA F 27 -22.91 6.26 4.05
CA ALA F 27 -22.38 7.63 4.16
C ALA F 27 -23.19 8.65 3.35
N ARG F 28 -23.64 8.25 2.16
CA ARG F 28 -24.44 9.13 1.30
C ARG F 28 -25.87 9.35 1.81
N LYS F 29 -26.46 8.32 2.43
CA LYS F 29 -27.83 8.43 3.00
C LYS F 29 -28.01 9.63 3.94
N ARG F 30 -27.02 9.86 4.80
CA ARG F 30 -27.09 10.96 5.77
C ARG F 30 -26.83 12.31 5.13
N ALA F 31 -25.95 12.33 4.12
CA ALA F 31 -25.74 13.52 3.30
C ALA F 31 -26.99 13.87 2.47
N ASN F 32 -27.67 12.84 1.97
CA ASN F 32 -28.94 13.01 1.25
C ASN F 32 -30.06 13.56 2.15
N ASP F 33 -30.07 13.16 3.43
CA ASP F 33 -31.01 13.70 4.42
C ASP F 33 -30.75 15.19 4.68
N THR F 34 -29.48 15.58 4.69
CA THR F 34 -29.09 16.99 4.85
C THR F 34 -29.59 17.87 3.69
N VAL F 35 -29.59 17.31 2.48
CA VAL F 35 -30.10 18.01 1.29
C VAL F 35 -31.61 18.21 1.39
N VAL F 36 -32.33 17.18 1.86
CA VAL F 36 -33.78 17.25 2.04
C VAL F 36 -34.15 18.19 3.18
N THR F 37 -33.42 18.10 4.29
CA THR F 37 -33.63 18.98 5.45
C THR F 37 -33.31 20.44 5.12
N ALA F 38 -32.24 20.66 4.36
CA ALA F 38 -31.85 22.02 3.94
C ALA F 38 -32.87 22.65 2.98
N TYR F 39 -33.36 21.86 2.03
CA TYR F 39 -34.35 22.34 1.05
C TYR F 39 -35.71 22.63 1.70
N LEU F 40 -36.12 21.81 2.65
CA LEU F 40 -37.32 22.07 3.45
C LEU F 40 -37.14 23.27 4.38
N ASN F 41 -35.95 23.42 4.96
CA ASN F 41 -35.61 24.60 5.77
C ASN F 41 -35.64 25.88 4.93
N ASP F 42 -35.17 25.80 3.69
CA ASP F 42 -35.28 26.90 2.73
C ASP F 42 -36.73 27.12 2.29
N ALA F 43 -37.47 26.03 2.06
CA ALA F 43 -38.88 26.09 1.68
C ALA F 43 -39.75 26.78 2.73
N VAL F 44 -39.44 26.55 4.01
CA VAL F 44 -40.14 27.21 5.12
C VAL F 44 -39.90 28.73 5.13
N LYS F 45 -38.69 29.16 4.77
CA LYS F 45 -38.36 30.59 4.71
C LYS F 45 -39.15 31.32 3.63
N PHE F 46 -39.16 30.76 2.41
CA PHE F 46 -39.89 31.36 1.29
C PHE F 46 -41.42 31.23 1.40
N GLN F 47 -41.90 30.31 2.24
CA GLN F 47 -43.32 30.28 2.62
C GLN F 47 -43.69 31.49 3.49
N GLU F 48 -42.80 31.84 4.41
CA GLU F 48 -42.98 33.04 5.25
C GLU F 48 -42.85 34.35 4.45
N MET F 49 -42.01 34.34 3.42
CA MET F 49 -41.88 35.50 2.52
C MET F 49 -43.12 35.71 1.65
N TYR F 50 -43.76 34.62 1.23
CA TYR F 50 -45.03 34.69 0.50
C TYR F 50 -46.18 35.12 1.42
N GLN F 51 -46.10 34.75 2.69
CA GLN F 51 -47.05 35.19 3.72
C GLN F 51 -47.00 36.70 3.96
N ILE F 52 -45.81 37.31 3.82
CA ILE F 52 -45.65 38.77 3.90
C ILE F 52 -46.34 39.46 2.73
N ASP F 53 -46.19 38.91 1.52
CA ASP F 53 -46.75 39.50 0.30
C ASP F 53 -48.26 39.29 0.18
N ASN F 54 -48.67 38.03 0.15
CA ASN F 54 -50.05 37.65 -0.18
C ASN F 54 -50.98 37.37 1.00
N ASN F 55 -50.44 37.29 2.22
CA ASN F 55 -51.18 36.92 3.43
C ASN F 55 -51.81 35.52 3.33
N SER F 56 -51.02 34.58 2.81
CA SER F 56 -51.43 33.18 2.68
C SER F 56 -50.20 32.29 2.42
N TYR F 57 -50.43 30.98 2.34
CA TYR F 57 -49.37 30.01 2.01
C TYR F 57 -49.62 29.39 0.63
N THR F 58 -48.53 29.01 -0.03
CA THR F 58 -48.58 28.54 -1.41
C THR F 58 -48.86 27.05 -1.51
N SER F 59 -49.79 26.68 -2.39
CA SER F 59 -50.02 25.29 -2.76
C SER F 59 -49.01 24.84 -3.82
N ASN F 60 -48.80 25.68 -4.83
CA ASN F 60 -47.86 25.38 -5.92
C ASN F 60 -46.41 25.74 -5.56
N GLN F 61 -45.47 25.01 -6.16
CA GLN F 61 -44.04 25.23 -5.93
C GLN F 61 -43.50 26.43 -6.71
N ALA F 62 -44.04 26.67 -7.91
CA ALA F 62 -43.61 27.77 -8.77
C ALA F 62 -43.72 29.17 -8.13
N ALA F 63 -44.68 29.33 -7.22
CA ALA F 63 -44.82 30.56 -6.45
C ALA F 63 -43.63 30.79 -5.51
N LEU F 64 -43.17 29.73 -4.86
CA LEU F 64 -41.99 29.79 -3.97
C LEU F 64 -40.70 30.02 -4.75
N ILE F 65 -40.60 29.43 -5.94
CA ILE F 65 -39.41 29.57 -6.81
C ILE F 65 -39.31 30.99 -7.37
N SER F 66 -40.46 31.59 -7.70
CA SER F 66 -40.50 32.98 -8.21
C SER F 66 -39.97 34.01 -7.19
N LEU F 67 -40.26 33.78 -5.91
CA LEU F 67 -39.77 34.64 -4.83
C LEU F 67 -38.25 34.58 -4.63
N GLY F 68 -37.64 33.42 -4.91
CA GLY F 68 -36.20 33.23 -4.73
C GLY F 68 -35.69 31.81 -4.47
N LEU F 69 -36.56 30.91 -4.00
CA LEU F 69 -36.19 29.51 -3.76
C LEU F 69 -35.61 28.83 -5.00
N LYS F 70 -34.66 27.92 -4.79
CA LYS F 70 -34.02 27.20 -5.88
C LYS F 70 -34.95 26.12 -6.45
N SER F 71 -34.56 25.57 -7.60
CA SER F 71 -35.27 24.44 -8.20
C SER F 71 -35.09 23.19 -7.34
N THR F 72 -35.97 22.21 -7.52
CA THR F 72 -35.93 20.96 -6.75
C THR F 72 -34.58 20.26 -6.97
N PRO F 73 -33.93 19.78 -5.88
CA PRO F 73 -32.61 19.15 -6.07
C PRO F 73 -32.66 17.81 -6.82
N ALA F 74 -31.49 17.35 -7.26
CA ALA F 74 -31.38 16.11 -8.02
C ALA F 74 -31.72 14.91 -7.14
N ASN F 75 -32.59 14.04 -7.66
CA ASN F 75 -33.07 12.84 -6.95
C ASN F 75 -33.81 13.19 -5.64
N VAL F 76 -34.62 14.25 -5.68
CA VAL F 76 -35.45 14.69 -4.55
C VAL F 76 -36.87 14.93 -5.05
N THR F 77 -37.85 14.42 -4.29
CA THR F 77 -39.27 14.53 -4.63
C THR F 77 -39.99 15.46 -3.66
N PHE F 78 -39.82 16.76 -3.89
CA PHE F 78 -40.52 17.80 -3.12
C PHE F 78 -41.97 17.87 -3.59
N SER F 79 -42.90 18.02 -2.64
CA SER F 79 -44.33 18.05 -2.93
C SER F 79 -45.12 18.64 -1.77
N ILE F 80 -45.75 19.80 -2.00
CA ILE F 80 -46.58 20.46 -1.00
C ILE F 80 -47.94 19.77 -0.98
N VAL F 81 -48.32 19.27 0.20
CA VAL F 81 -49.59 18.54 0.37
C VAL F 81 -50.76 19.51 0.30
N SER F 82 -50.74 20.50 1.21
CA SER F 82 -51.80 21.51 1.30
C SER F 82 -51.28 22.78 1.94
N ALA F 83 -51.99 23.87 1.71
CA ALA F 83 -51.60 25.19 2.23
C ALA F 83 -52.81 26.11 2.37
N SER F 84 -53.37 26.13 3.57
CA SER F 84 -54.46 27.06 3.90
C SER F 84 -53.90 28.45 4.18
N ALA F 85 -54.78 29.40 4.50
CA ALA F 85 -54.39 30.78 4.79
C ALA F 85 -53.39 30.90 5.95
N ASN F 86 -53.57 30.09 6.99
CA ASN F 86 -52.75 30.16 8.21
C ASN F 86 -52.04 28.83 8.56
N SER F 87 -51.78 27.98 7.56
CA SER F 87 -51.03 26.74 7.78
C SER F 87 -50.47 26.16 6.47
N TYR F 88 -49.61 25.16 6.61
CA TYR F 88 -49.07 24.42 5.46
C TYR F 88 -48.53 23.05 5.85
N CYS F 89 -48.37 22.19 4.84
CA CYS F 89 -47.80 20.85 5.01
C CYS F 89 -46.99 20.50 3.75
N MET F 90 -45.68 20.27 3.93
CA MET F 90 -44.77 20.01 2.83
C MET F 90 -43.95 18.75 3.10
N ILE F 91 -44.22 17.68 2.34
CA ILE F 91 -43.46 16.43 2.41
C ILE F 91 -42.35 16.47 1.35
N ALA F 92 -41.18 15.95 1.72
CA ALA F 92 -40.05 15.84 0.80
C ALA F 92 -39.10 14.73 1.23
N GLY F 93 -38.42 14.13 0.26
CA GLY F 93 -37.50 13.01 0.51
C GLY F 93 -36.58 12.71 -0.65
N HIS F 94 -35.42 12.15 -0.33
CA HIS F 94 -34.43 11.74 -1.33
C HIS F 94 -34.70 10.28 -1.70
N SER F 95 -34.35 9.90 -2.93
CA SER F 95 -34.60 8.53 -3.41
C SER F 95 -33.75 7.51 -2.67
N GLY F 96 -32.47 7.82 -2.48
CA GLY F 96 -31.55 7.03 -1.66
C GLY F 96 -31.25 7.67 -0.33
N GLY F 97 -32.31 8.06 0.38
CA GLY F 97 -32.21 8.63 1.73
C GLY F 97 -32.57 7.59 2.77
N THR F 98 -33.05 8.06 3.92
CA THR F 98 -33.48 7.20 5.02
C THR F 98 -35.00 7.17 5.14
N VAL F 99 -35.59 8.34 5.36
CA VAL F 99 -37.04 8.50 5.51
C VAL F 99 -37.54 9.82 4.91
N TRP F 100 -38.85 9.94 4.77
CA TRP F 100 -39.48 11.17 4.30
C TRP F 100 -39.43 12.23 5.40
N PHE F 101 -39.30 13.49 5.00
CA PHE F 101 -39.26 14.63 5.91
C PHE F 101 -40.47 15.53 5.69
N ALA F 102 -41.22 15.79 6.75
CA ALA F 102 -42.35 16.72 6.72
C ALA F 102 -41.89 18.14 7.07
N ALA F 103 -42.78 19.11 6.89
CA ALA F 103 -42.47 20.51 7.20
C ALA F 103 -43.74 21.34 7.39
N THR F 104 -44.08 21.59 8.66
CA THR F 104 -45.25 22.38 9.05
C THR F 104 -44.76 23.58 9.87
N PRO F 105 -45.62 24.61 10.04
CA PRO F 105 -45.16 25.78 10.82
C PRO F 105 -45.05 25.53 12.33
N ASP F 106 -45.99 24.78 12.90
CA ASP F 106 -46.00 24.51 14.35
C ASP F 106 -44.88 23.54 14.80
N LYS F 107 -44.65 22.48 14.04
CA LYS F 107 -43.64 21.46 14.37
C LYS F 107 -42.28 21.70 13.71
N GLY F 108 -42.22 22.60 12.73
CA GLY F 108 -40.99 22.85 11.98
C GLY F 108 -40.71 21.73 10.99
N VAL F 109 -39.45 21.58 10.61
CA VAL F 109 -39.01 20.51 9.71
C VAL F 109 -38.60 19.30 10.56
N TYR F 110 -39.32 18.19 10.39
CA TYR F 110 -39.05 16.94 11.12
C TYR F 110 -39.15 15.73 10.20
N LYS F 111 -38.69 14.58 10.70
CA LYS F 111 -38.69 13.34 9.92
C LYS F 111 -39.77 12.38 10.42
N THR F 112 -40.41 11.68 9.47
CA THR F 112 -41.51 10.74 9.76
C THR F 112 -41.03 9.29 9.73
N ASN F 113 -41.91 8.39 10.15
CA ASN F 113 -41.60 6.95 10.19
C ASN F 113 -41.62 6.27 8.82
N THR F 114 -42.25 6.90 7.82
CA THR F 114 -42.35 6.34 6.47
C THR F 114 -41.00 6.33 5.77
N ALA F 115 -40.67 5.19 5.13
CA ALA F 115 -39.39 5.01 4.46
C ALA F 115 -39.43 5.55 3.03
N VAL F 116 -38.26 5.91 2.51
CA VAL F 116 -38.14 6.45 1.14
C VAL F 116 -38.41 5.38 0.06
N THR F 117 -38.16 4.12 0.38
CA THR F 117 -38.54 2.99 -0.49
C THR F 117 -40.06 2.85 -0.59
N SER F 118 -40.77 3.09 0.52
CA SER F 118 -42.23 3.12 0.53
C SER F 118 -42.76 4.38 -0.14
N SER F 119 -44.07 4.40 -0.38
CA SER F 119 -44.73 5.52 -1.08
C SER F 119 -44.77 6.80 -0.24
N GLN F 120 -45.05 7.92 -0.91
CA GLN F 120 -45.05 9.23 -0.27
C GLN F 120 -46.22 9.35 0.72
N PRO F 121 -45.97 9.92 1.93
CA PRO F 121 -47.05 10.21 2.87
C PRO F 121 -48.10 11.17 2.31
N GLU F 122 -49.37 10.84 2.50
CA GLU F 122 -50.49 11.67 2.01
C GLU F 122 -50.60 12.98 2.78
N SER F 123 -50.47 12.90 4.09
CA SER F 123 -50.45 14.08 4.96
C SER F 123 -49.40 13.91 6.07
N CYS F 124 -48.85 15.04 6.52
CA CYS F 124 -47.81 15.05 7.56
C CYS F 124 -48.40 14.67 8.93
N PRO F 125 -47.60 14.03 9.82
CA PRO F 125 -48.10 13.70 11.16
C PRO F 125 -48.39 14.92 12.05
N PHE G 1 16.78 -21.43 -5.11
CA PHE G 1 16.40 -20.11 -5.73
C PHE G 1 16.78 -20.11 -7.21
N THR G 2 15.80 -20.40 -8.06
CA THR G 2 16.01 -20.51 -9.51
C THR G 2 15.95 -19.15 -10.19
N LEU G 3 16.33 -19.12 -11.47
CA LEU G 3 16.19 -17.94 -12.31
C LEU G 3 14.72 -17.70 -12.68
N ILE G 4 14.01 -18.80 -12.98
CA ILE G 4 12.56 -18.73 -13.28
C ILE G 4 11.72 -18.19 -12.11
N GLU G 5 12.10 -18.54 -10.87
CA GLU G 5 11.43 -18.01 -9.68
C GLU G 5 11.71 -16.51 -9.50
N LEU G 6 12.90 -16.06 -9.89
CA LEU G 6 13.24 -14.63 -9.92
C LEU G 6 12.55 -13.92 -11.08
N LEU G 7 12.48 -14.59 -12.23
CA LEU G 7 11.91 -14.03 -13.46
C LEU G 7 10.42 -13.77 -13.36
N ILE G 8 9.68 -14.71 -12.76
CA ILE G 8 8.24 -14.52 -12.52
C ILE G 8 7.96 -13.42 -11.48
N VAL G 9 8.84 -13.28 -10.49
CA VAL G 9 8.74 -12.19 -9.50
C VAL G 9 8.93 -10.82 -10.17
N ILE G 10 9.85 -10.74 -11.12
CA ILE G 10 10.06 -9.52 -11.93
C ILE G 10 8.82 -9.23 -12.79
N ALA G 11 8.20 -10.28 -13.33
CA ALA G 11 6.97 -10.15 -14.12
C ALA G 11 5.77 -9.62 -13.32
N ILE G 12 5.62 -10.10 -12.10
CA ILE G 12 4.51 -9.67 -11.22
C ILE G 12 4.70 -8.23 -10.72
N ILE G 13 5.94 -7.83 -10.45
CA ILE G 13 6.26 -6.44 -10.06
C ILE G 13 5.84 -5.44 -11.16
N ALA G 14 6.05 -5.82 -12.42
CA ALA G 14 5.63 -5.00 -13.57
C ALA G 14 4.11 -4.85 -13.65
N ILE G 15 3.38 -5.92 -13.30
CA ILE G 15 1.91 -5.91 -13.28
C ILE G 15 1.39 -5.07 -12.12
N LEU G 16 1.92 -5.31 -10.92
CA LEU G 16 1.51 -4.58 -9.71
C LEU G 16 1.86 -3.09 -9.77
N ALA G 17 2.99 -2.75 -10.39
CA ALA G 17 3.41 -1.34 -10.57
C ALA G 17 2.48 -0.54 -11.51
N ALA G 18 1.81 -1.23 -12.43
CA ALA G 18 0.88 -0.59 -13.35
C ALA G 18 -0.49 -0.38 -12.71
N VAL G 19 -1.07 -1.46 -12.18
CA VAL G 19 -2.47 -1.44 -11.71
C VAL G 19 -2.69 -0.73 -10.37
N LEU G 20 -1.76 -0.89 -9.42
CA LEU G 20 -1.93 -0.35 -8.06
C LEU G 20 -1.70 1.16 -7.94
N ILE G 21 -0.96 1.74 -8.89
CA ILE G 21 -0.71 3.18 -8.92
C ILE G 21 -2.00 3.86 -9.42
N PRO G 22 -2.64 4.69 -8.59
CA PRO G 22 -3.93 5.29 -8.96
C PRO G 22 -3.80 6.47 -9.92
N ASN G 23 -4.93 6.93 -10.44
CA ASN G 23 -4.99 8.12 -11.29
C ASN G 23 -4.78 9.36 -10.43
N LEU G 24 -3.60 9.96 -10.52
CA LEU G 24 -3.24 11.12 -9.70
C LEU G 24 -3.91 12.40 -10.20
N LEU G 25 -3.85 12.63 -11.51
CA LEU G 25 -4.39 13.86 -12.12
C LEU G 25 -5.87 14.06 -11.82
N ALA G 26 -6.65 12.98 -11.92
CA ALA G 26 -8.09 13.03 -11.65
C ALA G 26 -8.38 13.29 -10.17
N ALA G 27 -7.61 12.67 -9.28
CA ALA G 27 -7.75 12.88 -7.82
C ALA G 27 -7.51 14.33 -7.39
N ARG G 28 -6.55 15.00 -8.02
CA ARG G 28 -6.24 16.41 -7.72
C ARG G 28 -7.30 17.38 -8.23
N LYS G 29 -7.91 17.09 -9.38
CA LYS G 29 -8.97 17.94 -9.97
C LYS G 29 -10.11 18.25 -8.97
N ARG G 30 -10.55 17.23 -8.24
CA ARG G 30 -11.65 17.39 -7.27
C ARG G 30 -11.19 18.11 -6.01
N ALA G 31 -9.95 17.89 -5.60
CA ALA G 31 -9.34 18.64 -4.50
C ALA G 31 -9.14 20.11 -4.88
N ASN G 32 -8.79 20.37 -6.14
CA ASN G 32 -8.66 21.73 -6.67
C ASN G 32 -10.01 22.46 -6.73
N ASP G 33 -11.09 21.73 -7.01
CA ASP G 33 -12.45 22.28 -6.96
C ASP G 33 -12.86 22.69 -5.54
N THR G 34 -12.44 21.90 -4.56
CA THR G 34 -12.69 22.20 -3.15
C THR G 34 -11.98 23.50 -2.70
N VAL G 35 -10.79 23.75 -3.24
CA VAL G 35 -10.04 24.98 -2.96
C VAL G 35 -10.76 26.20 -3.56
N VAL G 36 -11.29 26.06 -4.77
CA VAL G 36 -12.03 27.13 -5.44
C VAL G 36 -13.38 27.37 -4.76
N THR G 37 -14.07 26.30 -4.41
CA THR G 37 -15.35 26.38 -3.70
C THR G 37 -15.19 26.97 -2.30
N ALA G 38 -14.12 26.58 -1.61
CA ALA G 38 -13.83 27.11 -0.26
C ALA G 38 -13.48 28.61 -0.30
N TYR G 39 -12.67 29.02 -1.26
CA TYR G 39 -12.27 30.42 -1.41
C TYR G 39 -13.44 31.33 -1.80
N LEU G 40 -14.31 30.83 -2.68
CA LEU G 40 -15.55 31.54 -3.02
C LEU G 40 -16.54 31.58 -1.85
N ASN G 41 -16.61 30.49 -1.09
CA ASN G 41 -17.42 30.44 0.13
C ASN G 41 -16.91 31.44 1.18
N ASP G 42 -15.59 31.56 1.29
CA ASP G 42 -14.96 32.59 2.14
C ASP G 42 -15.18 33.99 1.56
N ALA G 43 -15.07 34.13 0.25
CA ALA G 43 -15.28 35.41 -0.44
C ALA G 43 -16.70 35.96 -0.24
N VAL G 44 -17.69 35.06 -0.22
CA VAL G 44 -19.10 35.44 0.05
C VAL G 44 -19.27 35.99 1.47
N LYS G 45 -18.55 35.41 2.44
CA LYS G 45 -18.62 35.87 3.84
C LYS G 45 -18.08 37.29 4.02
N PHE G 46 -16.89 37.54 3.48
CA PHE G 46 -16.27 38.88 3.55
C PHE G 46 -16.94 39.94 2.68
N GLN G 47 -17.74 39.51 1.69
CA GLN G 47 -18.63 40.42 0.95
C GLN G 47 -19.77 40.90 1.85
N GLU G 48 -20.33 40.00 2.65
CA GLU G 48 -21.36 40.35 3.63
C GLU G 48 -20.82 41.21 4.78
N MET G 49 -19.56 41.01 5.15
CA MET G 49 -18.90 41.85 6.17
C MET G 49 -18.64 43.28 5.68
N TYR G 50 -18.31 43.42 4.40
CA TYR G 50 -18.17 44.75 3.78
C TYR G 50 -19.53 45.44 3.62
N GLN G 51 -20.58 44.65 3.40
CA GLN G 51 -21.97 45.15 3.34
C GLN G 51 -22.42 45.74 4.69
N ILE G 52 -21.94 45.17 5.79
CA ILE G 52 -22.21 45.71 7.14
C ILE G 52 -21.55 47.09 7.32
N ASP G 53 -20.30 47.21 6.86
CA ASP G 53 -19.53 48.45 7.03
C ASP G 53 -19.97 49.55 6.07
N ASN G 54 -19.89 49.28 4.78
CA ASN G 54 -20.05 50.30 3.73
C ASN G 54 -21.45 50.38 3.08
N ASN G 55 -22.31 49.40 3.35
CA ASN G 55 -23.63 49.28 2.72
C ASN G 55 -23.53 49.12 1.19
N SER G 56 -22.59 48.30 0.75
CA SER G 56 -22.37 47.99 -0.66
C SER G 56 -21.52 46.74 -0.82
N TYR G 57 -21.29 46.32 -2.06
CA TYR G 57 -20.40 45.19 -2.38
C TYR G 57 -19.15 45.68 -3.11
N THR G 58 -18.04 44.95 -2.91
CA THR G 58 -16.73 45.35 -3.41
C THR G 58 -16.49 44.89 -4.85
N SER G 59 -15.99 45.81 -5.68
CA SER G 59 -15.51 45.47 -7.01
C SER G 59 -14.08 44.95 -6.93
N ASN G 60 -13.23 45.62 -6.15
CA ASN G 60 -11.82 45.22 -5.98
C ASN G 60 -11.64 44.13 -4.92
N GLN G 61 -10.60 43.32 -5.10
CA GLN G 61 -10.28 42.22 -4.19
C GLN G 61 -9.59 42.72 -2.91
N ALA G 62 -8.76 43.76 -3.04
CA ALA G 62 -8.00 44.32 -1.91
C ALA G 62 -8.88 44.79 -0.74
N ALA G 63 -10.11 45.22 -1.04
CA ALA G 63 -11.08 45.59 -0.01
C ALA G 63 -11.50 44.39 0.84
N LEU G 64 -11.72 43.24 0.18
CA LEU G 64 -12.07 41.99 0.88
C LEU G 64 -10.90 41.44 1.69
N ILE G 65 -9.68 41.59 1.17
CA ILE G 65 -8.46 41.13 1.86
C ILE G 65 -8.17 41.96 3.11
N SER G 66 -8.42 43.27 3.03
CA SER G 66 -8.24 44.18 4.17
C SER G 66 -9.12 43.83 5.37
N LEU G 67 -10.36 43.40 5.09
CA LEU G 67 -11.29 42.96 6.14
C LEU G 67 -10.85 41.68 6.87
N GLY G 68 -10.16 40.78 6.16
CA GLY G 68 -9.73 39.50 6.74
C GLY G 68 -9.51 38.33 5.80
N LEU G 69 -10.11 38.37 4.60
CA LEU G 69 -9.93 37.31 3.59
C LEU G 69 -8.46 37.08 3.24
N LYS G 70 -8.12 35.82 2.95
CA LYS G 70 -6.75 35.45 2.60
C LYS G 70 -6.42 35.90 1.17
N SER G 71 -5.13 35.82 0.84
CA SER G 71 -4.66 36.09 -0.52
C SER G 71 -5.14 34.99 -1.46
N THR G 72 -5.14 35.27 -2.76
CA THR G 72 -5.61 34.32 -3.77
C THR G 72 -4.76 33.04 -3.71
N PRO G 73 -5.39 31.84 -3.74
CA PRO G 73 -4.60 30.61 -3.62
C PRO G 73 -3.70 30.33 -4.83
N ALA G 74 -2.76 29.41 -4.65
CA ALA G 74 -1.80 29.05 -5.70
C ALA G 74 -2.52 28.36 -6.86
N ASN G 75 -2.23 28.83 -8.08
CA ASN G 75 -2.85 28.33 -9.31
C ASN G 75 -4.38 28.50 -9.33
N VAL G 76 -4.85 29.65 -8.82
CA VAL G 76 -6.27 30.00 -8.82
C VAL G 76 -6.42 31.42 -9.36
N THR G 77 -7.40 31.61 -10.25
CA THR G 77 -7.66 32.90 -10.90
C THR G 77 -8.98 33.48 -10.41
N PHE G 78 -8.95 34.07 -9.22
CA PHE G 78 -10.10 34.77 -8.65
C PHE G 78 -10.27 36.12 -9.35
N SER G 79 -11.52 36.48 -9.64
CA SER G 79 -11.82 37.73 -10.36
C SER G 79 -13.28 38.13 -10.18
N ILE G 80 -13.52 39.26 -9.53
CA ILE G 80 -14.87 39.77 -9.32
C ILE G 80 -15.30 40.48 -10.61
N VAL G 81 -16.42 40.04 -11.18
CA VAL G 81 -16.94 40.58 -12.43
C VAL G 81 -17.53 41.97 -12.20
N SER G 82 -18.50 42.04 -11.30
CA SER G 82 -19.18 43.30 -10.97
C SER G 82 -19.79 43.24 -9.57
N ALA G 83 -20.05 44.41 -9.00
CA ALA G 83 -20.60 44.50 -7.65
C ALA G 83 -21.37 45.82 -7.46
N SER G 84 -22.68 45.75 -7.66
CA SER G 84 -23.57 46.88 -7.41
C SER G 84 -23.85 47.00 -5.91
N ALA G 85 -24.65 47.99 -5.53
CA ALA G 85 -25.01 48.22 -4.13
C ALA G 85 -25.68 47.02 -3.46
N ASN G 86 -26.55 46.32 -4.19
CA ASN G 86 -27.34 45.20 -3.66
C ASN G 86 -27.15 43.88 -4.42
N SER G 87 -25.99 43.70 -5.06
CA SER G 87 -25.66 42.43 -5.74
C SER G 87 -24.17 42.29 -6.02
N TYR G 88 -23.77 41.09 -6.44
CA TYR G 88 -22.39 40.83 -6.87
C TYR G 88 -22.28 39.58 -7.76
N CYS G 89 -21.15 39.48 -8.47
CA CYS G 89 -20.84 38.32 -9.31
C CYS G 89 -19.34 38.07 -9.27
N MET G 90 -18.94 36.89 -8.78
CA MET G 90 -17.54 36.53 -8.60
C MET G 90 -17.23 35.18 -9.26
N ILE G 91 -16.47 35.22 -10.35
CA ILE G 91 -16.01 34.01 -11.04
C ILE G 91 -14.62 33.62 -10.50
N ALA G 92 -14.40 32.32 -10.33
CA ALA G 92 -13.11 31.79 -9.90
C ALA G 92 -12.92 30.35 -10.35
N GLY G 93 -11.68 29.96 -10.57
CA GLY G 93 -11.35 28.62 -11.05
C GLY G 93 -9.88 28.26 -10.90
N HIS G 94 -9.61 26.96 -10.78
CA HIS G 94 -8.24 26.44 -10.68
C HIS G 94 -7.76 26.09 -12.08
N SER G 95 -6.45 26.19 -12.30
CA SER G 95 -5.86 25.93 -13.62
C SER G 95 -6.01 24.47 -14.04
N GLY G 96 -5.73 23.56 -13.11
CA GLY G 96 -5.98 22.12 -13.29
C GLY G 96 -7.18 21.63 -12.52
N GLY G 97 -8.31 22.33 -12.68
CA GLY G 97 -9.58 21.93 -12.08
C GLY G 97 -10.48 21.27 -13.10
N THR G 98 -11.80 21.38 -12.88
CA THR G 98 -12.80 20.82 -13.78
C THR G 98 -13.49 21.92 -14.57
N VAL G 99 -14.14 22.85 -13.86
CA VAL G 99 -14.87 23.97 -14.45
C VAL G 99 -14.75 25.23 -13.60
N TRP G 100 -15.15 26.36 -14.17
CA TRP G 100 -15.21 27.64 -13.45
C TRP G 100 -16.38 27.63 -12.46
N PHE G 101 -16.18 28.30 -11.32
CA PHE G 101 -17.21 28.42 -10.28
C PHE G 101 -17.63 29.87 -10.14
N ALA G 102 -18.94 30.12 -10.23
CA ALA G 102 -19.51 31.45 -10.01
C ALA G 102 -19.90 31.61 -8.55
N ALA G 103 -20.27 32.83 -8.17
CA ALA G 103 -20.67 33.14 -6.79
C ALA G 103 -21.50 34.43 -6.73
N THR G 104 -22.81 34.27 -6.62
CA THR G 104 -23.76 35.38 -6.50
C THR G 104 -24.54 35.22 -5.18
N PRO G 105 -25.21 36.30 -4.71
CA PRO G 105 -25.95 36.18 -3.45
C PRO G 105 -27.21 35.31 -3.53
N ASP G 106 -27.97 35.44 -4.62
CA ASP G 106 -29.23 34.69 -4.78
C ASP G 106 -29.03 33.19 -5.03
N LYS G 107 -28.05 32.83 -5.87
CA LYS G 107 -27.78 31.42 -6.22
C LYS G 107 -26.68 30.78 -5.36
N GLY G 108 -25.94 31.57 -4.59
CA GLY G 108 -24.82 31.07 -3.79
C GLY G 108 -23.62 30.76 -4.66
N VAL G 109 -22.75 29.87 -4.16
CA VAL G 109 -21.58 29.41 -4.91
C VAL G 109 -21.97 28.17 -5.70
N TYR G 110 -21.90 28.25 -7.03
CA TYR G 110 -22.23 27.13 -7.93
C TYR G 110 -21.23 27.03 -9.07
N LYS G 111 -21.28 25.92 -9.80
CA LYS G 111 -20.36 25.64 -10.90
C LYS G 111 -21.06 25.81 -12.26
N THR G 112 -20.33 26.37 -13.23
CA THR G 112 -20.86 26.64 -14.57
C THR G 112 -20.38 25.59 -15.58
N ASN G 113 -20.94 25.65 -16.79
CA ASN G 113 -20.60 24.72 -17.87
C ASN G 113 -19.24 24.99 -18.52
N THR G 114 -18.70 26.21 -18.36
CA THR G 114 -17.43 26.59 -18.97
C THR G 114 -16.26 25.85 -18.32
N ALA G 115 -15.37 25.33 -19.16
CA ALA G 115 -14.21 24.55 -18.70
C ALA G 115 -13.04 25.46 -18.33
N VAL G 116 -12.17 24.95 -17.44
CA VAL G 116 -10.99 25.69 -17.00
C VAL G 116 -9.93 25.86 -18.10
N THR G 117 -9.90 24.92 -19.05
CA THR G 117 -9.06 25.05 -20.25
C THR G 117 -9.53 26.20 -21.14
N SER G 118 -10.85 26.37 -21.24
CA SER G 118 -11.44 27.50 -21.96
C SER G 118 -11.28 28.81 -21.18
N SER G 119 -11.58 29.93 -21.83
CA SER G 119 -11.40 31.27 -21.24
C SER G 119 -12.40 31.54 -20.12
N GLN G 120 -12.11 32.57 -19.33
CA GLN G 120 -12.92 32.94 -18.17
C GLN G 120 -14.29 33.46 -18.61
N PRO G 121 -15.39 33.02 -17.94
CA PRO G 121 -16.72 33.59 -18.20
C PRO G 121 -16.79 35.09 -17.92
N GLU G 122 -17.40 35.83 -18.84
CA GLU G 122 -17.54 37.29 -18.73
C GLU G 122 -18.51 37.67 -17.61
N SER G 123 -19.64 36.98 -17.55
CA SER G 123 -20.63 37.15 -16.48
C SER G 123 -21.18 35.80 -16.04
N CYS G 124 -21.57 35.71 -14.76
CA CYS G 124 -22.11 34.48 -14.18
C CYS G 124 -23.52 34.16 -14.73
N PRO G 125 -23.88 32.87 -14.84
CA PRO G 125 -25.23 32.51 -15.31
C PRO G 125 -26.36 32.94 -14.37
N PHE H 1 21.21 -27.05 -13.39
CA PHE H 1 21.38 -25.88 -12.49
C PHE H 1 22.87 -25.52 -12.36
N THR H 2 23.31 -24.55 -13.17
CA THR H 2 24.71 -24.14 -13.22
C THR H 2 25.06 -23.15 -12.10
N LEU H 3 26.35 -22.89 -11.95
CA LEU H 3 26.85 -21.85 -11.04
C LEU H 3 26.57 -20.46 -11.61
N ILE H 4 26.75 -20.30 -12.92
CA ILE H 4 26.44 -19.03 -13.62
C ILE H 4 24.96 -18.63 -13.53
N GLU H 5 24.06 -19.61 -13.57
CA GLU H 5 22.63 -19.37 -13.38
C GLU H 5 22.30 -18.93 -11.96
N LEU H 6 23.04 -19.46 -10.99
CA LEU H 6 22.95 -19.03 -9.59
C LEU H 6 23.59 -17.66 -9.38
N LEU H 7 24.73 -17.44 -10.05
CA LEU H 7 25.51 -16.21 -9.91
C LEU H 7 24.79 -14.98 -10.45
N ILE H 8 24.13 -15.12 -11.60
CA ILE H 8 23.30 -14.03 -12.15
C ILE H 8 22.07 -13.73 -11.30
N VAL H 9 21.48 -14.77 -10.68
CA VAL H 9 20.36 -14.59 -9.75
C VAL H 9 20.80 -13.80 -8.51
N ILE H 10 22.01 -14.07 -8.02
CA ILE H 10 22.59 -13.29 -6.91
C ILE H 10 22.83 -11.83 -7.32
N ALA H 11 23.26 -11.63 -8.57
CA ALA H 11 23.48 -10.28 -9.12
C ALA H 11 22.20 -9.46 -9.23
N ILE H 12 21.10 -10.09 -9.67
CA ILE H 12 19.81 -9.42 -9.82
C ILE H 12 19.17 -9.08 -8.45
N ILE H 13 19.34 -9.96 -7.46
CA ILE H 13 18.87 -9.70 -6.10
C ILE H 13 19.51 -8.44 -5.50
N ALA H 14 20.80 -8.24 -5.77
CA ALA H 14 21.53 -7.03 -5.35
C ALA H 14 20.97 -5.77 -6.00
N ILE H 15 20.56 -5.87 -7.26
CA ILE H 15 19.98 -4.75 -8.00
C ILE H 15 18.56 -4.44 -7.49
N LEU H 16 17.73 -5.47 -7.37
CA LEU H 16 16.35 -5.32 -6.88
C LEU H 16 16.28 -4.85 -5.42
N ALA H 17 17.22 -5.29 -4.58
CA ALA H 17 17.29 -4.86 -3.18
C ALA H 17 17.63 -3.38 -3.00
N ALA H 18 18.32 -2.79 -3.99
CA ALA H 18 18.67 -1.38 -3.95
C ALA H 18 17.52 -0.50 -4.44
N VAL H 19 17.01 -0.79 -5.63
CA VAL H 19 16.02 0.07 -6.30
C VAL H 19 14.60 0.01 -5.73
N LEU H 20 14.14 -1.18 -5.35
CA LEU H 20 12.75 -1.37 -4.91
C LEU H 20 12.47 -0.87 -3.49
N ILE H 21 13.51 -0.77 -2.66
CA ILE H 21 13.38 -0.25 -1.29
C ILE H 21 13.20 1.28 -1.40
N PRO H 22 12.04 1.81 -0.96
CA PRO H 22 11.77 3.24 -1.12
C PRO H 22 12.48 4.12 -0.08
N ASN H 23 12.42 5.43 -0.29
CA ASN H 23 12.96 6.40 0.67
C ASN H 23 12.03 6.47 1.87
N LEU H 24 12.47 5.88 2.99
CA LEU H 24 11.66 5.81 4.20
C LEU H 24 11.62 7.13 4.95
N LEU H 25 12.79 7.78 5.11
CA LEU H 25 12.90 9.03 5.85
C LEU H 25 12.02 10.14 5.30
N ALA H 26 11.99 10.26 3.97
CA ALA H 26 11.18 11.27 3.29
C ALA H 26 9.68 10.99 3.45
N ALA H 27 9.29 9.72 3.36
CA ALA H 27 7.89 9.30 3.53
C ALA H 27 7.33 9.64 4.92
N ARG H 28 8.16 9.48 5.95
CA ARG H 28 7.76 9.79 7.32
C ARG H 28 7.63 11.29 7.61
N LYS H 29 8.47 12.11 6.99
CA LYS H 29 8.43 13.57 7.15
C LYS H 29 7.04 14.17 6.89
N ARG H 30 6.38 13.71 5.84
CA ARG H 30 5.05 14.22 5.46
C ARG H 30 3.96 13.67 6.37
N ALA H 31 4.12 12.44 6.83
CA ALA H 31 3.23 11.86 7.84
C ALA H 31 3.38 12.57 9.19
N ASN H 32 4.62 12.95 9.52
CA ASN H 32 4.90 13.74 10.74
C ASN H 32 4.30 15.14 10.68
N ASP H 33 4.25 15.74 9.49
CA ASP H 33 3.58 17.03 9.28
C ASP H 33 2.07 16.94 9.49
N THR H 34 1.48 15.81 9.07
CA THR H 34 0.06 15.54 9.28
C THR H 34 -0.30 15.43 10.77
N VAL H 35 0.61 14.87 11.57
CA VAL H 35 0.43 14.76 13.02
C VAL H 35 0.47 16.15 13.67
N VAL H 36 1.38 17.00 13.22
CA VAL H 36 1.51 18.37 13.73
C VAL H 36 0.31 19.23 13.29
N THR H 37 -0.07 19.10 12.03
CA THR H 37 -1.23 19.82 11.48
C THR H 37 -2.54 19.38 12.15
N ALA H 38 -2.68 18.08 12.39
CA ALA H 38 -3.86 17.53 13.07
C ALA H 38 -3.97 17.99 14.52
N TYR H 39 -2.85 17.98 15.24
CA TYR H 39 -2.82 18.40 16.64
C TYR H 39 -3.08 19.90 16.80
N LEU H 40 -2.54 20.71 15.90
CA LEU H 40 -2.85 22.15 15.85
C LEU H 40 -4.30 22.42 15.45
N ASN H 41 -4.82 21.63 14.51
CA ASN H 41 -6.23 21.71 14.12
C ASN H 41 -7.16 21.34 15.29
N ASP H 42 -6.76 20.34 16.07
CA ASP H 42 -7.46 19.99 17.32
C ASP H 42 -7.28 21.06 18.39
N ALA H 43 -6.07 21.62 18.50
CA ALA H 43 -5.77 22.68 19.45
C ALA H 43 -6.60 23.95 19.21
N VAL H 44 -6.85 24.27 17.95
CA VAL H 44 -7.70 25.40 17.56
C VAL H 44 -9.16 25.20 18.01
N LYS H 45 -9.65 23.95 17.94
CA LYS H 45 -11.02 23.63 18.37
C LYS H 45 -11.22 23.81 19.87
N PHE H 46 -10.31 23.26 20.66
CA PHE H 46 -10.38 23.38 22.13
C PHE H 46 -10.04 24.79 22.66
N GLN H 47 -9.38 25.61 21.84
CA GLN H 47 -9.23 27.04 22.13
C GLN H 47 -10.57 27.77 22.02
N GLU H 48 -11.36 27.42 20.99
CA GLU H 48 -12.71 27.96 20.82
C GLU H 48 -13.69 27.47 21.90
N MET H 49 -13.49 26.24 22.38
CA MET H 49 -14.31 25.70 23.48
C MET H 49 -14.02 26.39 24.82
N TYR H 50 -12.76 26.76 25.05
CA TYR H 50 -12.37 27.55 26.23
C TYR H 50 -12.89 28.99 26.12
N GLN H 51 -12.96 29.52 24.90
CA GLN H 51 -13.54 30.84 24.63
C GLN H 51 -15.04 30.89 24.96
N ILE H 52 -15.74 29.78 24.79
CA ILE H 52 -17.16 29.68 25.17
C ILE H 52 -17.32 29.73 26.70
N ASP H 53 -16.44 29.04 27.42
CA ASP H 53 -16.51 28.97 28.88
C ASP H 53 -16.02 30.25 29.56
N ASN H 54 -14.77 30.61 29.30
CA ASN H 54 -14.07 31.67 30.05
C ASN H 54 -14.04 33.05 29.37
N ASN H 55 -14.45 33.13 28.10
CA ASN H 55 -14.37 34.37 27.30
C ASN H 55 -12.93 34.86 27.14
N SER H 56 -12.02 33.93 26.89
CA SER H 56 -10.60 34.23 26.67
C SER H 56 -9.90 33.04 26.02
N TYR H 57 -8.61 33.20 25.71
CA TYR H 57 -7.78 32.11 25.18
C TYR H 57 -6.71 31.69 26.18
N THR H 58 -6.33 30.41 26.13
CA THR H 58 -5.43 29.81 27.12
C THR H 58 -3.96 30.02 26.78
N SER H 59 -3.19 30.43 27.78
CA SER H 59 -1.73 30.47 27.67
C SER H 59 -1.15 29.09 27.94
N ASN H 60 -1.64 28.43 28.99
CA ASN H 60 -1.17 27.09 29.37
C ASN H 60 -1.85 25.97 28.58
N GLN H 61 -1.14 24.87 28.40
CA GLN H 61 -1.65 23.71 27.66
C GLN H 61 -2.61 22.86 28.50
N ALA H 62 -2.36 22.77 29.81
CA ALA H 62 -3.18 21.99 30.74
C ALA H 62 -4.67 22.38 30.76
N ALA H 63 -4.95 23.66 30.50
CA ALA H 63 -6.33 24.14 30.36
C ALA H 63 -7.04 23.52 29.15
N LEU H 64 -6.33 23.42 28.03
CA LEU H 64 -6.88 22.80 26.81
C LEU H 64 -7.05 21.28 26.97
N ILE H 65 -6.13 20.65 27.70
CA ILE H 65 -6.18 19.20 27.94
C ILE H 65 -7.35 18.83 28.88
N SER H 66 -7.61 19.69 29.86
CA SER H 66 -8.73 19.49 30.80
C SER H 66 -10.10 19.50 30.11
N LEU H 67 -10.26 20.35 29.10
CA LEU H 67 -11.50 20.41 28.30
C LEU H 67 -11.75 19.14 27.46
N GLY H 68 -10.68 18.50 27.00
CA GLY H 68 -10.80 17.31 26.15
C GLY H 68 -9.65 16.98 25.21
N LEU H 69 -8.82 17.97 24.88
CA LEU H 69 -7.65 17.77 24.00
C LEU H 69 -6.71 16.67 24.53
N LYS H 70 -6.10 15.93 23.61
CA LYS H 70 -5.17 14.85 23.97
C LYS H 70 -3.83 15.42 24.45
N SER H 71 -3.02 14.54 25.03
CA SER H 71 -1.65 14.89 25.42
C SER H 71 -0.78 15.13 24.18
N THR H 72 0.33 15.83 24.37
CA THR H 72 1.23 16.16 23.25
C THR H 72 1.74 14.87 22.59
N PRO H 73 1.73 14.80 21.24
CA PRO H 73 2.15 13.56 20.59
C PRO H 73 3.65 13.25 20.74
N ALA H 74 4.02 12.01 20.44
CA ALA H 74 5.41 11.56 20.56
C ALA H 74 6.30 12.27 19.55
N ASN H 75 7.43 12.80 20.04
CA ASN H 75 8.39 13.56 19.22
C ASN H 75 7.77 14.83 18.60
N VAL H 76 6.93 15.52 19.37
CA VAL H 76 6.30 16.78 18.96
C VAL H 76 6.47 17.81 20.08
N THR H 77 6.86 19.03 19.70
CA THR H 77 7.11 20.11 20.63
C THR H 77 6.06 21.21 20.49
N PHE H 78 4.88 20.95 21.07
CA PHE H 78 3.79 21.92 21.12
C PHE H 78 4.11 23.00 22.16
N SER H 79 3.82 24.24 21.83
CA SER H 79 4.12 25.38 22.71
C SER H 79 3.32 26.62 22.32
N ILE H 80 2.43 27.06 23.20
CA ILE H 80 1.63 28.26 22.98
C ILE H 80 2.49 29.48 23.30
N VAL H 81 2.65 30.37 22.32
CA VAL H 81 3.48 31.57 22.45
C VAL H 81 2.78 32.58 23.38
N SER H 82 1.58 32.97 22.98
CA SER H 82 0.79 33.95 23.74
C SER H 82 -0.70 33.79 23.44
N ALA H 83 -1.52 34.30 24.34
CA ALA H 83 -2.98 34.19 24.22
C ALA H 83 -3.68 35.32 24.97
N SER H 84 -4.01 36.39 24.22
CA SER H 84 -4.78 37.50 24.75
C SER H 84 -6.27 37.13 24.80
N ALA H 85 -7.11 38.06 25.26
CA ALA H 85 -8.55 37.84 25.35
C ALA H 85 -9.20 37.49 24.00
N ASN H 86 -8.75 38.15 22.94
CA ASN H 86 -9.35 37.98 21.60
C ASN H 86 -8.35 37.53 20.51
N SER H 87 -7.28 36.84 20.92
CA SER H 87 -6.31 36.26 19.96
C SER H 87 -5.45 35.18 20.58
N TYR H 88 -4.69 34.48 19.73
CA TYR H 88 -3.73 33.47 20.18
C TYR H 88 -2.66 33.18 19.12
N CYS H 89 -1.56 32.56 19.57
CA CYS H 89 -0.47 32.14 18.69
C CYS H 89 0.13 30.84 19.24
N MET H 90 0.06 29.77 18.45
CA MET H 90 0.52 28.44 18.87
C MET H 90 1.47 27.85 17.83
N ILE H 91 2.75 27.75 18.19
CA ILE H 91 3.76 27.11 17.36
C ILE H 91 3.88 25.64 17.75
N ALA H 92 4.06 24.77 16.75
CA ALA H 92 4.27 23.34 16.97
C ALA H 92 5.01 22.70 15.80
N GLY H 93 5.77 21.66 16.09
CA GLY H 93 6.56 20.96 15.07
C GLY H 93 7.07 19.60 15.52
N HIS H 94 7.30 18.73 14.55
CA HIS H 94 7.84 17.39 14.80
C HIS H 94 9.36 17.46 14.68
N SER H 95 10.05 16.59 15.41
CA SER H 95 11.52 16.58 15.43
C SER H 95 12.10 16.17 14.07
N GLY H 96 11.53 15.12 13.48
CA GLY H 96 11.87 14.70 12.11
C GLY H 96 10.78 15.07 11.11
N GLY H 97 10.35 16.32 11.13
CA GLY H 97 9.38 16.86 10.17
C GLY H 97 10.07 17.68 9.10
N THR H 98 9.34 18.64 8.53
CA THR H 98 9.86 19.53 7.50
C THR H 98 10.11 20.92 8.06
N VAL H 99 9.04 21.55 8.56
CA VAL H 99 9.09 22.91 9.12
C VAL H 99 8.14 23.05 10.31
N TRP H 100 8.29 24.15 11.05
CA TRP H 100 7.39 24.48 12.15
C TRP H 100 6.04 24.96 11.60
N PHE H 101 4.98 24.64 12.34
CA PHE H 101 3.61 25.04 11.97
C PHE H 101 3.06 25.99 13.01
N ALA H 102 2.58 27.15 12.55
CA ALA H 102 1.92 28.13 13.41
C ALA H 102 0.42 27.88 13.44
N ALA H 103 -0.29 28.58 14.33
CA ALA H 103 -1.74 28.45 14.45
C ALA H 103 -2.36 29.67 15.14
N THR H 104 -2.94 30.56 14.34
CA THR H 104 -3.62 31.77 14.81
C THR H 104 -5.08 31.72 14.37
N PRO H 105 -5.96 32.56 14.97
CA PRO H 105 -7.38 32.51 14.55
C PRO H 105 -7.64 33.11 13.17
N ASP H 106 -6.98 34.22 12.83
CA ASP H 106 -7.19 34.89 11.54
C ASP H 106 -6.62 34.13 10.34
N LYS H 107 -5.41 33.57 10.48
CA LYS H 107 -4.74 32.83 9.39
C LYS H 107 -4.97 31.32 9.43
N GLY H 108 -5.51 30.80 10.54
CA GLY H 108 -5.71 29.36 10.71
C GLY H 108 -4.40 28.66 11.01
N VAL H 109 -4.34 27.36 10.71
CA VAL H 109 -3.13 26.56 10.87
C VAL H 109 -2.35 26.61 9.56
N TYR H 110 -1.13 27.16 9.60
CA TYR H 110 -0.25 27.26 8.43
C TYR H 110 1.19 26.94 8.80
N LYS H 111 2.03 26.75 7.77
CA LYS H 111 3.43 26.39 7.96
C LYS H 111 4.35 27.59 7.68
N THR H 112 5.41 27.71 8.48
CA THR H 112 6.37 28.82 8.38
C THR H 112 7.66 28.39 7.67
N ASN H 113 8.51 29.37 7.38
CA ASN H 113 9.78 29.12 6.68
C ASN H 113 10.86 28.49 7.58
N THR H 114 10.71 28.59 8.90
CA THR H 114 11.68 28.05 9.86
C THR H 114 11.69 26.52 9.84
N ALA H 115 12.90 25.95 9.80
CA ALA H 115 13.08 24.49 9.74
C ALA H 115 13.03 23.87 11.13
N VAL H 116 12.67 22.59 11.19
CA VAL H 116 12.60 21.83 12.45
C VAL H 116 13.98 21.58 13.07
N THR H 117 15.01 21.52 12.24
CA THR H 117 16.40 21.44 12.72
C THR H 117 16.82 22.74 13.42
N SER H 118 16.36 23.87 12.89
CA SER H 118 16.58 25.18 13.53
C SER H 118 15.70 25.35 14.77
N SER H 119 15.97 26.39 15.55
CA SER H 119 15.27 26.64 16.81
C SER H 119 13.81 27.05 16.60
N GLN H 120 13.03 26.98 17.68
CA GLN H 120 11.60 27.29 17.64
C GLN H 120 11.36 28.78 17.38
N PRO H 121 10.41 29.12 16.47
CA PRO H 121 10.02 30.52 16.27
C PRO H 121 9.47 31.18 17.54
N GLU H 122 9.93 32.40 17.82
CA GLU H 122 9.51 33.14 19.01
C GLU H 122 8.05 33.60 18.91
N SER H 123 7.68 34.10 17.72
CA SER H 123 6.29 34.49 17.43
C SER H 123 5.92 34.08 16.01
N CYS H 124 4.63 33.79 15.81
CA CYS H 124 4.12 33.36 14.50
C CYS H 124 4.12 34.52 13.49
N PRO H 125 4.31 34.23 12.19
CA PRO H 125 4.26 35.30 11.17
C PRO H 125 2.89 35.97 11.01
N PHE I 1 38.59 -37.33 -13.56
CA PHE I 1 37.18 -37.07 -13.96
C PHE I 1 36.57 -38.32 -14.57
N THR I 2 35.84 -39.09 -13.75
CA THR I 2 35.23 -40.36 -14.18
C THR I 2 33.90 -40.14 -14.89
N LEU I 3 33.39 -41.23 -15.48
CA LEU I 3 32.04 -41.24 -16.07
C LEU I 3 30.98 -41.26 -14.97
N ILE I 4 31.22 -42.04 -13.91
CA ILE I 4 30.32 -42.09 -12.75
C ILE I 4 30.16 -40.74 -12.03
N GLU I 5 31.25 -39.96 -11.96
CA GLU I 5 31.19 -38.61 -11.40
C GLU I 5 30.39 -37.65 -12.28
N LEU I 6 30.45 -37.86 -13.60
CA LEU I 6 29.61 -37.12 -14.54
C LEU I 6 28.16 -37.60 -14.51
N LEU I 7 27.98 -38.91 -14.38
CA LEU I 7 26.65 -39.54 -14.37
C LEU I 7 25.80 -39.15 -13.17
N ILE I 8 26.40 -39.11 -11.99
CA ILE I 8 25.70 -38.65 -10.77
C ILE I 8 25.36 -37.15 -10.84
N VAL I 9 26.22 -36.36 -11.46
CA VAL I 9 25.96 -34.92 -11.68
C VAL I 9 24.74 -34.72 -12.61
N ILE I 10 24.63 -35.57 -13.63
CA ILE I 10 23.45 -35.57 -14.52
C ILE I 10 22.19 -35.98 -13.75
N ALA I 11 22.32 -36.94 -12.84
CA ALA I 11 21.21 -37.40 -12.00
C ALA I 11 20.69 -36.32 -11.03
N ILE I 12 21.60 -35.55 -10.44
CA ILE I 12 21.23 -34.48 -9.51
C ILE I 12 20.59 -33.29 -10.23
N ILE I 13 21.07 -32.97 -11.44
CA ILE I 13 20.46 -31.90 -12.27
C ILE I 13 19.00 -32.20 -12.58
N ALA I 14 18.68 -33.48 -12.84
CA ALA I 14 17.30 -33.91 -13.07
C ALA I 14 16.41 -33.73 -11.84
N ILE I 15 16.98 -33.97 -10.65
CA ILE I 15 16.28 -33.79 -9.38
C ILE I 15 16.05 -32.30 -9.08
N LEU I 16 17.12 -31.52 -9.19
CA LEU I 16 17.06 -30.07 -8.94
C LEU I 16 16.15 -29.32 -9.93
N ALA I 17 16.14 -29.77 -11.19
CA ALA I 17 15.27 -29.16 -12.22
C ALA I 17 13.79 -29.39 -11.98
N ALA I 18 13.43 -30.47 -11.26
CA ALA I 18 12.05 -30.76 -10.93
C ALA I 18 11.57 -29.97 -9.71
N VAL I 19 12.32 -30.08 -8.61
CA VAL I 19 11.89 -29.53 -7.31
C VAL I 19 11.99 -28.00 -7.18
N LEU I 20 13.07 -27.42 -7.72
CA LEU I 20 13.33 -25.98 -7.55
C LEU I 20 12.47 -25.07 -8.42
N ILE I 21 11.92 -25.60 -9.52
CA ILE I 21 11.02 -24.84 -10.40
C ILE I 21 9.66 -24.74 -9.69
N PRO I 22 9.21 -23.51 -9.35
CA PRO I 22 7.99 -23.35 -8.58
C PRO I 22 6.71 -23.50 -9.43
N ASN I 23 5.57 -23.54 -8.76
CA ASN I 23 4.27 -23.58 -9.43
C ASN I 23 3.97 -22.18 -9.99
N LEU I 24 4.09 -22.06 -11.31
CA LEU I 24 3.90 -20.78 -11.99
C LEU I 24 2.42 -20.40 -12.10
N LEU I 25 1.59 -21.35 -12.51
CA LEU I 25 0.15 -21.12 -12.72
C LEU I 25 -0.56 -20.60 -11.48
N ALA I 26 -0.24 -21.20 -10.33
CA ALA I 26 -0.82 -20.79 -9.04
C ALA I 26 -0.36 -19.39 -8.62
N ALA I 27 0.92 -19.09 -8.84
CA ALA I 27 1.48 -17.77 -8.52
C ALA I 27 0.81 -16.63 -9.30
N ARG I 28 0.49 -16.88 -10.57
CA ARG I 28 -0.17 -15.88 -11.42
C ARG I 28 -1.64 -15.64 -11.05
N LYS I 29 -2.34 -16.68 -10.61
CA LYS I 29 -3.76 -16.56 -10.19
C LYS I 29 -4.00 -15.46 -9.16
N ARG I 30 -3.12 -15.37 -8.16
CA ARG I 30 -3.25 -14.38 -7.09
C ARG I 30 -2.85 -12.98 -7.56
N ALA I 31 -1.87 -12.91 -8.46
CA ALA I 31 -1.51 -11.65 -9.12
C ALA I 31 -2.63 -11.16 -10.04
N ASN I 32 -3.31 -12.09 -10.72
CA ASN I 32 -4.47 -11.77 -11.55
C ASN I 32 -5.67 -11.27 -10.72
N ASP I 33 -5.83 -11.80 -9.51
CA ASP I 33 -6.87 -11.30 -8.58
C ASP I 33 -6.58 -9.86 -8.12
N THR I 34 -5.30 -9.54 -7.93
CA THR I 34 -4.88 -8.18 -7.59
C THR I 34 -5.20 -7.17 -8.69
N VAL I 35 -5.08 -7.60 -9.95
CA VAL I 35 -5.42 -6.76 -11.11
C VAL I 35 -6.93 -6.48 -11.16
N VAL I 36 -7.73 -7.52 -10.88
CA VAL I 36 -9.19 -7.39 -10.85
C VAL I 36 -9.65 -6.55 -9.66
N THR I 37 -9.06 -6.79 -8.50
CA THR I 37 -9.36 -6.03 -7.28
C THR I 37 -8.94 -4.55 -7.42
N ALA I 38 -7.79 -4.31 -8.03
CA ALA I 38 -7.30 -2.94 -8.27
C ALA I 38 -8.18 -2.17 -9.24
N TYR I 39 -8.58 -2.83 -10.34
CA TYR I 39 -9.43 -2.21 -11.36
C TYR I 39 -10.84 -1.90 -10.84
N LEU I 40 -11.39 -2.80 -10.02
CA LEU I 40 -12.67 -2.56 -9.34
C LEU I 40 -12.54 -1.47 -8.27
N ASN I 41 -11.42 -1.44 -7.56
CA ASN I 41 -11.13 -0.38 -6.60
C ASN I 41 -11.02 0.99 -7.29
N ASP I 42 -10.40 1.00 -8.47
CA ASP I 42 -10.36 2.21 -9.31
C ASP I 42 -11.74 2.55 -9.88
N ALA I 43 -12.48 1.53 -10.31
CA ALA I 43 -13.84 1.71 -10.83
C ALA I 43 -14.81 2.33 -9.81
N VAL I 44 -14.65 1.95 -8.54
CA VAL I 44 -15.45 2.53 -7.45
C VAL I 44 -15.15 4.02 -7.27
N LYS I 45 -13.89 4.43 -7.44
CA LYS I 45 -13.49 5.84 -7.30
C LYS I 45 -14.12 6.71 -8.39
N PHE I 46 -14.01 6.29 -9.64
CA PHE I 46 -14.58 7.03 -10.78
C PHE I 46 -16.12 6.98 -10.85
N GLN I 47 -16.73 6.01 -10.16
CA GLN I 47 -18.18 6.00 -9.95
C GLN I 47 -18.60 7.13 -9.01
N GLU I 48 -17.82 7.35 -7.95
CA GLU I 48 -18.04 8.46 -7.01
C GLU I 48 -17.77 9.83 -7.65
N MET I 49 -16.81 9.89 -8.59
CA MET I 49 -16.53 11.12 -9.34
C MET I 49 -17.65 11.49 -10.31
N TYR I 50 -18.28 10.48 -10.93
CA TYR I 50 -19.45 10.69 -11.76
C TYR I 50 -20.68 11.09 -10.94
N GLN I 51 -20.76 10.58 -9.71
CA GLN I 51 -21.80 10.97 -8.76
C GLN I 51 -21.72 12.45 -8.36
N ILE I 52 -20.50 12.99 -8.30
CA ILE I 52 -20.29 14.42 -8.05
C ILE I 52 -20.82 15.28 -9.21
N ASP I 53 -20.56 14.84 -10.45
CA ASP I 53 -20.94 15.58 -11.64
C ASP I 53 -22.43 15.47 -11.95
N ASN I 54 -22.89 14.23 -12.16
CA ASN I 54 -24.24 13.96 -12.69
C ASN I 54 -25.31 13.62 -11.64
N ASN I 55 -24.91 13.39 -10.39
CA ASN I 55 -25.81 12.94 -9.32
C ASN I 55 -26.47 11.59 -9.63
N SER I 56 -25.67 10.66 -10.16
CA SER I 56 -26.13 9.30 -10.49
C SER I 56 -24.91 8.38 -10.70
N TYR I 57 -25.18 7.10 -10.94
CA TYR I 57 -24.13 6.12 -11.27
C TYR I 57 -24.24 5.65 -12.70
N THR I 58 -23.10 5.29 -13.29
CA THR I 58 -23.00 4.96 -14.71
C THR I 58 -23.34 3.50 -14.99
N SER I 59 -24.17 3.29 -16.01
CA SER I 59 -24.42 1.94 -16.54
C SER I 59 -23.31 1.55 -17.52
N ASN I 60 -22.95 2.48 -18.42
CA ASN I 60 -21.90 2.25 -19.42
C ASN I 60 -20.49 2.49 -18.86
N GLN I 61 -19.52 1.78 -19.43
CA GLN I 61 -18.11 1.89 -19.03
C GLN I 61 -17.44 3.14 -19.60
N ALA I 62 -17.83 3.52 -20.82
CA ALA I 62 -17.25 4.69 -21.51
C ALA I 62 -17.38 6.01 -20.74
N ALA I 63 -18.43 6.13 -19.93
CA ALA I 63 -18.60 7.29 -19.05
C ALA I 63 -17.52 7.36 -17.97
N LEU I 64 -17.20 6.20 -17.38
CA LEU I 64 -16.13 6.11 -16.38
C LEU I 64 -14.73 6.35 -16.98
N ILE I 65 -14.53 5.88 -18.20
CA ILE I 65 -13.25 6.04 -18.91
C ILE I 65 -13.02 7.51 -19.31
N SER I 66 -14.09 8.21 -19.69
CA SER I 66 -14.01 9.63 -20.05
C SER I 66 -13.58 10.52 -18.89
N LEU I 67 -14.02 10.18 -17.66
CA LEU I 67 -13.61 10.91 -16.45
C LEU I 67 -12.13 10.74 -16.10
N GLY I 68 -11.55 9.58 -16.43
CA GLY I 68 -10.15 9.29 -16.11
C GLY I 68 -9.73 7.84 -15.95
N LEU I 69 -10.68 6.94 -15.68
CA LEU I 69 -10.40 5.50 -15.55
C LEU I 69 -9.71 4.93 -16.78
N LYS I 70 -8.83 3.95 -16.56
CA LYS I 70 -8.10 3.30 -17.65
C LYS I 70 -8.99 2.34 -18.43
N SER I 71 -8.51 1.89 -19.58
CA SER I 71 -9.19 0.87 -20.37
C SER I 71 -9.15 -0.47 -19.63
N THR I 72 -10.05 -1.38 -20.02
CA THR I 72 -10.15 -2.69 -19.39
C THR I 72 -8.82 -3.45 -19.53
N PRO I 73 -8.32 -4.06 -18.43
CA PRO I 73 -7.01 -4.74 -18.53
C PRO I 73 -7.02 -5.99 -19.42
N ALA I 74 -5.83 -6.47 -19.77
CA ALA I 74 -5.69 -7.63 -20.65
C ALA I 74 -6.18 -8.89 -19.95
N ASN I 75 -7.02 -9.67 -20.65
CA ASN I 75 -7.62 -10.89 -20.12
C ASN I 75 -8.50 -10.65 -18.88
N VAL I 76 -9.25 -9.54 -18.90
CA VAL I 76 -10.18 -9.18 -17.83
C VAL I 76 -11.53 -8.82 -18.46
N THR I 77 -12.61 -9.34 -17.87
CA THR I 77 -13.98 -9.13 -18.36
C THR I 77 -14.76 -8.26 -17.38
N PHE I 78 -14.52 -6.95 -17.44
CA PHE I 78 -15.26 -5.97 -16.65
C PHE I 78 -16.64 -5.76 -17.26
N SER I 79 -17.66 -5.68 -16.41
CA SER I 79 -19.04 -5.54 -16.86
C SER I 79 -19.94 -5.01 -15.73
N ILE I 80 -20.48 -3.81 -15.92
CA ILE I 80 -21.40 -3.21 -14.95
C ILE I 80 -22.78 -3.83 -15.15
N VAL I 81 -23.32 -4.42 -14.08
CA VAL I 81 -24.62 -5.10 -14.13
C VAL I 81 -25.75 -4.06 -14.21
N SER I 82 -25.79 -3.18 -13.22
CA SER I 82 -26.81 -2.14 -13.14
C SER I 82 -26.32 -0.95 -12.31
N ALA I 83 -26.95 0.20 -12.51
CA ALA I 83 -26.57 1.43 -11.80
C ALA I 83 -27.75 2.39 -11.70
N SER I 84 -28.45 2.33 -10.57
CA SER I 84 -29.52 3.25 -10.26
C SER I 84 -28.94 4.59 -9.79
N ALA I 85 -29.82 5.54 -9.47
CA ALA I 85 -29.40 6.87 -8.98
C ALA I 85 -28.54 6.82 -7.72
N ASN I 86 -28.88 5.92 -6.79
CA ASN I 86 -28.19 5.82 -5.50
C ASN I 86 -27.59 4.43 -5.21
N SER I 87 -27.25 3.67 -6.26
CA SER I 87 -26.58 2.38 -6.09
C SER I 87 -25.90 1.91 -7.38
N TYR I 88 -25.10 0.85 -7.26
CA TYR I 88 -24.47 0.20 -8.41
C TYR I 88 -24.03 -1.24 -8.12
N CYS I 89 -23.79 -1.99 -9.18
CA CYS I 89 -23.29 -3.37 -9.10
C CYS I 89 -22.36 -3.64 -10.28
N MET I 90 -21.10 -3.95 -9.99
CA MET I 90 -20.07 -4.15 -11.01
C MET I 90 -19.33 -5.48 -10.78
N ILE I 91 -19.57 -6.44 -11.67
CA ILE I 91 -18.88 -7.72 -11.65
C ILE I 91 -17.65 -7.64 -12.57
N ALA I 92 -16.55 -8.26 -12.14
CA ALA I 92 -15.32 -8.34 -12.93
C ALA I 92 -14.47 -9.53 -12.52
N GLY I 93 -13.72 -10.07 -13.47
CA GLY I 93 -12.88 -11.24 -13.23
C GLY I 93 -11.85 -11.48 -14.32
N HIS I 94 -10.75 -12.13 -13.92
CA HIS I 94 -9.68 -12.49 -14.85
C HIS I 94 -9.95 -13.89 -15.39
N SER I 95 -9.49 -14.16 -16.61
CA SER I 95 -9.73 -15.45 -17.27
C SER I 95 -9.01 -16.60 -16.55
N GLY I 96 -7.76 -16.37 -16.19
CA GLY I 96 -6.97 -17.30 -15.37
C GLY I 96 -6.81 -16.81 -13.93
N GLY I 97 -7.92 -16.43 -13.31
CA GLY I 97 -7.96 -16.01 -11.91
C GLY I 97 -8.47 -17.12 -11.02
N THR I 98 -9.07 -16.75 -9.89
CA THR I 98 -9.66 -17.69 -8.95
C THR I 98 -11.18 -17.65 -9.01
N VAL I 99 -11.74 -16.47 -8.73
CA VAL I 99 -13.20 -16.26 -8.72
C VAL I 99 -13.56 -14.87 -9.24
N TRP I 100 -14.84 -14.67 -9.51
CA TRP I 100 -15.36 -13.35 -9.90
C TRP I 100 -15.40 -12.41 -8.70
N PHE I 101 -15.17 -11.12 -8.94
CA PHE I 101 -15.18 -10.09 -7.91
C PHE I 101 -16.32 -9.12 -8.18
N ALA I 102 -17.18 -8.92 -7.18
CA ALA I 102 -18.26 -7.94 -7.24
C ALA I 102 -17.78 -6.59 -6.69
N ALA I 103 -18.60 -5.56 -6.86
CA ALA I 103 -18.27 -4.22 -6.38
C ALA I 103 -19.53 -3.35 -6.24
N THR I 104 -20.00 -3.21 -5.00
CA THR I 104 -21.17 -2.39 -4.66
C THR I 104 -20.74 -1.30 -3.66
N PRO I 105 -21.56 -0.25 -3.48
CA PRO I 105 -21.15 0.81 -2.54
C PRO I 105 -21.22 0.38 -1.06
N ASP I 106 -22.26 -0.36 -0.68
CA ASP I 106 -22.43 -0.78 0.73
C ASP I 106 -21.43 -1.84 1.20
N LYS I 107 -21.15 -2.83 0.34
CA LYS I 107 -20.23 -3.93 0.68
C LYS I 107 -18.80 -3.71 0.20
N GLY I 108 -18.58 -2.71 -0.66
CA GLY I 108 -17.26 -2.45 -1.24
C GLY I 108 -16.93 -3.48 -2.31
N VAL I 109 -15.62 -3.65 -2.56
CA VAL I 109 -15.13 -4.65 -3.51
C VAL I 109 -14.88 -5.96 -2.75
N TYR I 110 -15.62 -7.01 -3.12
CA TYR I 110 -15.48 -8.34 -2.51
C TYR I 110 -15.53 -9.43 -3.55
N LYS I 111 -15.17 -10.66 -3.14
CA LYS I 111 -15.13 -11.82 -4.04
C LYS I 111 -16.31 -12.76 -3.76
N THR I 112 -16.86 -13.33 -4.85
CA THR I 112 -18.02 -14.22 -4.78
C THR I 112 -17.60 -15.69 -4.92
N ASN I 113 -18.56 -16.59 -4.70
CA ASN I 113 -18.32 -18.03 -4.77
C ASN I 113 -18.20 -18.57 -6.20
N THR I 114 -18.69 -17.81 -7.19
CA THR I 114 -18.66 -18.23 -8.59
C THR I 114 -17.23 -18.24 -9.14
N ALA I 115 -16.88 -19.31 -9.84
CA ALA I 115 -15.54 -19.50 -10.40
C ALA I 115 -15.39 -18.82 -11.75
N VAL I 116 -14.16 -18.46 -12.10
CA VAL I 116 -13.85 -17.80 -13.38
C VAL I 116 -14.04 -18.74 -14.59
N THR I 117 -13.89 -20.04 -14.38
CA THR I 117 -14.21 -21.04 -15.41
C THR I 117 -15.71 -21.09 -15.69
N SER I 118 -16.53 -20.94 -14.65
CA SER I 118 -17.98 -20.83 -14.80
C SER I 118 -18.39 -19.47 -15.38
N SER I 119 -19.66 -19.37 -15.76
CA SER I 119 -20.18 -18.14 -16.40
C SER I 119 -20.26 -16.96 -15.44
N GLN I 120 -20.41 -15.76 -16.02
CA GLN I 120 -20.44 -14.52 -15.25
C GLN I 120 -21.71 -14.44 -14.38
N PRO I 121 -21.57 -14.02 -13.10
CA PRO I 121 -22.75 -13.77 -12.26
C PRO I 121 -23.68 -12.70 -12.83
N GLU I 122 -24.99 -12.98 -12.82
CA GLU I 122 -25.99 -12.05 -13.34
C GLU I 122 -26.13 -10.81 -12.46
N SER I 123 -26.17 -11.03 -11.14
CA SER I 123 -26.20 -9.95 -10.15
C SER I 123 -25.30 -10.28 -8.97
N CYS I 124 -24.75 -9.24 -8.34
CA CYS I 124 -23.84 -9.39 -7.20
C CYS I 124 -24.60 -9.86 -5.95
N PRO I 125 -23.94 -10.64 -5.06
CA PRO I 125 -24.60 -11.08 -3.81
C PRO I 125 -24.94 -9.94 -2.84
N PHE J 1 40.22 -47.77 -16.45
CA PHE J 1 39.97 -46.39 -16.96
C PHE J 1 40.52 -46.25 -18.38
N THR J 2 39.62 -46.42 -19.37
CA THR J 2 39.99 -46.38 -20.78
C THR J 2 40.08 -44.95 -21.31
N LEU J 3 40.61 -44.81 -22.53
CA LEU J 3 40.61 -43.54 -23.25
C LEU J 3 39.21 -43.20 -23.76
N ILE J 4 38.48 -44.22 -24.25
CA ILE J 4 37.09 -44.05 -24.70
C ILE J 4 36.14 -43.59 -23.58
N GLU J 5 36.36 -44.07 -22.36
CA GLU J 5 35.59 -43.63 -21.19
C GLU J 5 35.90 -42.17 -20.81
N LEU J 6 37.15 -41.76 -21.03
CA LEU J 6 37.54 -40.35 -20.87
C LEU J 6 37.02 -39.49 -22.02
N LEU J 7 37.07 -40.04 -23.23
CA LEU J 7 36.66 -39.32 -24.45
C LEU J 7 35.17 -38.99 -24.49
N ILE J 8 34.33 -39.95 -24.08
CA ILE J 8 32.88 -39.71 -23.98
C ILE J 8 32.53 -38.70 -22.87
N VAL J 9 33.29 -38.71 -21.77
CA VAL J 9 33.12 -37.73 -20.69
C VAL J 9 33.46 -36.31 -21.19
N ILE J 10 34.49 -36.18 -22.02
CA ILE J 10 34.82 -34.90 -22.66
C ILE J 10 33.71 -34.45 -23.62
N ALA J 11 33.11 -35.41 -24.33
CA ALA J 11 31.99 -35.13 -25.24
C ALA J 11 30.74 -34.63 -24.54
N ILE J 12 30.41 -35.23 -23.38
CA ILE J 12 29.24 -34.83 -22.60
C ILE J 12 29.43 -33.46 -21.93
N ILE J 13 30.64 -33.15 -21.48
CA ILE J 13 30.97 -31.83 -20.91
C ILE J 13 30.72 -30.70 -21.93
N ALA J 14 31.07 -30.96 -23.20
CA ALA J 14 30.81 -30.01 -24.28
C ALA J 14 29.31 -29.78 -24.53
N ILE J 15 28.51 -30.83 -24.37
CA ILE J 15 27.05 -30.75 -24.52
C ILE J 15 26.42 -30.01 -23.33
N LEU J 16 26.80 -30.39 -22.12
CA LEU J 16 26.29 -29.76 -20.89
C LEU J 16 26.70 -28.29 -20.76
N ALA J 17 27.91 -27.95 -21.21
CA ALA J 17 28.40 -26.56 -21.18
C ALA J 17 27.63 -25.62 -22.12
N ALA J 18 27.04 -26.17 -23.19
CA ALA J 18 26.24 -25.40 -24.13
C ALA J 18 24.83 -25.18 -23.63
N VAL J 19 24.14 -26.27 -23.28
CA VAL J 19 22.70 -26.23 -22.97
C VAL J 19 22.36 -25.64 -21.60
N LEU J 20 23.16 -25.95 -20.57
CA LEU J 20 22.86 -25.55 -19.19
C LEU J 20 23.13 -24.07 -18.88
N ILE J 21 24.01 -23.44 -19.68
CA ILE J 21 24.32 -22.01 -19.53
C ILE J 21 23.12 -21.22 -20.10
N PRO J 22 22.42 -20.44 -19.25
CA PRO J 22 21.21 -19.75 -19.70
C PRO J 22 21.50 -18.48 -20.51
N ASN J 23 20.46 -17.91 -21.10
CA ASN J 23 20.55 -16.64 -21.82
C ASN J 23 20.70 -15.51 -20.81
N LEU J 24 21.91 -14.97 -20.70
CA LEU J 24 22.22 -13.92 -19.73
C LEU J 24 21.67 -12.56 -20.16
N LEU J 25 21.88 -12.20 -21.43
CA LEU J 25 21.47 -10.90 -21.96
C LEU J 25 19.98 -10.63 -21.81
N ALA J 26 19.17 -11.66 -22.10
CA ALA J 26 17.72 -11.57 -21.99
C ALA J 26 17.27 -11.43 -20.54
N ALA J 27 17.91 -12.18 -19.63
CA ALA J 27 17.61 -12.11 -18.19
C ALA J 27 17.85 -10.73 -17.60
N ARG J 28 18.90 -10.05 -18.03
CA ARG J 28 19.23 -8.71 -17.54
C ARG J 28 18.28 -7.63 -18.07
N LYS J 29 17.79 -7.77 -19.31
CA LYS J 29 16.84 -6.81 -19.91
C LYS J 29 15.62 -6.54 -19.02
N ARG J 30 15.05 -7.60 -18.44
CA ARG J 30 13.85 -7.49 -17.60
C ARG J 30 14.19 -6.92 -16.22
N ALA J 31 15.36 -7.25 -15.70
CA ALA J 31 15.88 -6.64 -14.48
C ALA J 31 16.18 -5.15 -14.67
N ASN J 32 16.69 -4.80 -15.84
CA ASN J 32 16.93 -3.40 -16.21
C ASN J 32 15.63 -2.59 -16.34
N ASP J 33 14.56 -3.23 -16.82
CA ASP J 33 13.23 -2.61 -16.87
C ASP J 33 12.67 -2.33 -15.47
N THR J 34 12.94 -3.24 -14.52
CA THR J 34 12.55 -3.06 -13.12
C THR J 34 13.24 -1.86 -12.48
N VAL J 35 14.50 -1.62 -12.85
CA VAL J 35 15.27 -0.46 -12.35
C VAL J 35 14.66 0.85 -12.88
N VAL J 36 14.29 0.86 -14.16
CA VAL J 36 13.66 2.03 -14.80
C VAL J 36 12.26 2.27 -14.25
N THR J 37 11.48 1.20 -14.09
CA THR J 37 10.13 1.28 -13.53
C THR J 37 10.15 1.72 -12.06
N ALA J 38 11.12 1.20 -11.29
CA ALA J 38 11.28 1.59 -9.89
C ALA J 38 11.68 3.05 -9.72
N TYR J 39 12.62 3.51 -10.54
CA TYR J 39 13.10 4.90 -10.48
C TYR J 39 12.02 5.89 -10.91
N LEU J 40 11.23 5.54 -11.93
CA LEU J 40 10.07 6.35 -12.33
C LEU J 40 8.96 6.32 -11.27
N ASN J 41 8.75 5.16 -10.64
CA ASN J 41 7.81 5.04 -9.53
C ASN J 41 8.23 5.89 -8.33
N ASP J 42 9.54 5.94 -8.07
CA ASP J 42 10.10 6.84 -7.05
C ASP J 42 10.01 8.30 -7.49
N ALA J 43 10.28 8.57 -8.77
CA ALA J 43 10.20 9.93 -9.33
C ALA J 43 8.79 10.52 -9.24
N VAL J 44 7.78 9.68 -9.42
CA VAL J 44 6.36 10.10 -9.27
C VAL J 44 6.04 10.51 -7.83
N LYS J 45 6.62 9.81 -6.85
CA LYS J 45 6.41 10.12 -5.43
C LYS J 45 6.99 11.48 -5.04
N PHE J 46 8.24 11.72 -5.42
CA PHE J 46 8.90 13.01 -5.12
C PHE J 46 8.38 14.19 -5.96
N GLN J 47 7.69 13.91 -7.06
CA GLN J 47 6.93 14.93 -7.80
C GLN J 47 5.71 15.39 -6.99
N GLU J 48 5.02 14.43 -6.35
CA GLU J 48 3.90 14.74 -5.45
C GLU J 48 4.34 15.46 -4.17
N MET J 49 5.54 15.14 -3.69
CA MET J 49 6.11 15.84 -2.52
C MET J 49 6.48 17.30 -2.82
N TYR J 50 6.96 17.55 -4.04
CA TYR J 50 7.22 18.92 -4.50
C TYR J 50 5.92 19.70 -4.73
N GLN J 51 4.88 18.99 -5.15
CA GLN J 51 3.54 19.57 -5.30
C GLN J 51 2.94 20.04 -3.96
N ILE J 52 3.28 19.35 -2.88
CA ILE J 52 2.88 19.76 -1.52
C ILE J 52 3.57 21.07 -1.11
N ASP J 53 4.86 21.18 -1.43
CA ASP J 53 5.66 22.35 -1.03
C ASP J 53 5.37 23.57 -1.91
N ASN J 54 5.60 23.42 -3.21
CA ASN J 54 5.60 24.55 -4.16
C ASN J 54 4.29 24.76 -4.94
N ASN J 55 3.36 23.81 -4.87
CA ASN J 55 2.12 23.82 -5.66
C ASN J 55 2.38 23.82 -7.18
N SER J 56 3.34 22.99 -7.59
CA SER J 56 3.71 22.83 -9.00
C SER J 56 4.53 21.55 -9.20
N TYR J 57 4.88 21.25 -10.45
CA TYR J 57 5.75 20.10 -10.77
C TYR J 57 7.10 20.59 -11.31
N THR J 58 8.13 19.79 -11.06
CA THR J 58 9.52 20.17 -11.38
C THR J 58 9.90 19.85 -12.81
N SER J 59 10.53 20.82 -13.47
CA SER J 59 11.15 20.60 -14.79
C SER J 59 12.54 19.99 -14.61
N ASN J 60 13.32 20.53 -13.67
CA ASN J 60 14.68 20.04 -13.38
C ASN J 60 14.69 18.84 -12.43
N GLN J 61 15.71 17.99 -12.58
CA GLN J 61 15.88 16.79 -11.75
C GLN J 61 16.43 17.12 -10.37
N ALA J 62 17.31 18.12 -10.29
CA ALA J 62 17.96 18.53 -9.04
C ALA J 62 16.98 18.93 -7.92
N ALA J 63 15.81 19.46 -8.31
CA ALA J 63 14.74 19.77 -7.37
C ALA J 63 14.17 18.51 -6.70
N LEU J 64 13.98 17.44 -7.49
CA LEU J 64 13.51 16.16 -6.97
C LEU J 64 14.55 15.46 -6.10
N ILE J 65 15.84 15.60 -6.46
CA ILE J 65 16.94 15.00 -5.70
C ILE J 65 17.12 15.70 -4.35
N SER J 66 16.93 17.02 -4.31
CA SER J 66 17.02 17.79 -3.07
C SER J 66 15.98 17.38 -2.02
N LEU J 67 14.77 17.03 -2.48
CA LEU J 67 13.71 16.54 -1.58
C LEU J 67 14.01 15.18 -0.95
N GLY J 68 14.74 14.32 -1.68
CA GLY J 68 15.05 12.96 -1.19
C GLY J 68 15.33 11.89 -2.23
N LEU J 69 14.87 12.08 -3.46
CA LEU J 69 15.11 11.11 -4.56
C LEU J 69 16.61 10.84 -4.77
N LYS J 70 16.93 9.61 -5.15
CA LYS J 70 18.32 9.20 -5.38
C LYS J 70 18.84 9.77 -6.70
N SER J 71 20.15 9.66 -6.90
CA SER J 71 20.78 10.05 -8.17
C SER J 71 20.37 9.06 -9.26
N THR J 72 20.52 9.48 -10.52
CA THR J 72 20.14 8.66 -11.67
C THR J 72 20.93 7.34 -11.64
N PRO J 73 20.25 6.19 -11.88
CA PRO J 73 20.97 4.90 -11.80
C PRO J 73 21.99 4.70 -12.93
N ALA J 74 22.87 3.72 -12.75
CA ALA J 74 23.93 3.42 -13.72
C ALA J 74 23.32 2.89 -15.01
N ASN J 75 23.77 3.46 -16.14
CA ASN J 75 23.27 3.12 -17.48
C ASN J 75 21.76 3.37 -17.64
N VAL J 76 21.29 4.49 -17.08
CA VAL J 76 19.89 4.91 -17.20
C VAL J 76 19.87 6.39 -17.59
N THR J 77 19.00 6.72 -18.56
CA THR J 77 18.87 8.08 -19.09
C THR J 77 17.53 8.67 -18.70
N PHE J 78 17.44 9.14 -17.46
CA PHE J 78 16.26 9.83 -16.95
C PHE J 78 16.23 11.26 -17.50
N SER J 79 15.05 11.71 -17.89
CA SER J 79 14.88 13.03 -18.50
C SER J 79 13.42 13.50 -18.46
N ILE J 80 13.16 14.56 -17.71
CA ILE J 80 11.82 15.13 -17.60
C ILE J 80 11.57 15.99 -18.84
N VAL J 81 10.50 15.66 -19.58
CA VAL J 81 10.15 16.36 -20.82
C VAL J 81 9.60 17.75 -20.50
N SER J 82 8.53 17.78 -19.72
CA SER J 82 7.88 19.03 -19.33
C SER J 82 7.11 18.86 -18.03
N ALA J 83 6.83 19.97 -17.36
CA ALA J 83 6.13 19.97 -16.08
C ALA J 83 5.40 21.29 -15.85
N SER J 84 4.12 21.31 -16.19
CA SER J 84 3.24 22.46 -15.92
C SER J 84 2.81 22.44 -14.45
N ALA J 85 2.00 23.42 -14.06
CA ALA J 85 1.50 23.54 -12.70
C ALA J 85 0.70 22.31 -12.23
N ASN J 86 -0.10 21.74 -13.13
CA ASN J 86 -0.98 20.61 -12.80
C ASN J 86 -0.76 19.36 -13.68
N SER J 87 0.45 19.19 -14.21
CA SER J 87 0.80 17.98 -14.98
C SER J 87 2.31 17.79 -15.10
N TYR J 88 2.71 16.62 -15.60
CA TYR J 88 4.11 16.32 -15.89
C TYR J 88 4.27 15.17 -16.90
N CYS J 89 5.46 15.09 -17.48
CA CYS J 89 5.83 14.01 -18.41
C CYS J 89 7.31 13.67 -18.23
N MET J 90 7.60 12.43 -17.83
CA MET J 90 8.95 11.98 -17.53
C MET J 90 9.27 10.68 -18.29
N ILE J 91 10.16 10.79 -19.28
CA ILE J 91 10.65 9.64 -20.04
C ILE J 91 11.94 9.13 -19.39
N ALA J 92 12.09 7.81 -19.34
CA ALA J 92 13.30 7.16 -18.83
C ALA J 92 13.48 5.77 -19.41
N GLY J 93 14.73 5.34 -19.52
CA GLY J 93 15.05 4.03 -20.11
C GLY J 93 16.47 3.59 -19.84
N HIS J 94 16.68 2.27 -19.82
CA HIS J 94 18.00 1.67 -19.63
C HIS J 94 18.62 1.45 -21.00
N SER J 95 19.96 1.49 -21.05
CA SER J 95 20.68 1.33 -22.32
C SER J 95 20.53 -0.07 -22.91
N GLY J 96 20.65 -1.08 -22.06
CA GLY J 96 20.38 -2.48 -22.42
C GLY J 96 19.07 -2.98 -21.84
N GLY J 97 17.99 -2.22 -22.05
CA GLY J 97 16.65 -2.58 -21.64
C GLY J 97 15.84 -3.10 -22.82
N THR J 98 14.52 -2.95 -22.73
CA THR J 98 13.60 -3.36 -23.80
C THR J 98 13.06 -2.14 -24.54
N VAL J 99 12.37 -1.27 -23.80
CA VAL J 99 11.75 -0.05 -24.35
C VAL J 99 11.84 1.11 -23.36
N TRP J 100 11.53 2.31 -23.85
CA TRP J 100 11.46 3.50 -23.01
C TRP J 100 10.18 3.46 -22.16
N PHE J 101 10.27 4.01 -20.95
CA PHE J 101 9.14 4.07 -20.01
C PHE J 101 8.77 5.52 -19.77
N ALA J 102 7.49 5.84 -19.98
CA ALA J 102 6.95 7.17 -19.68
C ALA J 102 6.40 7.21 -18.26
N ALA J 103 6.05 8.41 -17.79
CA ALA J 103 5.50 8.59 -16.45
C ALA J 103 4.72 9.91 -16.33
N THR J 104 3.40 9.81 -16.39
CA THR J 104 2.48 10.95 -16.27
C THR J 104 1.56 10.71 -15.06
N PRO J 105 0.88 11.77 -14.56
CA PRO J 105 0.00 11.55 -13.40
C PRO J 105 -1.28 10.77 -13.72
N ASP J 106 -1.91 11.05 -14.87
CA ASP J 106 -3.16 10.38 -15.24
C ASP J 106 -3.00 8.91 -15.63
N LYS J 107 -1.95 8.58 -16.39
CA LYS J 107 -1.69 7.21 -16.85
C LYS J 107 -0.74 6.42 -15.95
N GLY J 108 -0.06 7.09 -15.03
CA GLY J 108 0.95 6.46 -14.16
C GLY J 108 2.22 6.17 -14.92
N VAL J 109 2.98 5.19 -14.43
CA VAL J 109 4.22 4.74 -15.09
C VAL J 109 3.87 3.60 -16.04
N TYR J 110 4.11 3.82 -17.34
CA TYR J 110 3.84 2.82 -18.38
C TYR J 110 4.96 2.79 -19.41
N LYS J 111 4.94 1.75 -20.26
CA LYS J 111 5.98 1.55 -21.28
C LYS J 111 5.44 1.88 -22.68
N THR J 112 6.30 2.50 -23.49
CA THR J 112 5.94 2.93 -24.84
C THR J 112 6.49 1.97 -25.91
N ASN J 113 6.07 2.18 -27.15
CA ASN J 113 6.50 1.34 -28.28
C ASN J 113 7.93 1.60 -28.75
N THR J 114 8.49 2.78 -28.40
CA THR J 114 9.84 3.15 -28.81
C THR J 114 10.90 2.27 -28.13
N ALA J 115 11.87 1.80 -28.91
CA ALA J 115 12.94 0.92 -28.41
C ALA J 115 14.09 1.72 -27.81
N VAL J 116 14.83 1.08 -26.91
CA VAL J 116 15.98 1.71 -26.25
C VAL J 116 17.16 1.94 -27.20
N THR J 117 17.27 1.10 -28.24
CA THR J 117 18.24 1.29 -29.32
C THR J 117 17.93 2.55 -30.13
N SER J 118 16.63 2.81 -30.36
CA SER J 118 16.18 4.04 -31.02
C SER J 118 16.30 5.25 -30.09
N SER J 119 16.13 6.44 -30.65
CA SER J 119 16.29 7.69 -29.90
C SER J 119 15.18 7.91 -28.88
N GLN J 120 15.42 8.84 -27.95
CA GLN J 120 14.49 9.13 -26.86
C GLN J 120 13.20 9.77 -27.39
N PRO J 121 12.03 9.32 -26.89
CA PRO J 121 10.76 9.98 -27.23
C PRO J 121 10.71 11.45 -26.81
N GLU J 122 10.24 12.31 -27.71
CA GLU J 122 10.16 13.76 -27.46
C GLU J 122 9.08 14.08 -26.42
N SER J 123 7.92 13.43 -26.56
CA SER J 123 6.82 13.55 -25.59
C SER J 123 6.16 12.19 -25.36
N CYS J 124 5.62 12.01 -24.16
CA CYS J 124 4.98 10.75 -23.77
C CYS J 124 3.64 10.56 -24.50
N PRO J 125 3.23 9.30 -24.79
CA PRO J 125 1.93 9.08 -25.43
C PRO J 125 0.71 9.46 -24.59
N PHE K 1 45.34 -52.77 -24.69
CA PHE K 1 45.45 -51.70 -23.66
C PHE K 1 46.93 -51.44 -23.34
N THR K 2 47.49 -50.41 -23.98
CA THR K 2 48.92 -50.08 -23.83
C THR K 2 49.17 -49.23 -22.59
N LEU K 3 50.45 -49.05 -22.26
CA LEU K 3 50.88 -48.13 -21.19
C LEU K 3 50.73 -46.67 -21.64
N ILE K 4 51.06 -46.40 -22.90
CA ILE K 4 50.89 -45.06 -23.49
C ILE K 4 49.42 -44.59 -23.52
N GLU K 5 48.50 -45.51 -23.76
CA GLU K 5 47.06 -45.20 -23.72
C GLU K 5 46.59 -44.91 -22.29
N LEU K 6 47.20 -45.58 -21.30
CA LEU K 6 46.95 -45.27 -19.89
C LEU K 6 47.63 -43.97 -19.47
N LEU K 7 48.84 -43.74 -19.98
CA LEU K 7 49.65 -42.58 -19.63
C LEU K 7 49.04 -41.26 -20.11
N ILE K 8 48.52 -41.24 -21.33
CA ILE K 8 47.81 -40.06 -21.86
C ILE K 8 46.50 -39.80 -21.12
N VAL K 9 45.81 -40.85 -20.69
CA VAL K 9 44.60 -40.71 -19.87
C VAL K 9 44.91 -40.07 -18.51
N ILE K 10 46.04 -40.45 -17.91
CA ILE K 10 46.53 -39.83 -16.68
C ILE K 10 46.87 -38.34 -16.90
N ALA K 11 47.45 -38.04 -18.07
CA ALA K 11 47.79 -36.66 -18.45
C ALA K 11 46.56 -35.76 -18.61
N ILE K 12 45.50 -36.29 -19.22
CA ILE K 12 44.26 -35.53 -19.44
C ILE K 12 43.49 -35.30 -18.13
N ILE K 13 43.51 -36.29 -17.23
CA ILE K 13 42.88 -36.14 -15.91
C ILE K 13 43.51 -34.99 -15.11
N ALA K 14 44.83 -34.83 -15.21
CA ALA K 14 45.54 -33.71 -14.59
C ALA K 14 45.12 -32.34 -15.16
N ILE K 15 44.87 -32.30 -16.47
CA ILE K 15 44.41 -31.08 -17.14
C ILE K 15 42.97 -30.74 -16.75
N LEU K 16 42.09 -31.75 -16.84
CA LEU K 16 40.67 -31.58 -16.49
C LEU K 16 40.43 -31.25 -15.02
N ALA K 17 41.26 -31.81 -14.13
CA ALA K 17 41.18 -31.54 -12.69
C ALA K 17 41.56 -30.10 -12.31
N ALA K 18 42.39 -29.46 -13.15
CA ALA K 18 42.78 -28.07 -12.93
C ALA K 18 41.74 -27.09 -13.44
N VAL K 19 41.35 -27.23 -14.71
CA VAL K 19 40.50 -26.26 -15.39
C VAL K 19 39.01 -26.29 -14.99
N LEU K 20 38.47 -27.50 -14.79
CA LEU K 20 37.03 -27.66 -14.53
C LEU K 20 36.60 -27.29 -13.11
N ILE K 21 37.54 -27.33 -12.16
CA ILE K 21 37.27 -26.94 -10.77
C ILE K 21 37.18 -25.41 -10.73
N PRO K 22 36.00 -24.85 -10.37
CA PRO K 22 35.81 -23.41 -10.41
C PRO K 22 36.42 -22.68 -9.21
N ASN K 23 36.44 -21.35 -9.28
CA ASN K 23 36.90 -20.51 -8.18
C ASN K 23 35.84 -20.52 -7.08
N LEU K 24 36.12 -21.24 -5.99
CA LEU K 24 35.18 -21.38 -4.88
C LEU K 24 35.11 -20.13 -4.01
N LEU K 25 36.27 -19.58 -3.66
CA LEU K 25 36.36 -18.41 -2.77
C LEU K 25 35.59 -17.21 -3.31
N ALA K 26 35.72 -16.95 -4.61
CA ALA K 26 35.03 -15.84 -5.25
C ALA K 26 33.51 -16.05 -5.31
N ALA K 27 33.09 -17.29 -5.58
CA ALA K 27 31.66 -17.63 -5.61
C ALA K 27 30.96 -17.42 -4.26
N ARG K 28 31.66 -17.72 -3.16
CA ARG K 28 31.11 -17.54 -1.81
C ARG K 28 31.00 -16.07 -1.39
N LYS K 29 31.96 -15.24 -1.82
CA LYS K 29 31.95 -13.79 -1.51
C LYS K 29 30.63 -13.10 -1.86
N ARG K 30 30.08 -13.42 -3.03
CA ARG K 30 28.83 -12.81 -3.49
C ARG K 30 27.61 -13.38 -2.77
N ALA K 31 27.67 -14.67 -2.43
CA ALA K 31 26.65 -15.30 -1.59
C ALA K 31 26.67 -14.73 -0.17
N ASN K 32 27.87 -14.45 0.35
CA ASN K 32 28.04 -13.80 1.65
C ASN K 32 27.50 -12.37 1.68
N ASP K 33 27.62 -11.65 0.56
CA ASP K 33 27.04 -10.31 0.41
C ASP K 33 25.51 -10.35 0.44
N THR K 34 24.93 -11.39 -0.15
CA THR K 34 23.48 -11.60 -0.13
C THR K 34 22.95 -11.84 1.29
N VAL K 35 23.73 -12.53 2.11
CA VAL K 35 23.38 -12.77 3.52
C VAL K 35 23.40 -11.46 4.32
N VAL K 36 24.39 -10.62 4.07
CA VAL K 36 24.51 -9.31 4.72
C VAL K 36 23.42 -8.35 4.25
N THR K 37 23.18 -8.34 2.94
CA THR K 37 22.12 -7.51 2.35
C THR K 37 20.72 -7.94 2.82
N ALA K 38 20.50 -9.25 2.90
CA ALA K 38 19.22 -9.80 3.38
C ALA K 38 18.97 -9.48 4.85
N TYR K 39 20.00 -9.62 5.68
CA TYR K 39 19.88 -9.35 7.12
C TYR K 39 19.67 -7.87 7.41
N LEU K 40 20.34 -7.00 6.66
CA LEU K 40 20.10 -5.55 6.74
C LEU K 40 18.72 -5.16 6.21
N ASN K 41 18.28 -5.82 5.13
CA ASN K 41 16.93 -5.63 4.60
C ASN K 41 15.86 -6.07 5.62
N ASP K 42 16.12 -7.16 6.33
CA ASP K 42 15.27 -7.59 7.44
C ASP K 42 15.37 -6.64 8.63
N ALA K 43 16.58 -6.17 8.94
CA ALA K 43 16.81 -5.21 10.03
C ALA K 43 16.06 -3.90 9.83
N VAL K 44 15.98 -3.44 8.59
CA VAL K 44 15.22 -2.23 8.24
C VAL K 44 13.71 -2.40 8.50
N LYS K 45 13.19 -3.60 8.23
CA LYS K 45 11.76 -3.89 8.46
C LYS K 45 11.40 -3.85 9.95
N PHE K 46 12.19 -4.53 10.78
CA PHE K 46 11.94 -4.55 12.23
C PHE K 46 12.28 -3.23 12.94
N GLN K 47 13.06 -2.36 12.29
CA GLN K 47 13.24 -0.98 12.75
C GLN K 47 11.95 -0.18 12.56
N GLU K 48 11.28 -0.38 11.43
CA GLU K 48 9.98 0.25 11.17
C GLU K 48 8.87 -0.29 12.06
N MET K 49 8.95 -1.57 12.43
CA MET K 49 7.99 -2.18 13.38
C MET K 49 8.15 -1.63 14.80
N TYR K 50 9.39 -1.36 15.21
CA TYR K 50 9.67 -0.71 16.50
C TYR K 50 9.23 0.76 16.49
N GLN K 51 9.32 1.40 15.34
CA GLN K 51 8.83 2.77 15.14
C GLN K 51 7.30 2.88 15.31
N ILE K 52 6.58 1.82 14.93
CA ILE K 52 5.12 1.75 15.15
C ILE K 52 4.80 1.68 16.65
N ASP K 53 5.56 0.86 17.38
CA ASP K 53 5.31 0.65 18.81
C ASP K 53 5.77 1.83 19.67
N ASN K 54 7.06 2.13 19.60
CA ASN K 54 7.71 3.07 20.52
C ASN K 54 7.87 4.52 20.00
N ASN K 55 7.61 4.75 18.72
CA ASN K 55 7.84 6.05 18.06
C ASN K 55 9.31 6.49 18.12
N SER K 56 10.21 5.53 17.87
CA SER K 56 11.65 5.78 17.85
C SER K 56 12.38 4.62 17.15
N TYR K 57 13.70 4.74 17.01
CA TYR K 57 14.54 3.67 16.46
C TYR K 57 15.46 3.10 17.54
N THR K 58 15.79 1.82 17.39
CA THR K 58 16.54 1.06 18.39
C THR K 58 18.05 1.24 18.24
N SER K 59 18.72 1.50 19.37
CA SER K 59 20.18 1.48 19.42
C SER K 59 20.68 0.04 19.61
N ASN K 60 20.03 -0.69 20.52
CA ASN K 60 20.40 -2.09 20.81
C ASN K 60 19.77 -3.08 19.83
N GLN K 61 20.45 -4.20 19.61
CA GLN K 61 19.98 -5.26 18.70
C GLN K 61 18.89 -6.13 19.34
N ALA K 62 18.99 -6.36 20.65
CA ALA K 62 18.03 -7.19 21.39
C ALA K 62 16.58 -6.72 21.29
N ALA K 63 16.37 -5.42 21.13
CA ALA K 63 15.05 -4.85 20.89
C ALA K 63 14.45 -5.30 19.56
N LEU K 64 15.27 -5.32 18.51
CA LEU K 64 14.86 -5.80 17.19
C LEU K 64 14.60 -7.31 17.16
N ILE K 65 15.40 -8.05 17.91
CA ILE K 65 15.26 -9.52 18.00
C ILE K 65 13.99 -9.91 18.76
N SER K 66 13.64 -9.15 19.79
CA SER K 66 12.41 -9.38 20.57
C SER K 66 11.13 -9.23 19.74
N LEU K 67 11.13 -8.27 18.80
CA LEU K 67 10.00 -8.07 17.89
C LEU K 67 9.80 -9.22 16.89
N GLY K 68 10.88 -9.88 16.50
CA GLY K 68 10.82 -10.97 15.51
C GLY K 68 12.05 -11.26 14.67
N LEU K 69 12.96 -10.29 14.55
CA LEU K 69 14.21 -10.47 13.79
C LEU K 69 15.03 -11.65 14.30
N LYS K 70 15.72 -12.33 13.39
CA LYS K 70 16.55 -13.49 13.72
C LYS K 70 17.84 -13.05 14.41
N SER K 71 18.55 -14.03 14.98
CA SER K 71 19.88 -13.78 15.56
C SER K 71 20.88 -13.46 14.45
N THR K 72 22.00 -12.84 14.83
CA THR K 72 23.04 -12.46 13.87
C THR K 72 23.56 -13.70 13.14
N PRO K 73 23.71 -13.63 11.79
CA PRO K 73 24.15 -14.83 11.06
C PRO K 73 25.61 -15.23 11.35
N ALA K 74 25.96 -16.45 10.96
CA ALA K 74 27.31 -16.98 11.19
C ALA K 74 28.34 -16.22 10.36
N ASN K 75 29.42 -15.80 11.03
CA ASN K 75 30.50 -15.02 10.41
C ASN K 75 30.01 -13.67 9.86
N VAL K 76 29.12 -13.01 10.60
CA VAL K 76 28.59 -11.69 10.26
C VAL K 76 28.68 -10.78 11.49
N THR K 77 29.16 -9.56 11.29
CA THR K 77 29.34 -8.58 12.36
C THR K 77 28.35 -7.42 12.21
N PHE K 78 27.11 -7.68 12.63
CA PHE K 78 26.07 -6.66 12.65
C PHE K 78 26.31 -5.72 13.84
N SER K 79 26.10 -4.42 13.61
CA SER K 79 26.35 -3.40 14.64
C SER K 79 25.66 -2.09 14.28
N ILE K 80 24.69 -1.69 15.11
CA ILE K 80 23.96 -0.43 14.92
C ILE K 80 24.84 0.69 15.47
N VAL K 81 25.14 1.67 14.61
CA VAL K 81 26.00 2.81 14.97
C VAL K 81 25.25 3.75 15.90
N SER K 82 24.11 4.26 15.42
CA SER K 82 23.29 5.18 16.19
C SER K 82 21.83 5.13 15.71
N ALA K 83 20.93 5.60 16.57
CA ALA K 83 19.50 5.59 16.27
C ALA K 83 18.76 6.67 17.04
N SER K 84 18.57 7.82 16.40
CA SER K 84 17.78 8.92 16.95
C SER K 84 16.29 8.62 16.78
N ALA K 85 15.45 9.54 17.25
CA ALA K 85 13.99 9.40 17.15
C ALA K 85 13.48 9.22 15.72
N ASN K 86 14.08 9.95 14.77
CA ASN K 86 13.65 9.95 13.37
C ASN K 86 14.74 9.56 12.36
N SER K 87 15.73 8.77 12.81
CA SER K 87 16.77 8.26 11.90
C SER K 87 17.52 7.06 12.51
N TYR K 88 18.33 6.41 11.67
CA TYR K 88 19.20 5.32 12.12
C TYR K 88 20.37 5.07 11.16
N CYS K 89 21.38 4.36 11.66
CA CYS K 89 22.55 3.96 10.88
C CYS K 89 23.03 2.59 11.35
N MET K 90 23.01 1.61 10.45
CA MET K 90 23.35 0.22 10.76
C MET K 90 24.39 -0.32 9.77
N ILE K 91 25.62 -0.52 10.26
CA ILE K 91 26.69 -1.13 9.48
C ILE K 91 26.71 -2.63 9.73
N ALA K 92 26.96 -3.41 8.67
CA ALA K 92 27.09 -4.86 8.77
C ALA K 92 27.92 -5.42 7.62
N GLY K 93 28.60 -6.52 7.88
CA GLY K 93 29.48 -7.15 6.89
C GLY K 93 29.88 -8.56 7.25
N HIS K 94 30.18 -9.36 6.23
CA HIS K 94 30.63 -10.74 6.38
C HIS K 94 32.15 -10.74 6.44
N SER K 95 32.73 -11.72 7.15
CA SER K 95 34.18 -11.81 7.33
C SER K 95 34.90 -12.11 6.01
N GLY K 96 34.35 -13.05 5.25
CA GLY K 96 34.83 -13.35 3.88
C GLY K 96 33.88 -12.83 2.81
N GLY K 97 33.51 -11.56 2.92
CA GLY K 97 32.68 -10.89 1.93
C GLY K 97 33.53 -10.00 1.03
N THR K 98 32.91 -8.95 0.49
CA THR K 98 33.58 -7.99 -0.38
C THR K 98 33.82 -6.67 0.35
N VAL K 99 32.72 -6.04 0.80
CA VAL K 99 32.76 -4.75 1.50
C VAL K 99 31.69 -4.68 2.58
N TRP K 100 31.80 -3.68 3.45
CA TRP K 100 30.79 -3.40 4.47
C TRP K 100 29.54 -2.81 3.84
N PHE K 101 28.38 -3.13 4.40
CA PHE K 101 27.09 -2.64 3.93
C PHE K 101 26.45 -1.76 5.00
N ALA K 102 26.09 -0.53 4.62
CA ALA K 102 25.37 0.39 5.50
C ALA K 102 23.86 0.21 5.33
N ALA K 103 23.09 0.87 6.20
CA ALA K 103 21.63 0.80 6.15
C ALA K 103 20.98 1.97 6.89
N THR K 104 20.53 2.96 6.12
CA THR K 104 19.86 4.16 6.65
C THR K 104 18.46 4.23 6.03
N PRO K 105 17.55 5.04 6.62
CA PRO K 105 16.19 5.13 6.05
C PRO K 105 16.12 5.87 4.71
N ASP K 106 16.86 6.97 4.58
CA ASP K 106 16.83 7.78 3.34
C ASP K 106 17.51 7.11 2.14
N LYS K 107 18.65 6.48 2.36
CA LYS K 107 19.42 5.82 1.28
C LYS K 107 19.12 4.32 1.13
N GLY K 108 18.43 3.73 2.11
CA GLY K 108 18.16 2.29 2.11
C GLY K 108 19.40 1.49 2.47
N VAL K 109 19.43 0.23 2.05
CA VAL K 109 20.59 -0.64 2.25
C VAL K 109 21.52 -0.52 1.04
N TYR K 110 22.74 -0.03 1.29
CA TYR K 110 23.76 0.15 0.24
C TYR K 110 25.13 -0.30 0.73
N LYS K 111 26.07 -0.42 -0.21
CA LYS K 111 27.43 -0.87 0.08
C LYS K 111 28.43 0.30 0.04
N THR K 112 29.39 0.29 0.96
CA THR K 112 30.39 1.34 1.09
C THR K 112 31.74 0.92 0.49
N ASN K 113 32.67 1.87 0.40
CA ASN K 113 34.00 1.64 -0.17
C ASN K 113 34.94 0.85 0.77
N THR K 114 34.63 0.83 2.07
CA THR K 114 35.46 0.14 3.05
C THR K 114 35.42 -1.37 2.88
N ALA K 115 36.58 -2.01 2.92
CA ALA K 115 36.71 -3.46 2.73
C ALA K 115 36.48 -4.21 4.04
N VAL K 116 36.07 -5.47 3.90
CA VAL K 116 35.81 -6.34 5.07
C VAL K 116 37.09 -6.73 5.82
N THR K 117 38.22 -6.76 5.10
CA THR K 117 39.54 -6.96 5.71
C THR K 117 39.93 -5.77 6.59
N SER K 118 39.58 -4.56 6.14
CA SER K 118 39.78 -3.34 6.94
C SER K 118 38.76 -3.26 8.08
N SER K 119 38.99 -2.31 8.99
CA SER K 119 38.16 -2.16 10.19
C SER K 119 36.76 -1.64 9.86
N GLN K 120 35.84 -1.77 10.83
CA GLN K 120 34.44 -1.39 10.66
C GLN K 120 34.30 0.13 10.53
N PRO K 121 33.48 0.60 9.57
CA PRO K 121 33.17 2.04 9.48
C PRO K 121 32.51 2.60 10.75
N GLU K 122 32.98 3.75 11.20
CA GLU K 122 32.45 4.40 12.40
C GLU K 122 31.04 4.94 12.19
N SER K 123 30.83 5.58 11.04
CA SER K 123 29.50 6.06 10.63
C SER K 123 29.28 5.82 9.13
N CYS K 124 28.02 5.62 8.76
CA CYS K 124 27.65 5.36 7.37
C CYS K 124 27.81 6.61 6.50
N PRO K 125 28.13 6.44 5.19
CA PRO K 125 28.25 7.61 4.30
C PRO K 125 26.94 8.36 4.05
N PHE L 1 55.70 -55.52 -26.84
CA PHE L 1 54.62 -55.54 -25.81
C PHE L 1 54.86 -56.69 -24.82
N THR L 2 55.47 -56.36 -23.68
CA THR L 2 55.84 -57.35 -22.67
C THR L 2 54.66 -57.68 -21.74
N LEU L 3 54.84 -58.71 -20.93
CA LEU L 3 53.89 -59.05 -19.87
C LEU L 3 53.96 -58.05 -18.71
N ILE L 4 55.18 -57.63 -18.36
CA ILE L 4 55.41 -56.61 -17.33
C ILE L 4 54.77 -55.25 -17.67
N GLU L 5 54.80 -54.87 -18.95
CA GLU L 5 54.14 -53.65 -19.41
C GLU L 5 52.62 -53.75 -19.32
N LEU L 6 52.08 -54.96 -19.54
CA LEU L 6 50.66 -55.24 -19.34
C LEU L 6 50.31 -55.32 -17.85
N LEU L 7 51.20 -55.92 -17.07
CA LEU L 7 50.99 -56.13 -15.63
C LEU L 7 50.95 -54.83 -14.82
N ILE L 8 51.84 -53.90 -15.15
CA ILE L 8 51.84 -52.57 -14.51
C ILE L 8 50.60 -51.74 -14.92
N VAL L 9 50.13 -51.91 -16.15
CA VAL L 9 48.89 -51.26 -16.61
C VAL L 9 47.66 -51.78 -15.83
N ILE L 10 47.65 -53.08 -15.54
CA ILE L 10 46.61 -53.69 -14.70
C ILE L 10 46.68 -53.15 -13.27
N ALA L 11 47.91 -52.95 -12.77
CA ALA L 11 48.12 -52.39 -11.43
C ALA L 11 47.64 -50.93 -11.28
N ILE L 12 47.87 -50.12 -12.30
CA ILE L 12 47.45 -48.71 -12.30
C ILE L 12 45.92 -48.57 -12.43
N ILE L 13 45.29 -49.44 -13.22
CA ILE L 13 43.83 -49.46 -13.35
C ILE L 13 43.14 -49.73 -11.99
N ALA L 14 43.73 -50.62 -11.20
CA ALA L 14 43.25 -50.90 -9.84
C ALA L 14 43.35 -49.70 -8.91
N ILE L 15 44.42 -48.91 -9.06
CA ILE L 15 44.63 -47.69 -8.28
C ILE L 15 43.66 -46.59 -8.72
N LEU L 16 43.57 -46.35 -10.02
CA LEU L 16 42.67 -45.33 -10.58
C LEU L 16 41.19 -45.64 -10.34
N ALA L 17 40.82 -46.91 -10.37
CA ALA L 17 39.43 -47.34 -10.09
C ALA L 17 38.99 -47.10 -8.64
N ALA L 18 39.94 -47.07 -7.71
CA ALA L 18 39.66 -46.82 -6.30
C ALA L 18 39.52 -45.32 -6.02
N VAL L 19 40.55 -44.55 -6.41
CA VAL L 19 40.65 -43.13 -6.03
C VAL L 19 39.72 -42.19 -6.80
N LEU L 20 39.54 -42.42 -8.09
CA LEU L 20 38.76 -41.51 -8.95
C LEU L 20 37.25 -41.62 -8.79
N ILE L 21 36.77 -42.76 -8.29
CA ILE L 21 35.34 -42.97 -8.03
C ILE L 21 34.99 -42.17 -6.76
N PRO L 22 34.11 -41.16 -6.87
CA PRO L 22 33.80 -40.31 -5.72
C PRO L 22 32.83 -40.94 -4.72
N ASN L 23 32.67 -40.29 -3.57
CA ASN L 23 31.70 -40.72 -2.55
C ASN L 23 30.29 -40.38 -3.04
N LEU L 24 29.56 -41.41 -3.46
CA LEU L 24 28.21 -41.23 -4.02
C LEU L 24 27.17 -40.95 -2.93
N LEU L 25 27.21 -41.73 -1.85
CA LEU L 25 26.23 -41.62 -0.76
C LEU L 25 26.20 -40.22 -0.13
N ALA L 26 27.38 -39.65 0.08
CA ALA L 26 27.50 -38.30 0.66
C ALA L 26 26.98 -37.22 -0.30
N ALA L 27 27.28 -37.37 -1.59
CA ALA L 27 26.81 -36.44 -2.62
C ALA L 27 25.28 -36.36 -2.71
N ARG L 28 24.61 -37.51 -2.56
CA ARG L 28 23.15 -37.58 -2.63
C ARG L 28 22.47 -36.99 -1.39
N LYS L 29 23.08 -37.13 -0.21
CA LYS L 29 22.55 -36.57 1.04
C LYS L 29 22.21 -35.08 0.95
N ARG L 30 23.10 -34.30 0.33
CA ARG L 30 22.93 -32.85 0.20
C ARG L 30 21.90 -32.51 -0.87
N ALA L 31 21.85 -33.30 -1.93
CA ALA L 31 20.80 -33.19 -2.94
C ALA L 31 19.43 -33.54 -2.38
N ASN L 32 19.38 -34.55 -1.50
CA ASN L 32 18.16 -34.93 -0.79
C ASN L 32 17.66 -33.84 0.16
N ASP L 33 18.59 -33.12 0.79
CA ASP L 33 18.24 -31.97 1.64
C ASP L 33 17.63 -30.82 0.83
N THR L 34 18.14 -30.62 -0.39
CA THR L 34 17.58 -29.62 -1.31
C THR L 34 16.14 -29.94 -1.71
N VAL L 35 15.82 -31.23 -1.86
CA VAL L 35 14.45 -31.67 -2.18
C VAL L 35 13.50 -31.39 -1.01
N VAL L 36 13.98 -31.65 0.21
CA VAL L 36 13.19 -31.41 1.43
C VAL L 36 13.02 -29.90 1.68
N THR L 37 14.10 -29.14 1.50
CA THR L 37 14.07 -27.69 1.65
C THR L 37 13.18 -27.02 0.59
N ALA L 38 13.25 -27.51 -0.65
CA ALA L 38 12.41 -27.00 -1.74
C ALA L 38 10.93 -27.29 -1.52
N TYR L 39 10.61 -28.50 -1.09
CA TYR L 39 9.22 -28.90 -0.84
C TYR L 39 8.60 -28.14 0.35
N LEU L 40 9.39 -27.92 1.40
CA LEU L 40 8.97 -27.09 2.52
C LEU L 40 8.83 -25.61 2.13
N ASN L 41 9.75 -25.13 1.29
CA ASN L 41 9.67 -23.77 0.74
C ASN L 41 8.41 -23.60 -0.13
N ASP L 42 8.07 -24.62 -0.90
CA ASP L 42 6.80 -24.65 -1.65
C ASP L 42 5.59 -24.78 -0.72
N ALA L 43 5.72 -25.62 0.30
CA ALA L 43 4.64 -25.81 1.30
C ALA L 43 4.30 -24.52 2.04
N VAL L 44 5.30 -23.70 2.34
CA VAL L 44 5.10 -22.39 2.98
C VAL L 44 4.31 -21.43 2.08
N LYS L 45 4.56 -21.49 0.77
CA LYS L 45 3.85 -20.64 -0.20
C LYS L 45 2.35 -20.97 -0.27
N PHE L 46 2.04 -22.25 -0.42
CA PHE L 46 0.64 -22.70 -0.48
C PHE L 46 -0.10 -22.63 0.86
N GLN L 47 0.63 -22.54 1.97
CA GLN L 47 0.03 -22.22 3.27
C GLN L 47 -0.45 -20.76 3.30
N GLU L 48 0.35 -19.85 2.73
CA GLU L 48 -0.04 -18.44 2.60
C GLU L 48 -1.18 -18.23 1.61
N MET L 49 -1.26 -19.07 0.57
CA MET L 49 -2.38 -19.02 -0.39
C MET L 49 -3.69 -19.50 0.23
N TYR L 50 -3.63 -20.50 1.11
CA TYR L 50 -4.79 -20.95 1.87
C TYR L 50 -5.23 -19.91 2.91
N GLN L 51 -4.25 -19.18 3.46
CA GLN L 51 -4.52 -18.06 4.38
C GLN L 51 -5.30 -16.92 3.71
N ILE L 52 -5.05 -16.70 2.41
CA ILE L 52 -5.80 -15.72 1.62
C ILE L 52 -7.27 -16.14 1.46
N ASP L 53 -7.49 -17.43 1.18
CA ASP L 53 -8.84 -17.95 0.94
C ASP L 53 -9.65 -18.11 2.23
N ASN L 54 -9.13 -18.92 3.15
CA ASN L 54 -9.88 -19.37 4.34
C ASN L 54 -9.60 -18.58 5.64
N ASN L 55 -8.58 -17.72 5.64
CA ASN L 55 -8.13 -16.99 6.84
C ASN L 55 -7.69 -17.93 7.97
N SER L 56 -6.94 -18.98 7.59
CA SER L 56 -6.39 -19.95 8.54
C SER L 56 -5.28 -20.76 7.87
N TYR L 57 -4.66 -21.66 8.64
CA TYR L 57 -3.63 -22.58 8.12
C TYR L 57 -4.14 -24.02 8.14
N THR L 58 -3.65 -24.82 7.21
CA THR L 58 -4.13 -26.19 6.99
C THR L 58 -3.43 -27.19 7.89
N SER L 59 -4.23 -28.06 8.51
CA SER L 59 -3.70 -29.22 9.25
C SER L 59 -3.42 -30.37 8.27
N ASN L 60 -4.36 -30.62 7.35
CA ASN L 60 -4.22 -31.69 6.35
C ASN L 60 -3.41 -31.25 5.13
N GLN L 61 -2.74 -32.22 4.51
CA GLN L 61 -1.92 -31.98 3.31
C GLN L 61 -2.77 -31.83 2.05
N ALA L 62 -3.87 -32.58 1.96
CA ALA L 62 -4.76 -32.56 0.79
C ALA L 62 -5.34 -31.17 0.45
N ALA L 63 -5.50 -30.33 1.47
CA ALA L 63 -5.91 -28.93 1.27
C ALA L 63 -4.86 -28.13 0.51
N LEU L 64 -3.59 -28.32 0.86
CA LEU L 64 -2.47 -27.66 0.18
C LEU L 64 -2.28 -28.17 -1.26
N ILE L 65 -2.50 -29.47 -1.46
CA ILE L 65 -2.37 -30.09 -2.79
C ILE L 65 -3.49 -29.62 -3.73
N SER L 66 -4.70 -29.43 -3.20
CA SER L 66 -5.84 -28.94 -3.99
C SER L 66 -5.62 -27.53 -4.54
N LEU L 67 -4.95 -26.68 -3.77
CA LEU L 67 -4.60 -25.31 -4.21
C LEU L 67 -3.58 -25.29 -5.36
N GLY L 68 -2.67 -26.26 -5.39
CA GLY L 68 -1.61 -26.31 -6.42
C GLY L 68 -0.32 -27.04 -6.08
N LEU L 69 -0.02 -27.21 -4.79
CA LEU L 69 1.18 -27.94 -4.35
C LEU L 69 1.25 -29.35 -4.92
N LYS L 70 2.47 -29.81 -5.20
CA LYS L 70 2.70 -31.15 -5.75
C LYS L 70 2.51 -32.22 -4.69
N SER L 71 2.45 -33.48 -5.13
CA SER L 71 2.40 -34.62 -4.22
C SER L 71 3.74 -34.77 -3.49
N THR L 72 3.73 -35.49 -2.38
CA THR L 72 4.92 -35.69 -1.57
C THR L 72 6.02 -36.37 -2.41
N PRO L 73 7.28 -35.87 -2.34
CA PRO L 73 8.33 -36.48 -3.18
C PRO L 73 8.70 -37.90 -2.78
N ALA L 74 9.42 -38.59 -3.66
CA ALA L 74 9.84 -39.98 -3.43
C ALA L 74 10.84 -40.05 -2.29
N ASN L 75 10.60 -40.97 -1.35
CA ASN L 75 11.43 -41.15 -0.15
C ASN L 75 11.50 -39.90 0.73
N VAL L 76 10.36 -39.22 0.87
CA VAL L 76 10.23 -38.03 1.74
C VAL L 76 8.98 -38.20 2.62
N THR L 77 9.14 -37.89 3.90
CA THR L 77 8.06 -38.03 4.90
C THR L 77 7.62 -36.65 5.37
N PHE L 78 6.78 -36.01 4.55
CA PHE L 78 6.17 -34.72 4.89
C PHE L 78 5.03 -34.97 5.89
N SER L 79 4.92 -34.09 6.89
CA SER L 79 3.93 -34.24 7.94
C SER L 79 3.72 -32.93 8.70
N ILE L 80 2.52 -32.35 8.59
CA ILE L 80 2.19 -31.12 9.29
C ILE L 80 1.82 -31.47 10.74
N VAL L 81 2.55 -30.88 11.69
CA VAL L 81 2.36 -31.14 13.12
C VAL L 81 1.05 -30.52 13.59
N SER L 82 0.94 -29.20 13.43
CA SER L 82 -0.22 -28.45 13.85
C SER L 82 -0.36 -27.15 13.05
N ALA L 83 -1.57 -26.61 13.03
CA ALA L 83 -1.86 -25.39 12.27
C ALA L 83 -3.05 -24.64 12.87
N SER L 84 -2.74 -23.66 13.73
CA SER L 84 -3.75 -22.77 14.30
C SER L 84 -4.13 -21.70 13.28
N ALA L 85 -5.04 -20.81 13.66
CA ALA L 85 -5.50 -19.72 12.80
C ALA L 85 -4.38 -18.80 12.32
N ASN L 86 -3.42 -18.51 13.20
CA ASN L 86 -2.32 -17.57 12.91
C ASN L 86 -0.91 -18.17 13.07
N SER L 87 -0.79 -19.49 12.92
CA SER L 87 0.52 -20.15 12.97
C SER L 87 0.49 -21.55 12.34
N TYR L 88 1.68 -22.13 12.15
CA TYR L 88 1.81 -23.51 11.68
C TYR L 88 3.18 -24.11 12.01
N CYS L 89 3.25 -25.44 11.94
CA CYS L 89 4.50 -26.19 12.16
C CYS L 89 4.51 -27.41 11.24
N MET L 90 5.48 -27.48 10.34
CA MET L 90 5.59 -28.54 9.34
C MET L 90 6.98 -29.17 9.36
N ILE L 91 7.05 -30.42 9.82
CA ILE L 91 8.29 -31.20 9.82
C ILE L 91 8.34 -32.04 8.54
N ALA L 92 9.53 -32.14 7.95
CA ALA L 92 9.75 -32.97 6.77
C ALA L 92 11.22 -33.39 6.66
N GLY L 93 11.45 -34.56 6.06
CA GLY L 93 12.80 -35.11 5.92
C GLY L 93 12.89 -36.24 4.92
N HIS L 94 14.08 -36.41 4.34
CA HIS L 94 14.35 -37.48 3.39
C HIS L 94 14.90 -38.68 4.16
N SER L 95 14.66 -39.89 3.65
CA SER L 95 15.09 -41.12 4.32
C SER L 95 16.61 -41.25 4.36
N GLY L 96 17.26 -40.96 3.24
CA GLY L 96 18.73 -40.88 3.15
C GLY L 96 19.22 -39.46 3.06
N GLY L 97 18.75 -38.61 3.98
CA GLY L 97 19.20 -37.21 4.09
C GLY L 97 20.19 -37.05 5.23
N THR L 98 20.24 -35.85 5.79
CA THR L 98 21.11 -35.54 6.92
C THR L 98 20.32 -35.40 8.21
N VAL L 99 19.37 -34.46 8.21
CA VAL L 99 18.52 -34.17 9.37
C VAL L 99 17.11 -33.78 8.95
N TRP L 100 16.19 -33.74 9.92
CA TRP L 100 14.82 -33.29 9.68
C TRP L 100 14.80 -31.76 9.53
N PHE L 101 13.89 -31.28 8.69
CA PHE L 101 13.73 -29.84 8.44
C PHE L 101 12.35 -29.40 8.92
N ALA L 102 12.33 -28.37 9.77
CA ALA L 102 11.09 -27.76 10.25
C ALA L 102 10.69 -26.60 9.32
N ALA L 103 9.48 -26.08 9.53
CA ALA L 103 8.97 -24.97 8.73
C ALA L 103 7.83 -24.23 9.45
N THR L 104 8.17 -23.08 10.04
CA THR L 104 7.22 -22.22 10.74
C THR L 104 7.21 -20.84 10.07
N PRO L 105 6.17 -20.02 10.33
CA PRO L 105 6.15 -18.69 9.69
C PRO L 105 7.19 -17.71 10.22
N ASP L 106 7.41 -17.69 11.54
CA ASP L 106 8.36 -16.75 12.16
C ASP L 106 9.83 -17.07 11.86
N LYS L 107 10.20 -18.36 11.91
CA LYS L 107 11.59 -18.79 11.68
C LYS L 107 11.88 -19.22 10.24
N GLY L 108 10.83 -19.39 9.43
CA GLY L 108 10.98 -19.87 8.05
C GLY L 108 11.29 -21.35 8.01
N VAL L 109 11.91 -21.80 6.92
CA VAL L 109 12.33 -23.19 6.77
C VAL L 109 13.76 -23.33 7.30
N TYR L 110 13.93 -24.13 8.34
CA TYR L 110 15.24 -24.38 8.96
C TYR L 110 15.43 -25.85 9.30
N LYS L 111 16.67 -26.23 9.62
CA LYS L 111 17.01 -27.63 9.94
C LYS L 111 17.24 -27.81 11.45
N THR L 112 16.78 -28.95 11.97
CA THR L 112 16.87 -29.26 13.40
C THR L 112 18.01 -30.24 13.69
N ASN L 113 18.29 -30.45 14.97
CA ASN L 113 19.37 -31.35 15.41
C ASN L 113 19.03 -32.84 15.26
N THR L 114 17.74 -33.17 15.16
CA THR L 114 17.29 -34.57 15.05
C THR L 114 17.71 -35.18 13.70
N ALA L 115 18.25 -36.40 13.75
CA ALA L 115 18.73 -37.10 12.56
C ALA L 115 17.60 -37.85 11.86
N VAL L 116 17.78 -38.08 10.56
CA VAL L 116 16.79 -38.79 9.74
C VAL L 116 16.69 -40.29 10.09
N THR L 117 17.78 -40.85 10.60
CA THR L 117 17.78 -42.23 11.13
C THR L 117 16.93 -42.33 12.40
N SER L 118 16.97 -41.29 13.24
CA SER L 118 16.12 -41.20 14.43
C SER L 118 14.67 -40.88 14.04
N SER L 119 13.77 -40.99 15.01
CA SER L 119 12.34 -40.78 14.78
C SER L 119 11.99 -39.32 14.50
N GLN L 120 10.79 -39.11 13.97
CA GLN L 120 10.32 -37.78 13.58
C GLN L 120 10.11 -36.88 14.81
N PRO L 121 10.56 -35.62 14.75
CA PRO L 121 10.26 -34.66 15.83
C PRO L 121 8.77 -34.42 16.03
N GLU L 122 8.33 -34.43 17.29
CA GLU L 122 6.93 -34.24 17.64
C GLU L 122 6.47 -32.80 17.37
N SER L 123 7.31 -31.84 17.76
CA SER L 123 7.07 -30.41 17.48
C SER L 123 8.37 -29.73 17.08
N CYS L 124 8.25 -28.69 16.26
CA CYS L 124 9.41 -27.93 15.76
C CYS L 124 10.04 -27.08 16.89
N PRO L 125 11.37 -26.85 16.84
CA PRO L 125 12.01 -26.00 17.86
C PRO L 125 11.58 -24.54 17.83
N PHE M 1 62.16 -63.90 -24.06
CA PHE M 1 60.82 -63.52 -24.56
C PHE M 1 60.23 -64.68 -25.38
N THR M 2 59.38 -65.49 -24.73
CA THR M 2 58.78 -66.67 -25.35
C THR M 2 57.54 -66.32 -26.18
N LEU M 3 57.06 -67.30 -26.93
CA LEU M 3 55.79 -67.18 -27.67
C LEU M 3 54.60 -67.26 -26.70
N ILE M 4 54.69 -68.14 -25.71
CA ILE M 4 53.66 -68.27 -24.67
C ILE M 4 53.48 -67.00 -23.83
N GLU M 5 54.57 -66.28 -23.56
CA GLU M 5 54.51 -64.99 -22.85
C GLU M 5 53.85 -63.91 -23.73
N LEU M 6 54.06 -63.98 -25.04
CA LEU M 6 53.37 -63.11 -25.99
C LEU M 6 51.90 -63.52 -26.16
N LEU M 7 51.65 -64.83 -26.19
CA LEU M 7 50.31 -65.39 -26.41
C LEU M 7 49.34 -65.07 -25.27
N ILE M 8 49.81 -65.18 -24.03
CA ILE M 8 49.00 -64.80 -22.86
C ILE M 8 48.72 -63.30 -22.80
N VAL M 9 49.69 -62.48 -23.23
CA VAL M 9 49.49 -61.03 -23.33
C VAL M 9 48.41 -60.67 -24.36
N ILE M 10 48.38 -61.40 -25.48
CA ILE M 10 47.31 -61.25 -26.48
C ILE M 10 45.95 -61.67 -25.91
N ALA M 11 45.95 -62.72 -25.09
CA ALA M 11 44.73 -63.19 -24.43
C ALA M 11 44.14 -62.19 -23.43
N ILE M 12 45.01 -61.54 -22.66
CA ILE M 12 44.58 -60.54 -21.66
C ILE M 12 44.08 -59.25 -22.32
N ILE M 13 44.70 -58.85 -23.42
CA ILE M 13 44.25 -57.66 -24.19
C ILE M 13 42.81 -57.86 -24.70
N ALA M 14 42.47 -59.08 -25.14
CA ALA M 14 41.11 -59.42 -25.56
C ALA M 14 40.10 -59.32 -24.42
N ILE M 15 40.52 -59.70 -23.21
CA ILE M 15 39.67 -59.61 -22.00
C ILE M 15 39.48 -58.16 -21.58
N LEU M 16 40.59 -57.42 -21.48
CA LEU M 16 40.56 -55.99 -21.09
C LEU M 16 39.82 -55.11 -22.09
N ALA M 17 39.92 -55.43 -23.38
CA ALA M 17 39.21 -54.68 -24.43
C ALA M 17 37.69 -54.85 -24.39
N ALA M 18 37.21 -55.97 -23.83
CA ALA M 18 35.79 -56.23 -23.68
C ALA M 18 35.21 -55.53 -22.45
N VAL M 19 35.83 -55.78 -21.29
CA VAL M 19 35.26 -55.35 -20.00
C VAL M 19 35.43 -53.85 -19.70
N LEU M 20 36.57 -53.27 -20.06
CA LEU M 20 36.87 -51.88 -19.70
C LEU M 20 36.15 -50.84 -20.56
N ILE M 21 35.72 -51.22 -21.76
CA ILE M 21 34.96 -50.34 -22.66
C ILE M 21 33.53 -50.24 -22.09
N PRO M 22 33.10 -49.02 -21.67
CA PRO M 22 31.80 -48.88 -21.03
C PRO M 22 30.62 -48.87 -22.02
N ASN M 23 29.41 -48.92 -21.49
CA ASN M 23 28.19 -48.82 -22.29
C ASN M 23 28.02 -47.36 -22.75
N LEU M 24 28.30 -47.11 -24.02
CA LEU M 24 28.23 -45.76 -24.58
C LEU M 24 26.80 -45.29 -24.81
N LEU M 25 25.98 -46.15 -25.41
CA LEU M 25 24.59 -45.83 -25.76
C LEU M 25 23.77 -45.39 -24.54
N ALA M 26 23.93 -46.12 -23.44
CA ALA M 26 23.21 -45.82 -22.19
C ALA M 26 23.67 -44.49 -21.57
N ALA M 27 24.99 -44.24 -21.62
CA ALA M 27 25.57 -42.99 -21.10
C ALA M 27 25.04 -41.75 -21.82
N ARG M 28 24.85 -41.85 -23.14
CA ARG M 28 24.34 -40.73 -23.94
C ARG M 28 22.85 -40.45 -23.71
N LYS M 29 22.05 -41.50 -23.47
CA LYS M 29 20.61 -41.34 -23.20
C LYS M 29 20.30 -40.34 -22.09
N ARG M 30 21.07 -40.39 -21.00
CA ARG M 30 20.85 -39.51 -19.85
C ARG M 30 21.36 -38.10 -20.13
N ALA M 31 22.43 -37.98 -20.89
CA ALA M 31 22.92 -36.69 -21.38
C ALA M 31 21.94 -36.04 -22.35
N ASN M 32 21.31 -36.86 -23.20
CA ASN M 32 20.26 -36.41 -24.11
C ASN M 32 19.00 -35.92 -23.38
N ASP M 33 18.68 -36.56 -22.25
CA ASP M 33 17.56 -36.11 -21.39
C ASP M 33 17.85 -34.74 -20.76
N THR M 34 19.11 -34.51 -20.40
CA THR M 34 19.55 -33.21 -19.86
C THR M 34 19.40 -32.09 -20.88
N VAL M 35 19.65 -32.39 -22.15
CA VAL M 35 19.47 -31.43 -23.26
C VAL M 35 17.99 -31.06 -23.44
N VAL M 36 17.12 -32.07 -23.36
CA VAL M 36 15.67 -31.87 -23.48
C VAL M 36 15.12 -31.12 -22.27
N THR M 37 15.56 -31.52 -21.08
CA THR M 37 15.15 -30.87 -19.83
C THR M 37 15.64 -29.42 -19.76
N ALA M 38 16.87 -29.17 -20.22
CA ALA M 38 17.44 -27.82 -20.25
C ALA M 38 16.72 -26.91 -21.23
N TYR M 39 16.41 -27.43 -22.42
CA TYR M 39 15.71 -26.66 -23.46
C TYR M 39 14.27 -26.33 -23.07
N LEU M 40 13.59 -27.28 -22.42
CA LEU M 40 12.25 -27.04 -21.86
C LEU M 40 12.29 -26.07 -20.68
N ASN M 41 13.33 -26.17 -19.85
CA ASN M 41 13.55 -25.23 -18.75
C ASN M 41 13.81 -23.81 -19.27
N ASP M 42 14.55 -23.70 -20.37
CA ASP M 42 14.75 -22.43 -21.07
C ASP M 42 13.46 -21.96 -21.76
N ALA M 43 12.72 -22.89 -22.36
CA ALA M 43 11.44 -22.58 -23.02
C ALA M 43 10.40 -22.03 -22.05
N VAL M 44 10.38 -22.54 -20.82
CA VAL M 44 9.49 -22.02 -19.76
C VAL M 44 9.82 -20.57 -19.38
N LYS M 45 11.11 -20.23 -19.37
CA LYS M 45 11.55 -18.86 -19.06
C LYS M 45 11.09 -17.85 -20.10
N PHE M 46 11.33 -18.15 -21.37
CA PHE M 46 10.91 -17.26 -22.48
C PHE M 46 9.41 -17.24 -22.72
N GLN M 47 8.68 -18.24 -22.22
CA GLN M 47 7.20 -18.17 -22.18
C GLN M 47 6.73 -17.13 -21.16
N GLU M 48 7.40 -17.06 -20.01
CA GLU M 48 7.12 -16.03 -19.00
C GLU M 48 7.52 -14.63 -19.45
N MET M 49 8.57 -14.52 -20.26
CA MET M 49 8.99 -13.24 -20.84
C MET M 49 8.01 -12.71 -21.88
N TYR M 50 7.41 -13.62 -22.66
CA TYR M 50 6.35 -13.27 -23.60
C TYR M 50 5.05 -12.88 -22.89
N GLN M 51 4.81 -13.51 -21.73
CA GLN M 51 3.68 -13.17 -20.86
C GLN M 51 3.78 -11.75 -20.30
N ILE M 52 5.00 -11.27 -20.06
CA ILE M 52 5.24 -9.88 -19.63
C ILE M 52 4.89 -8.89 -20.74
N ASP M 53 5.28 -9.22 -21.99
CA ASP M 53 5.06 -8.34 -23.13
C ASP M 53 3.62 -8.35 -23.61
N ASN M 54 3.14 -9.52 -24.00
CA ASN M 54 1.85 -9.67 -24.70
C ASN M 54 0.64 -10.06 -23.82
N ASN M 55 0.90 -10.43 -22.57
CA ASN M 55 -0.15 -10.94 -21.65
C ASN M 55 -0.82 -12.22 -22.18
N SER M 56 0.00 -13.12 -22.71
CA SER M 56 -0.47 -14.41 -23.23
C SER M 56 0.71 -15.38 -23.39
N TYR M 57 0.42 -16.61 -23.81
CA TYR M 57 1.46 -17.61 -24.10
C TYR M 57 1.50 -17.92 -25.59
N THR M 58 2.69 -18.28 -26.09
CA THR M 58 2.93 -18.48 -27.52
C THR M 58 2.57 -19.87 -27.98
N SER M 59 1.86 -19.95 -29.11
CA SER M 59 1.61 -21.21 -29.80
C SER M 59 2.81 -21.56 -30.69
N ASN M 60 3.30 -20.57 -31.43
CA ASN M 60 4.46 -20.75 -32.33
C ASN M 60 5.80 -20.64 -31.60
N GLN M 61 6.80 -21.35 -32.13
CA GLN M 61 8.15 -21.35 -31.57
C GLN M 61 8.94 -20.09 -31.92
N ALA M 62 8.72 -19.56 -33.13
CA ALA M 62 9.42 -18.37 -33.63
C ALA M 62 9.26 -17.13 -32.75
N ALA M 63 8.12 -17.03 -32.04
CA ALA M 63 7.88 -15.97 -31.07
C ALA M 63 8.84 -16.07 -29.88
N LEU M 64 9.06 -17.29 -29.38
CA LEU M 64 9.99 -17.53 -28.28
C LEU M 64 11.45 -17.31 -28.70
N ILE M 65 11.79 -17.67 -29.94
CA ILE M 65 13.14 -17.49 -30.47
C ILE M 65 13.48 -16.01 -30.68
N SER M 66 12.49 -15.23 -31.11
CA SER M 66 12.66 -13.78 -31.31
C SER M 66 13.00 -13.04 -30.00
N LEU M 67 12.40 -13.47 -28.89
CA LEU M 67 12.70 -12.90 -27.57
C LEU M 67 14.13 -13.18 -27.08
N GLY M 68 14.69 -14.33 -27.46
CA GLY M 68 16.04 -14.72 -27.01
C GLY M 68 16.38 -16.20 -26.97
N LEU M 69 15.35 -17.07 -26.90
CA LEU M 69 15.56 -18.53 -26.89
C LEU M 69 16.36 -19.01 -28.10
N LYS M 70 17.17 -20.05 -27.89
CA LYS M 70 17.99 -20.63 -28.94
C LYS M 70 17.16 -21.45 -29.92
N SER M 71 17.76 -21.81 -31.05
CA SER M 71 17.13 -22.71 -32.01
C SER M 71 17.01 -24.11 -31.43
N THR M 72 16.14 -24.93 -32.01
CA THR M 72 15.90 -26.30 -31.52
C THR M 72 17.21 -27.10 -31.59
N PRO M 73 17.56 -27.85 -30.53
CA PRO M 73 18.83 -28.58 -30.56
C PRO M 73 18.87 -29.74 -31.57
N ALA M 74 20.07 -30.24 -31.83
CA ALA M 74 20.28 -31.31 -32.81
C ALA M 74 19.66 -32.62 -32.30
N ASN M 75 18.88 -33.26 -33.17
CA ASN M 75 18.15 -34.50 -32.84
C ASN M 75 17.16 -34.33 -31.68
N VAL M 76 16.46 -33.20 -31.67
CA VAL M 76 15.42 -32.90 -30.68
C VAL M 76 14.18 -32.40 -31.40
N THR M 77 13.01 -32.92 -31.01
CA THR M 77 11.73 -32.58 -31.61
C THR M 77 10.87 -31.79 -30.64
N PHE M 78 11.17 -30.49 -30.54
CA PHE M 78 10.39 -29.56 -29.73
C PHE M 78 9.09 -29.22 -30.47
N SER M 79 7.99 -29.16 -29.72
CA SER M 79 6.67 -28.90 -30.31
C SER M 79 5.67 -28.45 -29.24
N ILE M 80 5.21 -27.21 -29.36
CA ILE M 80 4.21 -26.66 -28.44
C ILE M 80 2.83 -27.18 -28.85
N VAL M 81 2.15 -27.84 -27.92
CA VAL M 81 0.83 -28.43 -28.18
C VAL M 81 -0.22 -27.34 -28.28
N SER M 82 -0.34 -26.56 -27.22
CA SER M 82 -1.32 -25.48 -27.13
C SER M 82 -0.88 -24.42 -26.13
N ALA M 83 -1.43 -23.22 -26.27
CA ALA M 83 -1.09 -22.09 -25.41
C ALA M 83 -2.23 -21.08 -25.34
N SER M 84 -3.05 -21.21 -24.31
CA SER M 84 -4.13 -20.26 -24.01
C SER M 84 -3.55 -19.02 -23.34
N ALA M 85 -4.41 -18.06 -23.02
CA ALA M 85 -4.00 -16.81 -22.36
C ALA M 85 -3.29 -17.03 -21.02
N ASN M 86 -3.77 -18.00 -20.24
CA ASN M 86 -3.24 -18.27 -18.89
C ASN M 86 -2.74 -19.71 -18.68
N SER M 87 -2.31 -20.37 -19.77
CA SER M 87 -1.72 -21.72 -19.67
C SER M 87 -0.91 -22.09 -20.92
N TYR M 88 -0.18 -23.20 -20.82
CA TYR M 88 0.55 -23.76 -21.96
C TYR M 88 0.89 -25.24 -21.77
N CYS M 89 1.22 -25.90 -22.87
CA CYS M 89 1.65 -27.30 -22.89
C CYS M 89 2.70 -27.50 -23.98
N MET M 90 3.90 -27.90 -23.58
CA MET M 90 5.04 -28.05 -24.49
C MET M 90 5.68 -29.44 -24.32
N ILE M 91 5.52 -30.28 -25.35
CA ILE M 91 6.15 -31.60 -25.38
C ILE M 91 7.47 -31.49 -26.14
N ALA M 92 8.49 -32.21 -25.66
CA ALA M 92 9.80 -32.27 -26.32
C ALA M 92 10.53 -33.55 -25.94
N GLY M 93 11.37 -34.02 -26.85
CA GLY M 93 12.13 -35.26 -26.64
C GLY M 93 13.27 -35.44 -27.62
N HIS M 94 14.29 -36.19 -27.20
CA HIS M 94 15.45 -36.51 -28.03
C HIS M 94 15.18 -37.83 -28.74
N SER M 95 15.77 -38.00 -29.92
CA SER M 95 15.55 -39.20 -30.74
C SER M 95 16.13 -40.46 -30.07
N GLY M 96 17.35 -40.33 -29.55
CA GLY M 96 17.99 -41.38 -28.75
C GLY M 96 18.01 -41.05 -27.26
N GLY M 97 16.85 -40.67 -26.73
CA GLY M 97 16.67 -40.39 -25.31
C GLY M 97 16.00 -41.56 -24.61
N THR M 98 15.30 -41.27 -23.51
CA THR M 98 14.57 -42.28 -22.74
C THR M 98 13.06 -42.14 -22.97
N VAL M 99 12.52 -40.97 -22.63
CA VAL M 99 11.09 -40.68 -22.76
C VAL M 99 10.85 -39.23 -23.16
N TRP M 100 9.61 -38.92 -23.55
CA TRP M 100 9.20 -37.56 -23.86
C TRP M 100 9.06 -36.75 -22.57
N PHE M 101 9.37 -35.45 -22.66
CA PHE M 101 9.27 -34.54 -21.52
C PHE M 101 8.22 -33.48 -21.81
N ALA M 102 7.27 -33.33 -20.90
CA ALA M 102 6.24 -32.28 -20.97
C ALA M 102 6.71 -31.04 -20.23
N ALA M 103 5.96 -29.95 -20.39
CA ALA M 103 6.28 -28.68 -19.73
C ALA M 103 5.04 -27.77 -19.64
N THR M 104 4.44 -27.73 -18.45
CA THR M 104 3.28 -26.89 -18.16
C THR M 104 3.64 -25.94 -17.02
N PRO M 105 2.85 -24.86 -16.80
CA PRO M 105 3.19 -23.93 -15.72
C PRO M 105 2.93 -24.49 -14.31
N ASP M 106 1.83 -25.21 -14.12
CA ASP M 106 1.48 -25.76 -12.80
C ASP M 106 2.37 -26.91 -12.34
N LYS M 107 2.71 -27.83 -13.26
CA LYS M 107 3.54 -29.00 -12.94
C LYS M 107 5.02 -28.81 -13.23
N GLY M 108 5.38 -27.74 -13.96
CA GLY M 108 6.76 -27.51 -14.36
C GLY M 108 7.18 -28.43 -15.48
N VAL M 109 8.49 -28.65 -15.60
CA VAL M 109 9.05 -29.57 -16.59
C VAL M 109 9.16 -30.96 -15.96
N TYR M 110 8.42 -31.92 -16.51
CA TYR M 110 8.43 -33.31 -16.03
C TYR M 110 8.45 -34.30 -17.19
N LYS M 111 8.71 -35.56 -16.87
CA LYS M 111 8.81 -36.64 -17.87
C LYS M 111 7.58 -37.54 -17.84
N THR M 112 7.13 -37.95 -19.02
CA THR M 112 5.93 -38.80 -19.18
C THR M 112 6.30 -40.26 -19.43
N ASN M 113 5.28 -41.13 -19.40
CA ASN M 113 5.47 -42.57 -19.61
C ASN M 113 5.73 -42.95 -21.07
N THR M 114 5.39 -42.08 -22.01
CA THR M 114 5.56 -42.36 -23.45
C THR M 114 7.05 -42.40 -23.83
N ALA M 115 7.43 -43.41 -24.61
CA ALA M 115 8.82 -43.60 -25.02
C ALA M 115 9.14 -42.80 -26.27
N VAL M 116 10.43 -42.49 -26.44
CA VAL M 116 10.91 -41.72 -27.60
C VAL M 116 10.81 -42.51 -28.91
N THR M 117 10.89 -43.83 -28.83
CA THR M 117 10.65 -44.72 -29.98
C THR M 117 9.20 -44.65 -30.44
N SER M 118 8.27 -44.55 -29.48
CA SER M 118 6.85 -44.35 -29.77
C SER M 118 6.57 -42.93 -30.25
N SER M 119 5.36 -42.71 -30.76
CA SER M 119 4.97 -41.41 -31.33
C SER M 119 4.82 -40.33 -30.26
N GLN M 120 4.79 -39.08 -30.72
CA GLN M 120 4.73 -37.91 -29.82
C GLN M 120 3.37 -37.85 -29.10
N PRO M 121 3.38 -37.57 -27.78
CA PRO M 121 2.12 -37.34 -27.04
C PRO M 121 1.30 -36.17 -27.61
N GLU M 122 0.00 -36.39 -27.77
CA GLU M 122 -0.90 -35.35 -28.30
C GLU M 122 -1.10 -34.20 -27.31
N SER M 123 -1.29 -34.55 -26.03
CA SER M 123 -1.39 -33.57 -24.94
C SER M 123 -0.65 -34.07 -23.71
N CYS M 124 -0.13 -33.13 -22.92
CA CYS M 124 0.63 -33.44 -21.71
C CYS M 124 -0.29 -34.00 -20.61
N PRO M 125 0.24 -34.90 -19.73
CA PRO M 125 -0.59 -35.42 -18.62
C PRO M 125 -0.99 -34.37 -17.57
N PHE N 1 63.70 -74.05 -27.82
CA PHE N 1 63.57 -72.61 -28.21
C PHE N 1 64.28 -72.36 -29.54
N THR N 2 63.50 -72.37 -30.62
CA THR N 2 64.04 -72.22 -31.98
C THR N 2 64.25 -70.74 -32.35
N LEU N 3 64.91 -70.52 -33.48
CA LEU N 3 65.06 -69.18 -34.06
C LEU N 3 63.73 -68.71 -34.68
N ILE N 4 63.04 -69.64 -35.34
CA ILE N 4 61.71 -69.34 -35.93
C ILE N 4 60.66 -68.95 -34.88
N GLU N 5 60.71 -69.57 -33.70
CA GLU N 5 59.83 -69.20 -32.58
C GLU N 5 60.15 -67.81 -32.03
N LEU N 6 61.44 -67.44 -32.05
CA LEU N 6 61.86 -66.09 -31.70
C LEU N 6 61.52 -65.08 -32.80
N LEU N 7 61.68 -65.50 -34.06
CA LEU N 7 61.45 -64.66 -35.23
C LEU N 7 59.99 -64.25 -35.40
N ILE N 8 59.07 -65.19 -35.19
CA ILE N 8 57.63 -64.89 -35.22
C ILE N 8 57.20 -63.99 -34.06
N VAL N 9 57.82 -64.14 -32.90
CA VAL N 9 57.57 -63.26 -31.74
C VAL N 9 58.01 -61.82 -32.04
N ILE N 10 59.14 -61.66 -32.73
CA ILE N 10 59.61 -60.35 -33.19
C ILE N 10 58.62 -59.75 -34.22
N ALA N 11 58.08 -60.59 -35.09
CA ALA N 11 57.08 -60.17 -36.09
C ALA N 11 55.77 -59.67 -35.47
N ILE N 12 55.29 -60.35 -34.43
CA ILE N 12 54.05 -59.98 -33.74
C ILE N 12 54.22 -58.69 -32.92
N ILE N 13 55.39 -58.50 -32.31
CA ILE N 13 55.70 -57.26 -31.57
C ILE N 13 55.62 -56.03 -32.49
N ALA N 14 56.10 -56.17 -33.72
CA ALA N 14 56.01 -55.11 -34.73
C ALA N 14 54.56 -54.78 -35.11
N ILE N 15 53.71 -55.79 -35.15
CA ILE N 15 52.28 -55.63 -35.46
C ILE N 15 51.55 -54.97 -34.27
N LEU N 16 51.76 -55.50 -33.08
CA LEU N 16 51.14 -54.96 -31.85
C LEU N 16 51.59 -53.53 -31.51
N ALA N 17 52.86 -53.22 -31.80
CA ALA N 17 53.39 -51.86 -31.57
C ALA N 17 52.79 -50.80 -32.48
N ALA N 18 52.30 -51.21 -33.65
CA ALA N 18 51.65 -50.30 -34.60
C ALA N 18 50.19 -50.05 -34.23
N VAL N 19 49.43 -51.14 -34.08
CA VAL N 19 47.97 -51.06 -33.92
C VAL N 19 47.49 -50.60 -32.54
N LEU N 20 48.15 -51.05 -31.47
CA LEU N 20 47.71 -50.76 -30.10
C LEU N 20 48.01 -49.34 -29.62
N ILE N 21 48.99 -48.68 -30.24
CA ILE N 21 49.34 -47.30 -29.91
C ILE N 21 48.26 -46.39 -30.51
N PRO N 22 47.50 -45.66 -29.67
CA PRO N 22 46.38 -44.87 -30.17
C PRO N 22 46.81 -43.54 -30.80
N ASN N 23 45.87 -42.86 -31.44
CA ASN N 23 46.09 -41.53 -32.02
C ASN N 23 46.17 -40.51 -30.88
N LEU N 24 47.39 -40.05 -30.58
CA LEU N 24 47.63 -39.13 -29.47
C LEU N 24 47.18 -37.70 -29.82
N LEU N 25 47.55 -37.23 -31.01
CA LEU N 25 47.27 -35.86 -31.44
C LEU N 25 45.77 -35.54 -31.44
N ALA N 26 44.97 -36.48 -31.92
CA ALA N 26 43.52 -36.32 -31.96
C ALA N 26 42.89 -36.31 -30.55
N ALA N 27 43.40 -37.18 -29.67
CA ALA N 27 42.94 -37.24 -28.28
C ALA N 27 43.16 -35.93 -27.51
N ARG N 28 44.29 -35.28 -27.76
CA ARG N 28 44.62 -34.01 -27.10
C ARG N 28 43.78 -32.83 -27.60
N LYS N 29 43.43 -32.82 -28.90
CA LYS N 29 42.60 -31.76 -29.49
C LYS N 29 41.29 -31.52 -28.72
N ARG N 30 40.62 -32.60 -28.33
CA ARG N 30 39.34 -32.51 -27.61
C ARG N 30 39.53 -32.10 -26.16
N ALA N 31 40.63 -32.54 -25.56
CA ALA N 31 41.02 -32.09 -24.21
C ALA N 31 41.40 -30.61 -24.21
N ASN N 32 42.06 -30.16 -25.28
CA ASN N 32 42.39 -28.74 -25.47
C ASN N 32 41.15 -27.86 -25.65
N ASP N 33 40.12 -28.40 -26.30
CA ASP N 33 38.84 -27.70 -26.44
C ASP N 33 38.13 -27.53 -25.09
N THR N 34 38.25 -28.55 -24.23
CA THR N 34 37.71 -28.50 -22.87
C THR N 34 38.37 -27.40 -22.02
N VAL N 35 39.67 -27.20 -22.22
CA VAL N 35 40.42 -26.12 -21.53
C VAL N 35 39.94 -24.74 -21.99
N VAL N 36 39.71 -24.59 -23.29
CA VAL N 36 39.22 -23.33 -23.86
C VAL N 36 37.77 -23.07 -23.44
N THR N 37 36.94 -24.10 -23.49
CA THR N 37 35.54 -24.01 -23.08
C THR N 37 35.41 -23.72 -21.58
N ALA N 38 36.25 -24.35 -20.77
CA ALA N 38 36.26 -24.13 -19.31
C ALA N 38 36.70 -22.71 -18.94
N TYR N 39 37.76 -22.23 -19.61
CA TYR N 39 38.27 -20.88 -19.35
C TYR N 39 37.29 -19.78 -19.79
N LEU N 40 36.62 -19.99 -20.91
CA LEU N 40 35.55 -19.09 -21.36
C LEU N 40 34.32 -19.16 -20.45
N ASN N 41 33.99 -20.37 -19.97
CA ASN N 41 32.92 -20.56 -18.99
C ASN N 41 33.23 -19.84 -17.66
N ASP N 42 34.51 -19.90 -17.25
CA ASP N 42 34.98 -19.13 -16.09
C ASP N 42 35.00 -17.63 -16.37
N ALA N 43 35.43 -17.25 -17.58
CA ALA N 43 35.47 -15.84 -18.00
C ALA N 43 34.08 -15.18 -18.00
N VAL N 44 33.06 -15.94 -18.38
CA VAL N 44 31.67 -15.47 -18.35
C VAL N 44 31.20 -15.20 -16.91
N LYS N 45 31.63 -16.03 -15.96
CA LYS N 45 31.27 -15.85 -14.54
C LYS N 45 31.85 -14.56 -13.96
N PHE N 46 33.14 -14.34 -14.16
CA PHE N 46 33.82 -13.14 -13.66
C PHE N 46 33.44 -11.85 -14.42
N GLN N 47 32.88 -11.99 -15.63
CA GLN N 47 32.25 -10.85 -16.32
C GLN N 47 30.97 -10.42 -15.61
N GLU N 48 30.18 -11.40 -15.15
CA GLU N 48 28.96 -11.12 -14.36
C GLU N 48 29.28 -10.56 -12.97
N MET N 49 30.40 -10.98 -12.39
CA MET N 49 30.86 -10.43 -11.09
C MET N 49 31.33 -8.99 -11.20
N TYR N 50 31.95 -8.63 -12.33
CA TYR N 50 32.33 -7.24 -12.60
C TYR N 50 31.10 -6.37 -12.89
N GLN N 51 30.07 -6.98 -13.50
CA GLN N 51 28.79 -6.32 -13.74
C GLN N 51 28.07 -5.95 -12.43
N ILE N 52 28.24 -6.77 -11.39
CA ILE N 52 27.70 -6.48 -10.06
C ILE N 52 28.39 -5.26 -9.44
N ASP N 53 29.72 -5.18 -9.58
CA ASP N 53 30.51 -4.11 -8.99
C ASP N 53 30.38 -2.79 -9.76
N ASN N 54 30.75 -2.82 -11.04
CA ASN N 54 30.90 -1.60 -11.85
C ASN N 54 29.71 -1.24 -12.75
N ASN N 55 28.74 -2.14 -12.88
CA ASN N 55 27.60 -1.98 -13.80
C ASN N 55 28.04 -1.85 -15.27
N SER N 56 29.01 -2.68 -15.67
CA SER N 56 29.52 -2.72 -17.03
C SER N 56 30.30 -4.02 -17.27
N TYR N 57 30.79 -4.20 -18.49
CA TYR N 57 31.64 -5.34 -18.84
C TYR N 57 33.06 -4.89 -19.17
N THR N 58 34.03 -5.76 -18.90
CA THR N 58 35.45 -5.43 -19.01
C THR N 58 35.99 -5.62 -20.43
N SER N 59 36.73 -4.62 -20.90
CA SER N 59 37.49 -4.75 -22.15
C SER N 59 38.83 -5.45 -21.88
N ASN N 60 39.50 -5.03 -20.81
CA ASN N 60 40.80 -5.62 -20.44
C ASN N 60 40.65 -6.92 -19.62
N GLN N 61 41.64 -7.79 -19.74
CA GLN N 61 41.67 -9.07 -19.03
C GLN N 61 42.08 -8.92 -17.57
N ALA N 62 42.99 -7.98 -17.29
CA ALA N 62 43.49 -7.73 -15.93
C ALA N 62 42.41 -7.40 -14.90
N ALA N 63 41.31 -6.77 -15.36
CA ALA N 63 40.15 -6.51 -14.50
C ALA N 63 39.47 -7.80 -14.05
N LEU N 64 39.32 -8.76 -14.96
CA LEU N 64 38.74 -10.08 -14.65
C LEU N 64 39.64 -10.90 -13.73
N ILE N 65 40.96 -10.79 -13.94
CA ILE N 65 41.95 -11.53 -13.13
C ILE N 65 41.99 -10.98 -11.70
N SER N 66 41.85 -9.67 -11.54
CA SER N 66 41.84 -9.02 -10.21
C SER N 66 40.67 -9.49 -9.34
N LEU N 67 39.51 -9.71 -9.96
CA LEU N 67 38.32 -10.24 -9.25
C LEU N 67 38.49 -11.67 -8.74
N GLY N 68 39.26 -12.49 -9.47
CA GLY N 68 39.46 -13.90 -9.09
C GLY N 68 39.81 -14.89 -10.20
N LEU N 69 39.52 -14.55 -11.46
CA LEU N 69 39.84 -15.40 -12.61
C LEU N 69 41.34 -15.74 -12.68
N LYS N 70 41.65 -16.94 -13.15
CA LYS N 70 43.03 -17.40 -13.28
C LYS N 70 43.73 -16.73 -14.46
N SER N 71 45.05 -16.88 -14.52
CA SER N 71 45.84 -16.41 -15.67
C SER N 71 45.52 -17.25 -16.90
N THR N 72 45.83 -16.72 -18.08
CA THR N 72 45.56 -17.41 -19.34
C THR N 72 46.28 -18.76 -19.37
N PRO N 73 45.59 -19.84 -19.80
CA PRO N 73 46.25 -21.16 -19.77
C PRO N 73 47.37 -21.30 -20.80
N ALA N 74 48.18 -22.35 -20.63
CA ALA N 74 49.33 -22.60 -21.50
C ALA N 74 48.86 -22.96 -22.91
N ASN N 75 49.46 -22.30 -23.91
CA ASN N 75 49.11 -22.48 -25.32
C ASN N 75 47.65 -22.13 -25.63
N VAL N 76 47.15 -21.06 -25.00
CA VAL N 76 45.80 -20.54 -25.22
C VAL N 76 45.87 -19.03 -25.46
N THR N 77 45.14 -18.58 -26.48
CA THR N 77 45.13 -17.16 -26.88
C THR N 77 43.77 -16.53 -26.58
N PHE N 78 43.57 -16.19 -25.31
CA PHE N 78 42.36 -15.49 -24.86
C PHE N 78 42.46 -14.02 -25.27
N SER N 79 41.34 -13.46 -25.73
CA SER N 79 41.31 -12.07 -26.21
C SER N 79 39.88 -11.55 -26.28
N ILE N 80 39.57 -10.55 -25.45
CA ILE N 80 38.25 -9.92 -25.43
C ILE N 80 38.18 -8.93 -26.60
N VAL N 81 37.20 -9.13 -27.49
CA VAL N 81 37.02 -8.29 -28.67
C VAL N 81 36.50 -6.92 -28.28
N SER N 82 35.34 -6.91 -27.61
CA SER N 82 34.71 -5.67 -27.17
C SER N 82 33.78 -5.94 -25.98
N ALA N 83 33.48 -4.88 -25.24
CA ALA N 83 32.64 -4.97 -24.05
C ALA N 83 31.93 -3.65 -23.77
N SER N 84 30.70 -3.52 -24.25
CA SER N 84 29.86 -2.36 -23.96
C SER N 84 29.25 -2.51 -22.56
N ALA N 85 28.45 -1.52 -22.16
CA ALA N 85 27.79 -1.52 -20.84
C ALA N 85 26.89 -2.75 -20.61
N ASN N 86 26.18 -3.18 -21.65
CA ASN N 86 25.22 -4.29 -21.55
C ASN N 86 25.48 -5.45 -22.52
N SER N 87 26.74 -5.64 -22.92
CA SER N 87 27.13 -6.77 -23.77
C SER N 87 28.64 -7.03 -23.75
N TYR N 88 29.04 -8.17 -24.33
CA TYR N 88 30.46 -8.51 -24.49
C TYR N 88 30.69 -9.56 -25.58
N CYS N 89 31.93 -9.64 -26.03
CA CYS N 89 32.36 -10.65 -27.02
C CYS N 89 33.78 -11.07 -26.71
N MET N 90 33.98 -12.36 -26.42
CA MET N 90 35.28 -12.91 -26.03
C MET N 90 35.62 -14.13 -26.88
N ILE N 91 36.63 -13.98 -27.74
CA ILE N 91 37.15 -15.08 -28.56
C ILE N 91 38.33 -15.72 -27.83
N ALA N 92 38.42 -17.04 -27.90
CA ALA N 92 39.54 -17.79 -27.33
C ALA N 92 39.71 -19.13 -28.03
N GLY N 93 40.96 -19.62 -28.06
CA GLY N 93 41.29 -20.87 -28.74
C GLY N 93 42.66 -21.41 -28.36
N HIS N 94 42.80 -22.73 -28.45
CA HIS N 94 44.06 -23.42 -28.18
C HIS N 94 44.83 -23.54 -29.50
N SER N 95 46.17 -23.57 -29.40
CA SER N 95 47.03 -23.63 -30.59
C SER N 95 46.88 -24.96 -31.33
N GLY N 96 46.86 -26.06 -30.58
CA GLY N 96 46.58 -27.39 -31.12
C GLY N 96 45.19 -27.88 -30.75
N GLY N 97 44.19 -27.04 -30.99
CA GLY N 97 42.78 -27.38 -30.77
C GLY N 97 42.10 -27.73 -32.08
N THR N 98 40.78 -27.52 -32.13
CA THR N 98 39.98 -27.76 -33.33
C THR N 98 39.58 -26.45 -34.00
N VAL N 99 38.85 -25.62 -33.24
CA VAL N 99 38.35 -24.33 -33.73
C VAL N 99 38.35 -23.28 -32.62
N TRP N 100 38.17 -22.01 -33.01
CA TRP N 100 38.04 -20.91 -32.05
C TRP N 100 36.68 -20.97 -31.37
N PHE N 101 36.64 -20.55 -30.10
CA PHE N 101 35.42 -20.53 -29.30
C PHE N 101 35.08 -19.09 -28.94
N ALA N 102 33.85 -18.68 -29.26
CA ALA N 102 33.33 -17.37 -28.89
C ALA N 102 32.62 -17.44 -27.53
N ALA N 103 32.27 -16.28 -26.99
CA ALA N 103 31.58 -16.20 -25.71
C ALA N 103 30.85 -14.87 -25.53
N THR N 104 29.53 -14.89 -25.75
CA THR N 104 28.66 -13.72 -25.61
C THR N 104 27.59 -14.03 -24.55
N PRO N 105 26.90 -13.00 -24.02
CA PRO N 105 25.89 -13.28 -22.99
C PRO N 105 24.62 -13.96 -23.53
N ASP N 106 24.15 -13.53 -24.70
CA ASP N 106 22.91 -14.08 -25.29
C ASP N 106 23.06 -15.52 -25.80
N LYS N 107 24.19 -15.82 -26.46
CA LYS N 107 24.43 -17.16 -27.04
C LYS N 107 25.24 -18.09 -26.13
N GLY N 108 25.84 -17.54 -25.07
CA GLY N 108 26.70 -18.32 -24.18
C GLY N 108 28.04 -18.60 -24.82
N VAL N 109 28.72 -19.65 -24.35
CA VAL N 109 29.99 -20.09 -24.90
C VAL N 109 29.70 -21.11 -26.01
N TYR N 110 30.10 -20.78 -27.25
CA TYR N 110 29.91 -21.65 -28.41
C TYR N 110 31.15 -21.64 -29.31
N LYS N 111 31.18 -22.59 -30.25
CA LYS N 111 32.32 -22.74 -31.17
C LYS N 111 31.96 -22.24 -32.58
N THR N 112 32.94 -21.59 -33.22
CA THR N 112 32.76 -21.00 -34.55
C THR N 112 33.39 -21.88 -35.64
N ASN N 113 33.13 -21.53 -36.90
CA ASN N 113 33.64 -22.27 -38.05
C ASN N 113 35.13 -22.03 -38.33
N THR N 114 35.69 -20.95 -37.79
CA THR N 114 37.10 -20.60 -38.01
C THR N 114 38.04 -21.59 -37.31
N ALA N 115 39.07 -22.03 -38.03
CA ALA N 115 40.03 -23.02 -37.51
C ALA N 115 41.13 -22.34 -36.71
N VAL N 116 41.74 -23.11 -35.79
CA VAL N 116 42.84 -22.61 -34.95
C VAL N 116 44.13 -22.35 -35.74
N THR N 117 44.31 -23.09 -36.84
CA THR N 117 45.42 -22.83 -37.77
C THR N 117 45.25 -21.48 -38.48
N SER N 118 44.01 -21.14 -38.82
CA SER N 118 43.68 -19.83 -39.39
C SER N 118 43.74 -18.73 -38.33
N SER N 119 43.69 -17.47 -38.77
CA SER N 119 43.81 -16.32 -37.89
C SER N 119 42.60 -16.15 -36.98
N GLN N 120 42.77 -15.33 -35.93
CA GLN N 120 41.73 -15.10 -34.93
C GLN N 120 40.54 -14.34 -35.52
N PRO N 121 39.29 -14.78 -35.22
CA PRO N 121 38.11 -14.02 -35.62
C PRO N 121 38.07 -12.59 -35.06
N GLU N 122 37.74 -11.63 -35.91
CA GLU N 122 37.69 -10.21 -35.51
C GLU N 122 36.51 -9.94 -34.57
N SER N 123 35.35 -10.50 -34.91
CA SER N 123 34.15 -10.42 -34.06
C SER N 123 33.42 -11.76 -34.05
N CYS N 124 32.74 -12.05 -32.94
CA CYS N 124 32.00 -13.30 -32.77
C CYS N 124 30.75 -13.33 -33.66
N PRO N 125 30.32 -14.54 -34.11
CA PRO N 125 29.10 -14.64 -34.93
C PRO N 125 27.81 -14.27 -34.19
N PHE O 1 69.50 -78.46 -35.98
CA PHE O 1 69.54 -77.50 -34.83
C PHE O 1 70.98 -77.36 -34.33
N THR O 2 71.66 -76.31 -34.79
CA THR O 2 73.06 -76.06 -34.44
C THR O 2 73.20 -75.36 -33.10
N LEU O 3 74.44 -75.28 -32.61
CA LEU O 3 74.79 -74.50 -31.42
C LEU O 3 74.75 -73.00 -31.72
N ILE O 4 75.24 -72.61 -32.90
CA ILE O 4 75.20 -71.21 -33.36
C ILE O 4 73.77 -70.66 -33.50
N GLU O 5 72.83 -71.51 -33.95
CA GLU O 5 71.41 -71.14 -34.03
C GLU O 5 70.79 -70.95 -32.63
N LEU O 6 71.25 -71.75 -31.67
CA LEU O 6 70.86 -71.58 -30.27
C LEU O 6 71.54 -70.36 -29.63
N LEU O 7 72.82 -70.15 -29.98
CA LEU O 7 73.62 -69.07 -29.41
C LEU O 7 73.12 -67.69 -29.82
N ILE O 8 72.75 -67.51 -31.08
CA ILE O 8 72.16 -66.25 -31.56
C ILE O 8 70.77 -65.99 -30.94
N VAL O 9 70.00 -67.04 -30.70
CA VAL O 9 68.70 -66.92 -30.01
C VAL O 9 68.89 -66.45 -28.57
N ILE O 10 69.93 -66.94 -27.90
CA ILE O 10 70.30 -66.47 -26.55
C ILE O 10 70.73 -64.99 -26.58
N ALA O 11 71.45 -64.60 -27.64
CA ALA O 11 71.89 -63.22 -27.82
C ALA O 11 70.72 -62.24 -28.03
N ILE O 12 69.72 -62.64 -28.81
CA ILE O 12 68.55 -61.80 -29.09
C ILE O 12 67.64 -61.67 -27.85
N ILE O 13 67.51 -62.73 -27.05
CA ILE O 13 66.73 -62.70 -25.80
C ILE O 13 67.32 -61.66 -24.82
N ALA O 14 68.65 -61.57 -24.76
CA ALA O 14 69.33 -60.55 -23.94
C ALA O 14 69.04 -59.12 -24.41
N ILE O 15 68.94 -58.93 -25.73
CA ILE O 15 68.61 -57.63 -26.32
C ILE O 15 67.14 -57.26 -26.06
N LEU O 16 66.24 -58.19 -26.35
CA LEU O 16 64.80 -57.98 -26.15
C LEU O 16 64.41 -57.79 -24.67
N ALA O 17 65.10 -58.49 -23.77
CA ALA O 17 64.87 -58.36 -22.32
C ALA O 17 65.26 -56.98 -21.76
N ALA O 18 66.21 -56.31 -22.41
CA ALA O 18 66.64 -54.97 -22.01
C ALA O 18 65.70 -53.89 -22.53
N VAL O 19 65.46 -53.89 -23.83
CA VAL O 19 64.73 -52.80 -24.51
C VAL O 19 63.21 -52.80 -24.27
N LEU O 20 62.59 -53.99 -24.27
CA LEU O 20 61.12 -54.09 -24.20
C LEU O 20 60.55 -53.85 -22.79
N ILE O 21 61.37 -54.03 -21.75
CA ILE O 21 60.96 -53.77 -20.37
C ILE O 21 60.93 -52.25 -20.17
N PRO O 22 59.74 -51.67 -19.89
CA PRO O 22 59.61 -50.22 -19.79
C PRO O 22 60.11 -49.66 -18.47
N ASN O 23 60.19 -48.32 -18.39
CA ASN O 23 60.57 -47.63 -17.16
C ASN O 23 59.38 -47.68 -16.19
N LEU O 24 59.51 -48.53 -15.16
CA LEU O 24 58.43 -48.73 -14.19
C LEU O 24 58.32 -47.57 -13.21
N LEU O 25 59.46 -47.13 -12.66
CA LEU O 25 59.49 -46.06 -11.65
C LEU O 25 58.84 -44.77 -12.14
N ALA O 26 59.13 -44.40 -13.39
CA ALA O 26 58.56 -43.18 -13.98
C ALA O 26 57.05 -43.31 -14.22
N ALA O 27 56.62 -44.48 -14.67
CA ALA O 27 55.19 -44.76 -14.89
C ALA O 27 54.35 -44.63 -13.62
N ARG O 28 54.89 -45.09 -12.48
CA ARG O 28 54.20 -45.01 -11.19
C ARG O 28 54.11 -43.59 -10.63
N LYS O 29 55.15 -42.77 -10.86
CA LYS O 29 55.16 -41.36 -10.40
C LYS O 29 53.91 -40.57 -10.82
N ARG O 30 53.49 -40.74 -12.07
CA ARG O 30 52.33 -40.02 -12.61
C ARG O 30 51.01 -40.59 -12.08
N ALA O 31 50.98 -41.91 -11.88
CA ALA O 31 49.85 -42.57 -11.22
C ALA O 31 49.72 -42.14 -9.76
N ASN O 32 50.87 -41.99 -9.09
CA ASN O 32 50.91 -41.49 -7.71
C ASN O 32 50.43 -40.03 -7.59
N ASP O 33 50.71 -39.21 -8.60
CA ASP O 33 50.21 -37.83 -8.67
C ASP O 33 48.68 -37.80 -8.82
N THR O 34 48.13 -38.74 -9.58
CA THR O 34 46.69 -38.88 -9.75
C THR O 34 45.98 -39.23 -8.43
N VAL O 35 46.64 -40.04 -7.59
CA VAL O 35 46.12 -40.40 -6.26
C VAL O 35 46.09 -39.19 -5.34
N VAL O 36 47.15 -38.38 -5.39
CA VAL O 36 47.25 -37.15 -4.58
C VAL O 36 46.26 -36.09 -5.07
N THR O 37 46.17 -35.93 -6.39
CA THR O 37 45.21 -34.98 -7.00
C THR O 37 43.77 -35.39 -6.74
N ALA O 38 43.48 -36.69 -6.82
CA ALA O 38 42.13 -37.21 -6.54
C ALA O 38 41.72 -37.03 -5.09
N TYR O 39 42.64 -37.31 -4.17
CA TYR O 39 42.37 -37.18 -2.73
C TYR O 39 42.19 -35.73 -2.30
N LEU O 40 42.97 -34.82 -2.89
CA LEU O 40 42.79 -33.38 -2.67
C LEU O 40 41.50 -32.87 -3.32
N ASN O 41 41.16 -33.40 -4.50
CA ASN O 41 39.88 -33.07 -5.15
C ASN O 41 38.69 -33.55 -4.31
N ASP O 42 38.82 -34.72 -3.70
CA ASP O 42 37.83 -35.22 -2.74
C ASP O 42 37.82 -34.40 -1.45
N ALA O 43 39.01 -34.04 -0.97
CA ALA O 43 39.16 -33.21 0.24
C ALA O 43 38.49 -31.83 0.11
N VAL O 44 38.57 -31.24 -1.09
CA VAL O 44 37.91 -29.97 -1.39
C VAL O 44 36.38 -30.09 -1.32
N LYS O 45 35.84 -31.22 -1.76
CA LYS O 45 34.39 -31.46 -1.72
C LYS O 45 33.86 -31.55 -0.29
N PHE O 46 34.51 -32.35 0.55
CA PHE O 46 34.11 -32.50 1.95
C PHE O 46 34.41 -31.28 2.83
N GLN O 47 35.30 -30.40 2.37
CA GLN O 47 35.48 -29.08 2.99
C GLN O 47 34.25 -28.19 2.75
N GLU O 48 33.71 -28.25 1.52
CA GLU O 48 32.47 -27.52 1.19
C GLU O 48 31.24 -28.09 1.89
N MET O 49 31.23 -29.40 2.14
CA MET O 49 30.14 -30.05 2.90
C MET O 49 30.16 -29.66 4.38
N TYR O 50 31.36 -29.50 4.95
CA TYR O 50 31.51 -29.01 6.32
C TYR O 50 31.13 -27.53 6.43
N GLN O 51 31.38 -26.77 5.36
CA GLN O 51 30.98 -25.36 5.26
C GLN O 51 29.45 -25.19 5.27
N ILE O 52 28.73 -26.15 4.71
CA ILE O 52 27.26 -26.18 4.76
C ILE O 52 26.76 -26.40 6.19
N ASP O 53 27.39 -27.31 6.91
CA ASP O 53 26.97 -27.66 8.28
C ASP O 53 27.38 -26.60 9.30
N ASN O 54 28.68 -26.35 9.40
CA ASN O 54 29.26 -25.54 10.49
C ASN O 54 29.54 -24.07 10.15
N ASN O 55 29.45 -23.69 8.87
CA ASN O 55 29.79 -22.34 8.39
C ASN O 55 31.27 -21.99 8.65
N SER O 56 32.15 -22.96 8.41
CA SER O 56 33.60 -22.79 8.56
C SER O 56 34.35 -23.92 7.84
N TYR O 57 35.68 -23.84 7.86
CA TYR O 57 36.53 -24.90 7.29
C TYR O 57 37.30 -25.64 8.39
N THR O 58 37.60 -26.90 8.15
CA THR O 58 38.18 -27.79 9.15
C THR O 58 39.71 -27.69 9.18
N SER O 59 40.25 -27.58 10.39
CA SER O 59 41.70 -27.68 10.61
C SER O 59 42.11 -29.15 10.70
N ASN O 60 41.34 -29.95 11.46
CA ASN O 60 41.61 -31.38 11.63
C ASN O 60 41.05 -32.23 10.48
N GLN O 61 41.71 -33.37 10.22
CA GLN O 61 41.30 -34.29 9.16
C GLN O 61 40.11 -35.16 9.57
N ALA O 62 40.05 -35.52 10.85
CA ALA O 62 38.97 -36.38 11.39
C ALA O 62 37.56 -35.82 11.19
N ALA O 63 37.44 -34.50 11.14
CA ALA O 63 36.16 -33.84 10.82
C ALA O 63 35.71 -34.13 9.39
N LEU O 64 36.65 -34.08 8.45
CA LEU O 64 36.37 -34.39 7.04
C LEU O 64 36.06 -35.88 6.83
N ILE O 65 36.73 -36.75 7.58
CA ILE O 65 36.53 -38.21 7.49
C ILE O 65 35.16 -38.60 8.05
N SER O 66 34.72 -37.93 9.12
CA SER O 66 33.41 -38.18 9.73
C SER O 66 32.23 -37.87 8.78
N LEU O 67 32.39 -36.83 7.96
CA LEU O 67 31.37 -36.47 6.95
C LEU O 67 31.24 -37.50 5.83
N GLY O 68 32.34 -38.17 5.47
CA GLY O 68 32.34 -39.15 4.38
C GLY O 68 33.64 -39.43 3.67
N LEU O 69 34.61 -38.50 3.74
CA LEU O 69 35.92 -38.66 3.11
C LEU O 69 36.63 -39.94 3.59
N LYS O 70 37.39 -40.55 2.68
CA LYS O 70 38.13 -41.78 2.98
C LYS O 70 39.35 -41.49 3.85
N SER O 71 39.95 -42.55 4.39
CA SER O 71 41.21 -42.44 5.13
C SER O 71 42.35 -42.07 4.19
N THR O 72 43.44 -41.55 4.75
CA THR O 72 44.60 -41.12 3.96
C THR O 72 45.15 -42.31 3.15
N PRO O 73 45.45 -42.11 1.85
CA PRO O 73 45.93 -43.26 1.05
C PRO O 73 47.32 -43.75 1.45
N ALA O 74 47.66 -44.94 0.98
CA ALA O 74 48.95 -45.57 1.29
C ALA O 74 50.11 -44.78 0.67
N ASN O 75 51.12 -44.50 1.50
CA ASN O 75 52.29 -43.71 1.09
C ASN O 75 51.93 -42.29 0.63
N VAL O 76 50.99 -41.66 1.34
CA VAL O 76 50.55 -40.28 1.08
C VAL O 76 50.53 -39.52 2.41
N THR O 77 51.09 -38.31 2.39
CA THR O 77 51.19 -37.45 3.57
C THR O 77 50.27 -36.23 3.43
N PHE O 78 48.98 -36.46 3.68
CA PHE O 78 47.98 -35.40 3.71
C PHE O 78 48.12 -34.60 5.00
N SER O 79 48.00 -33.27 4.89
CA SER O 79 48.17 -32.38 6.04
C SER O 79 47.58 -31.00 5.76
N ILE O 80 46.54 -30.64 6.51
CA ILE O 80 45.90 -29.33 6.38
C ILE O 80 46.74 -28.30 7.13
N VAL O 81 47.19 -27.27 6.42
CA VAL O 81 48.04 -26.22 7.00
C VAL O 81 47.23 -25.34 7.94
N SER O 82 46.17 -24.73 7.40
CA SER O 82 45.31 -23.84 8.15
C SER O 82 43.92 -23.76 7.51
N ALA O 83 42.95 -23.34 8.31
CA ALA O 83 41.55 -23.25 7.86
C ALA O 83 40.78 -22.21 8.65
N SER O 84 40.72 -20.99 8.11
CA SER O 84 39.91 -19.92 8.70
C SER O 84 38.44 -20.12 8.34
N ALA O 85 37.59 -19.20 8.79
CA ALA O 85 36.14 -19.26 8.53
C ALA O 85 35.80 -19.27 7.03
N ASN O 86 36.54 -18.47 6.24
CA ASN O 86 36.26 -18.30 4.81
C ASN O 86 37.45 -18.66 3.90
N SER O 87 38.35 -19.53 4.36
CA SER O 87 39.46 -20.01 3.53
C SER O 87 40.08 -21.31 4.07
N TYR O 88 40.96 -21.90 3.27
CA TYR O 88 41.72 -23.09 3.69
C TYR O 88 42.99 -23.29 2.85
N CYS O 89 43.90 -24.10 3.38
CA CYS O 89 45.14 -24.48 2.69
C CYS O 89 45.49 -25.91 3.06
N MET O 90 45.55 -26.79 2.05
CA MET O 90 45.80 -28.23 2.26
C MET O 90 46.91 -28.71 1.35
N ILE O 91 48.07 -29.04 1.95
CA ILE O 91 49.21 -29.61 1.23
C ILE O 91 49.12 -31.14 1.32
N ALA O 92 49.46 -31.80 0.21
CA ALA O 92 49.51 -33.27 0.17
C ALA O 92 50.46 -33.74 -0.93
N GLY O 93 51.06 -34.92 -0.72
CA GLY O 93 52.02 -35.49 -1.67
C GLY O 93 52.31 -36.95 -1.42
N HIS O 94 52.70 -37.64 -2.49
CA HIS O 94 53.07 -39.06 -2.42
C HIS O 94 54.57 -39.15 -2.20
N SER O 95 55.01 -40.23 -1.54
CA SER O 95 56.44 -40.41 -1.21
C SER O 95 57.29 -40.60 -2.46
N GLY O 96 56.80 -41.44 -3.38
CA GLY O 96 57.41 -41.62 -4.70
C GLY O 96 56.62 -40.96 -5.81
N GLY O 97 56.30 -39.68 -5.61
CA GLY O 97 55.61 -38.86 -6.60
C GLY O 97 56.58 -37.94 -7.32
N THR O 98 56.08 -36.82 -7.80
CA THR O 98 56.89 -35.80 -8.49
C THR O 98 57.09 -34.57 -7.60
N VAL O 99 55.98 -33.94 -7.21
CA VAL O 99 56.00 -32.73 -6.38
C VAL O 99 54.80 -32.71 -5.42
N TRP O 100 54.86 -31.80 -4.44
CA TRP O 100 53.75 -31.59 -3.52
C TRP O 100 52.61 -30.86 -4.22
N PHE O 101 51.37 -31.18 -3.81
CA PHE O 101 50.17 -30.57 -4.37
C PHE O 101 49.45 -29.77 -3.29
N ALA O 102 49.19 -28.50 -3.58
CA ALA O 102 48.41 -27.63 -2.69
C ALA O 102 46.93 -27.71 -3.06
N ALA O 103 46.08 -27.11 -2.20
CA ALA O 103 44.64 -27.09 -2.42
C ALA O 103 43.96 -25.96 -1.63
N THR O 104 43.64 -24.87 -2.33
CA THR O 104 42.97 -23.71 -1.76
C THR O 104 41.65 -23.50 -2.52
N PRO O 105 40.71 -22.71 -1.96
CA PRO O 105 39.44 -22.50 -2.66
C PRO O 105 39.54 -21.61 -3.91
N ASP O 106 40.35 -20.55 -3.85
CA ASP O 106 40.49 -19.62 -4.98
C ASP O 106 41.27 -20.20 -6.16
N LYS O 107 42.35 -20.91 -5.88
CA LYS O 107 43.21 -21.49 -6.94
C LYS O 107 42.87 -22.95 -7.28
N GLY O 108 42.06 -23.60 -6.45
CA GLY O 108 41.72 -25.02 -6.63
C GLY O 108 42.89 -25.91 -6.23
N VAL O 109 42.91 -27.12 -6.78
CA VAL O 109 43.99 -28.07 -6.53
C VAL O 109 45.07 -27.88 -7.61
N TYR O 110 46.27 -27.48 -7.19
CA TYR O 110 47.41 -27.26 -8.09
C TYR O 110 48.70 -27.82 -7.51
N LYS O 111 49.72 -27.89 -8.34
CA LYS O 111 51.03 -28.44 -7.94
C LYS O 111 52.08 -27.34 -7.76
N THR O 112 52.91 -27.49 -6.74
CA THR O 112 53.94 -26.51 -6.40
C THR O 112 55.33 -26.94 -6.89
N ASN O 113 56.30 -26.03 -6.77
CA ASN O 113 57.68 -26.29 -7.21
C ASN O 113 58.47 -27.21 -6.26
N THR O 114 58.01 -27.34 -5.01
CA THR O 114 58.70 -28.16 -4.02
C THR O 114 58.61 -29.65 -4.36
N ALA O 115 59.74 -30.35 -4.25
CA ALA O 115 59.82 -31.77 -4.59
C ALA O 115 59.42 -32.65 -3.40
N VAL O 116 58.97 -33.86 -3.71
CA VAL O 116 58.55 -34.84 -2.68
C VAL O 116 59.71 -35.36 -1.85
N THR O 117 60.91 -35.39 -2.43
CA THR O 117 62.14 -35.71 -1.70
C THR O 117 62.48 -34.64 -0.66
N SER O 118 62.23 -33.37 -1.02
CA SER O 118 62.38 -32.25 -0.08
C SER O 118 61.25 -32.23 0.94
N SER O 119 61.41 -31.40 1.98
CA SER O 119 60.45 -31.32 3.08
C SER O 119 59.12 -30.70 2.66
N GLN O 120 58.11 -30.88 3.50
CA GLN O 120 56.75 -30.41 3.22
C GLN O 120 56.68 -28.88 3.24
N PRO O 121 56.00 -28.26 2.25
CA PRO O 121 55.76 -26.81 2.28
C PRO O 121 54.98 -26.35 3.51
N GLU O 122 55.45 -25.28 4.14
CA GLU O 122 54.82 -24.72 5.34
C GLU O 122 53.46 -24.09 5.03
N SER O 123 53.40 -23.33 3.94
CA SER O 123 52.15 -22.74 3.45
C SER O 123 52.09 -22.82 1.91
N CYS O 124 50.88 -22.90 1.38
CA CYS O 124 50.66 -23.01 -0.06
C CYS O 124 50.98 -21.69 -0.77
N PRO O 125 51.44 -21.74 -2.05
CA PRO O 125 51.71 -20.49 -2.79
C PRO O 125 50.46 -19.65 -3.09
N PHE P 1 79.92 -81.55 -37.21
CA PHE P 1 78.73 -81.61 -36.32
C PHE P 1 78.81 -82.87 -35.44
N THR P 2 79.30 -82.69 -34.21
CA THR P 2 79.50 -83.80 -33.27
C THR P 2 78.21 -84.14 -32.52
N LEU P 3 78.25 -85.26 -31.80
CA LEU P 3 77.17 -85.66 -30.91
C LEU P 3 77.16 -84.79 -29.64
N ILE P 4 78.34 -84.48 -29.12
CA ILE P 4 78.48 -83.58 -27.96
C ILE P 4 77.96 -82.16 -28.22
N GLU P 5 78.14 -81.65 -29.45
CA GLU P 5 77.59 -80.34 -29.85
C GLU P 5 76.07 -80.38 -29.94
N LEU P 6 75.51 -81.53 -30.35
CA LEU P 6 74.06 -81.75 -30.33
C LEU P 6 73.54 -81.96 -28.91
N LEU P 7 74.31 -82.69 -28.09
CA LEU P 7 73.93 -83.04 -26.73
C LEU P 7 73.85 -81.82 -25.80
N ILE P 8 74.81 -80.91 -25.92
CA ILE P 8 74.79 -79.65 -25.15
C ILE P 8 73.64 -78.73 -25.59
N VAL P 9 73.31 -78.73 -26.89
CA VAL P 9 72.16 -77.98 -27.41
C VAL P 9 70.84 -78.51 -26.83
N ILE P 10 70.73 -79.83 -26.69
CA ILE P 10 69.57 -80.46 -26.03
C ILE P 10 69.50 -80.08 -24.55
N ALA P 11 70.67 -80.00 -23.90
CA ALA P 11 70.76 -79.58 -22.49
C ALA P 11 70.31 -78.13 -22.25
N ILE P 12 70.70 -77.23 -23.15
CA ILE P 12 70.34 -75.81 -23.04
C ILE P 12 68.84 -75.57 -23.32
N ILE P 13 68.27 -76.33 -24.26
CA ILE P 13 66.83 -76.26 -24.56
C ILE P 13 65.98 -76.62 -23.32
N ALA P 14 66.43 -77.62 -22.57
CA ALA P 14 65.79 -78.01 -21.30
C ALA P 14 65.83 -76.91 -20.24
N ILE P 15 66.94 -76.17 -20.20
CA ILE P 15 67.12 -75.05 -19.27
C ILE P 15 66.25 -73.85 -19.69
N LEU P 16 66.32 -73.48 -20.97
CA LEU P 16 65.53 -72.36 -21.51
C LEU P 16 64.02 -72.61 -21.46
N ALA P 17 63.60 -73.86 -21.67
CA ALA P 17 62.18 -74.24 -21.61
C ALA P 17 61.58 -74.12 -20.19
N ALA P 18 62.42 -74.24 -19.16
CA ALA P 18 61.99 -74.11 -17.77
C ALA P 18 61.88 -72.64 -17.35
N VAL P 19 62.98 -71.90 -17.54
CA VAL P 19 63.09 -70.53 -17.00
C VAL P 19 62.30 -69.47 -17.76
N LEU P 20 62.26 -69.56 -19.09
CA LEU P 20 61.63 -68.52 -19.93
C LEU P 20 60.10 -68.57 -19.95
N ILE P 21 59.52 -69.73 -19.62
CA ILE P 21 58.06 -69.89 -19.54
C ILE P 21 57.60 -69.21 -18.24
N PRO P 22 56.77 -68.15 -18.35
CA PRO P 22 56.37 -67.40 -17.15
C PRO P 22 55.27 -68.07 -16.34
N ASN P 23 55.00 -67.54 -15.15
CA ASN P 23 53.91 -68.02 -14.30
C ASN P 23 52.58 -67.56 -14.90
N LEU P 24 51.86 -68.49 -15.51
CA LEU P 24 50.60 -68.18 -16.20
C LEU P 24 49.46 -67.95 -15.20
N LEU P 25 49.33 -68.85 -14.21
CA LEU P 25 48.24 -68.80 -13.22
C LEU P 25 48.19 -67.47 -12.47
N ALA P 26 49.37 -66.98 -12.06
CA ALA P 26 49.47 -65.71 -11.34
C ALA P 26 49.11 -64.51 -12.22
N ALA P 27 49.55 -64.55 -13.48
CA ALA P 27 49.24 -63.49 -14.45
C ALA P 27 47.74 -63.33 -14.72
N ARG P 28 47.01 -64.45 -14.76
CA ARG P 28 45.56 -64.43 -14.99
C ARG P 28 44.77 -63.93 -13.78
N LYS P 29 45.23 -64.22 -12.56
CA LYS P 29 44.57 -63.76 -11.32
C LYS P 29 44.32 -62.26 -11.29
N ARG P 30 45.31 -61.47 -11.72
CA ARG P 30 45.21 -60.00 -11.72
C ARG P 30 44.33 -59.50 -12.85
N ALA P 31 44.37 -60.18 -13.99
CA ALA P 31 43.45 -59.91 -15.10
C ALA P 31 42.00 -60.25 -14.73
N ASN P 32 41.82 -61.33 -13.97
CA ASN P 32 40.50 -61.72 -13.45
C ASN P 32 39.95 -60.70 -12.44
N ASP P 33 40.83 -60.10 -11.65
CA ASP P 33 40.43 -59.02 -10.72
C ASP P 33 39.97 -57.77 -11.47
N THR P 34 40.61 -57.48 -12.60
CA THR P 34 40.21 -56.36 -13.46
C THR P 34 38.82 -56.56 -14.04
N VAL P 35 38.47 -57.80 -14.38
CA VAL P 35 37.12 -58.14 -14.88
C VAL P 35 36.06 -57.93 -13.80
N VAL P 36 36.38 -58.34 -12.57
CA VAL P 36 35.47 -58.17 -11.43
C VAL P 36 35.33 -56.70 -11.04
N THR P 37 36.46 -55.98 -11.02
CA THR P 37 36.47 -54.55 -10.72
C THR P 37 35.74 -53.73 -11.79
N ALA P 38 35.92 -54.10 -13.05
CA ALA P 38 35.25 -53.43 -14.18
C ALA P 38 33.73 -53.66 -14.16
N TYR P 39 33.32 -54.90 -13.90
CA TYR P 39 31.89 -55.24 -13.84
C TYR P 39 31.18 -54.58 -12.66
N LEU P 40 31.85 -54.51 -11.51
CA LEU P 40 31.33 -53.77 -10.35
C LEU P 40 31.31 -52.26 -10.60
N ASN P 41 32.33 -51.74 -11.29
CA ASN P 41 32.37 -50.33 -11.70
C ASN P 41 31.23 -50.00 -12.66
N ASP P 42 30.93 -50.93 -13.57
CA ASP P 42 29.77 -50.81 -14.46
C ASP P 42 28.45 -50.97 -13.69
N ALA P 43 28.42 -51.91 -12.75
CA ALA P 43 27.24 -52.14 -11.90
C ALA P 43 26.86 -50.92 -11.07
N VAL P 44 27.85 -50.19 -10.58
CA VAL P 44 27.63 -48.94 -9.83
C VAL P 44 27.00 -47.86 -10.70
N LYS P 45 27.38 -47.79 -11.98
CA LYS P 45 26.83 -46.82 -12.92
C LYS P 45 25.35 -47.05 -13.20
N PHE P 46 24.99 -48.30 -13.51
CA PHE P 46 23.59 -48.67 -13.78
C PHE P 46 22.70 -48.69 -12.53
N GLN P 47 23.30 -48.76 -11.35
CA GLN P 47 22.58 -48.53 -10.09
C GLN P 47 22.16 -47.06 -9.95
N GLU P 48 23.05 -46.14 -10.34
CA GLU P 48 22.74 -44.70 -10.36
C GLU P 48 21.73 -44.34 -11.45
N MET P 49 21.74 -45.05 -12.57
CA MET P 49 20.74 -44.85 -13.63
C MET P 49 19.34 -45.33 -13.22
N TYR P 50 19.27 -46.41 -12.45
CA TYR P 50 18.00 -46.87 -11.87
C TYR P 50 17.49 -45.92 -10.78
N GLN P 51 18.43 -45.30 -10.06
CA GLN P 51 18.10 -44.28 -9.06
C GLN P 51 17.46 -43.02 -9.69
N ILE P 52 17.86 -42.69 -10.92
CA ILE P 52 17.24 -41.60 -11.67
C ILE P 52 15.79 -41.92 -12.04
N ASP P 53 15.55 -43.16 -12.47
CA ASP P 53 14.22 -43.58 -12.92
C ASP P 53 13.27 -43.83 -11.75
N ASN P 54 13.63 -44.76 -10.87
CA ASN P 54 12.74 -45.28 -9.83
C ASN P 54 12.89 -44.64 -8.44
N ASN P 55 13.94 -43.84 -8.23
CA ASN P 55 14.28 -43.26 -6.91
C ASN P 55 14.55 -44.34 -5.84
N SER P 56 15.29 -45.37 -6.25
CA SER P 56 15.68 -46.46 -5.36
C SER P 56 16.83 -47.27 -5.98
N TYR P 57 17.33 -48.27 -5.25
CA TYR P 57 18.36 -49.18 -5.74
C TYR P 57 17.80 -50.59 -5.92
N THR P 58 18.36 -51.32 -6.89
CA THR P 58 17.85 -52.63 -7.30
C THR P 58 18.39 -53.76 -6.43
N SER P 59 17.50 -54.64 -6.00
CA SER P 59 17.89 -55.89 -5.34
C SER P 59 18.24 -56.95 -6.40
N ASN P 60 17.39 -57.05 -7.43
CA ASN P 60 17.60 -58.02 -8.52
C ASN P 60 18.57 -57.51 -9.60
N GLN P 61 19.26 -58.44 -10.25
CA GLN P 61 20.22 -58.13 -11.30
C GLN P 61 19.54 -57.81 -12.63
N ALA P 62 18.43 -58.48 -12.92
CA ALA P 62 17.67 -58.29 -14.17
C ALA P 62 17.21 -56.86 -14.42
N ALA P 63 16.96 -56.11 -13.35
CA ALA P 63 16.63 -54.68 -13.45
C ALA P 63 17.80 -53.85 -13.99
N LEU P 64 19.01 -54.15 -13.52
CA LEU P 64 20.23 -53.49 -14.00
C LEU P 64 20.56 -53.87 -15.45
N ILE P 65 20.30 -55.11 -15.82
CA ILE P 65 20.56 -55.61 -17.18
C ILE P 65 19.59 -54.99 -18.19
N SER P 66 18.33 -54.80 -17.77
CA SER P 66 17.31 -54.17 -18.62
C SER P 66 17.66 -52.72 -19.00
N LEU P 67 18.27 -51.98 -18.07
CA LEU P 67 18.72 -50.60 -18.33
C LEU P 67 19.87 -50.51 -19.34
N GLY P 68 20.73 -51.53 -19.37
CA GLY P 68 21.89 -51.52 -20.28
C GLY P 68 23.10 -52.35 -19.88
N LEU P 69 23.25 -52.67 -18.60
CA LEU P 69 24.37 -53.50 -18.10
C LEU P 69 24.44 -54.85 -18.80
N LYS P 70 25.66 -55.34 -19.00
CA LYS P 70 25.89 -56.63 -19.66
C LYS P 70 25.54 -57.80 -18.74
N SER P 71 25.47 -58.99 -19.33
CA SER P 71 25.28 -60.22 -18.56
C SER P 71 26.52 -60.51 -17.70
N THR P 72 26.34 -61.34 -16.68
CA THR P 72 27.44 -61.69 -15.76
C THR P 72 28.58 -62.34 -16.54
N PRO P 73 29.85 -61.91 -16.29
CA PRO P 73 30.96 -62.49 -17.07
C PRO P 73 31.23 -63.96 -16.77
N ALA P 74 32.02 -64.60 -17.64
CA ALA P 74 32.34 -66.01 -17.51
C ALA P 74 33.21 -66.26 -16.28
N ASN P 75 32.82 -67.25 -15.48
CA ASN P 75 33.50 -67.60 -14.22
C ASN P 75 33.52 -66.45 -13.21
N VAL P 76 32.39 -65.73 -13.12
CA VAL P 76 32.21 -64.64 -12.16
C VAL P 76 30.87 -64.82 -11.44
N THR P 77 30.89 -64.66 -10.12
CA THR P 77 29.70 -64.83 -9.28
C THR P 77 29.25 -63.49 -8.71
N PHE P 78 28.56 -62.72 -9.54
CA PHE P 78 27.96 -61.44 -9.13
C PHE P 78 26.71 -61.72 -8.31
N SER P 79 26.51 -60.96 -7.23
CA SER P 79 25.39 -61.15 -6.33
C SER P 79 25.17 -59.91 -5.46
N ILE P 80 24.01 -59.26 -5.64
CA ILE P 80 23.64 -58.09 -4.85
C ILE P 80 23.11 -58.57 -3.49
N VAL P 81 23.74 -58.12 -2.41
CA VAL P 81 23.37 -58.51 -1.06
C VAL P 81 22.05 -57.87 -0.66
N SER P 82 22.02 -56.54 -0.69
CA SER P 82 20.84 -55.77 -0.33
C SER P 82 20.85 -54.40 -1.00
N ALA P 83 19.68 -53.79 -1.10
CA ALA P 83 19.52 -52.49 -1.74
C ALA P 83 18.31 -51.74 -1.20
N SER P 84 18.55 -50.88 -0.22
CA SER P 84 17.52 -49.99 0.33
C SER P 84 17.31 -48.80 -0.61
N ALA P 85 16.39 -47.91 -0.24
CA ALA P 85 16.08 -46.71 -1.02
C ALA P 85 17.30 -45.81 -1.28
N ASN P 86 18.16 -45.66 -0.27
CA ASN P 86 19.32 -44.76 -0.33
C ASN P 86 20.66 -45.45 -0.07
N SER P 87 20.76 -46.75 -0.35
CA SER P 87 22.03 -47.48 -0.23
C SER P 87 22.01 -48.81 -1.01
N TYR P 88 23.18 -49.43 -1.12
CA TYR P 88 23.32 -50.75 -1.72
C TYR P 88 24.61 -51.46 -1.30
N CYS P 89 24.63 -52.78 -1.50
CA CYS P 89 25.81 -53.61 -1.24
C CYS P 89 25.87 -54.73 -2.27
N MET P 90 26.95 -54.76 -3.06
CA MET P 90 27.12 -55.72 -4.15
C MET P 90 28.48 -56.43 -4.04
N ILE P 91 28.44 -57.72 -3.71
CA ILE P 91 29.63 -58.56 -3.66
C ILE P 91 29.80 -59.26 -5.00
N ALA P 92 31.04 -59.37 -5.47
CA ALA P 92 31.37 -60.09 -6.70
C ALA P 92 32.82 -60.57 -6.69
N GLY P 93 33.07 -61.68 -7.38
CA GLY P 93 34.41 -62.28 -7.43
C GLY P 93 34.56 -63.32 -8.53
N HIS P 94 35.80 -63.49 -8.99
CA HIS P 94 36.14 -64.47 -10.01
C HIS P 94 36.54 -65.77 -9.31
N SER P 95 36.31 -66.91 -9.97
CA SER P 95 36.61 -68.22 -9.39
C SER P 95 38.10 -68.43 -9.19
N GLY P 96 38.90 -68.06 -10.21
CA GLY P 96 40.36 -68.06 -10.12
C GLY P 96 40.93 -66.65 -10.00
N GLY P 97 40.39 -65.88 -9.06
CA GLY P 97 40.88 -64.54 -8.75
C GLY P 97 41.73 -64.54 -7.50
N THR P 98 41.77 -63.41 -6.81
CA THR P 98 42.52 -63.25 -5.57
C THR P 98 41.59 -63.21 -4.36
N VAL P 99 40.69 -62.21 -4.37
CA VAL P 99 39.72 -62.01 -3.28
C VAL P 99 38.38 -61.50 -3.82
N TRP P 100 37.37 -61.51 -2.96
CA TRP P 100 36.06 -60.96 -3.29
C TRP P 100 36.11 -59.43 -3.28
N PHE P 101 35.32 -58.81 -4.16
CA PHE P 101 35.25 -57.36 -4.27
C PHE P 101 33.85 -56.89 -3.90
N ALA P 102 33.77 -55.96 -2.96
CA ALA P 102 32.50 -55.32 -2.56
C ALA P 102 32.26 -54.07 -3.39
N ALA P 103 31.07 -53.50 -3.26
CA ALA P 103 30.70 -52.29 -4.00
C ALA P 103 29.51 -51.57 -3.33
N THR P 104 29.83 -50.51 -2.59
CA THR P 104 28.84 -49.67 -1.91
C THR P 104 28.96 -48.24 -2.43
N PRO P 105 27.95 -47.38 -2.19
CA PRO P 105 28.05 -46.00 -2.69
C PRO P 105 29.07 -45.13 -1.94
N ASP P 106 29.12 -45.26 -0.62
CA ASP P 106 30.03 -44.44 0.20
C ASP P 106 31.52 -44.80 0.04
N LYS P 107 31.82 -46.11 -0.01
CA LYS P 107 33.21 -46.59 -0.13
C LYS P 107 33.65 -46.88 -1.57
N GLY P 108 32.70 -46.92 -2.51
CA GLY P 108 32.99 -47.26 -3.90
C GLY P 108 33.23 -48.75 -4.06
N VAL P 109 33.96 -49.12 -5.12
CA VAL P 109 34.33 -50.51 -5.38
C VAL P 109 35.68 -50.77 -4.71
N TYR P 110 35.70 -51.69 -3.74
CA TYR P 110 36.93 -52.07 -3.02
C TYR P 110 37.00 -53.57 -2.81
N LYS P 111 38.18 -54.05 -2.40
CA LYS P 111 38.43 -55.48 -2.19
C LYS P 111 38.46 -55.83 -0.70
N THR P 112 37.91 -56.99 -0.35
CA THR P 112 37.82 -57.45 1.04
C THR P 112 38.88 -58.51 1.34
N ASN P 113 38.99 -58.87 2.62
CA ASN P 113 39.98 -59.86 3.08
C ASN P 113 39.60 -61.31 2.74
N THR P 114 38.32 -61.56 2.45
CA THR P 114 37.83 -62.91 2.15
C THR P 114 38.38 -63.40 0.80
N ALA P 115 38.85 -64.65 0.78
CA ALA P 115 39.44 -65.26 -0.42
C ALA P 115 38.37 -65.86 -1.32
N VAL P 116 38.68 -65.97 -2.61
CA VAL P 116 37.76 -66.55 -3.60
C VAL P 116 37.56 -68.05 -3.42
N THR P 117 38.57 -68.73 -2.86
CA THR P 117 38.45 -70.15 -2.48
C THR P 117 37.45 -70.33 -1.34
N SER P 118 37.44 -69.39 -0.39
CA SER P 118 36.46 -69.37 0.70
C SER P 118 35.08 -68.94 0.19
N SER P 119 34.07 -69.10 1.03
CA SER P 119 32.68 -68.80 0.67
C SER P 119 32.42 -67.29 0.51
N GLN P 120 31.30 -66.96 -0.12
CA GLN P 120 30.94 -65.58 -0.42
C GLN P 120 30.63 -64.80 0.87
N PRO P 121 31.14 -63.56 0.99
CA PRO P 121 30.76 -62.70 2.13
C PRO P 121 29.26 -62.41 2.19
N GLU P 122 28.68 -62.52 3.38
CA GLU P 122 27.24 -62.28 3.59
C GLU P 122 26.89 -60.81 3.43
N SER P 123 27.72 -59.94 4.00
CA SER P 123 27.56 -58.48 3.86
C SER P 123 28.94 -57.83 3.69
N CYS P 124 28.95 -56.70 2.96
CA CYS P 124 30.19 -55.97 2.69
C CYS P 124 30.72 -55.27 3.96
N PRO P 125 32.06 -55.11 4.08
CA PRO P 125 32.61 -54.40 5.25
C PRO P 125 32.26 -52.91 5.33
#